data_7JLC
# 
_entry.id   7JLC 
# 
_audit_conform.dict_name       mmcif_pdbx.dic 
_audit_conform.dict_version    5.380 
_audit_conform.dict_location   http://mmcif.pdb.org/dictionaries/ascii/mmcif_pdbx.dic 
# 
loop_
_database_2.database_id 
_database_2.database_code 
_database_2.pdbx_database_accession 
_database_2.pdbx_DOI 
PDB   7JLC         pdb_00007jlc 10.2210/pdb7jlc/pdb 
WWPDB D_1000250907 ?            ?                   
# 
_pdbx_database_status.status_code                     REL 
_pdbx_database_status.status_code_sf                  REL 
_pdbx_database_status.status_code_mr                  ? 
_pdbx_database_status.entry_id                        7JLC 
_pdbx_database_status.recvd_initial_deposition_date   2020-07-29 
_pdbx_database_status.SG_entry                        N 
_pdbx_database_status.deposit_site                    RCSB 
_pdbx_database_status.process_site                    RCSB 
_pdbx_database_status.status_code_cs                  ? 
_pdbx_database_status.status_code_nmr_data            ? 
_pdbx_database_status.methods_development_category    ? 
_pdbx_database_status.pdb_format_compatible           Y 
# 
loop_
_audit_author.name 
_audit_author.pdbx_ordinal 
_audit_author.identifier_ORCID 
'Simmons, C.R.'      1 0000-0002-2290-6132 
'MacCulloch, T.'     2 0000-0001-5875-3361 
'Stephanopoulos, N.' 3 0000-0001-7859-410X 
'Yan, H.'            4 0000-0001-7397-9852 
# 
_citation.abstract                  ? 
_citation.abstract_id_CAS           ? 
_citation.book_id_ISBN              ? 
_citation.book_publisher            ? 
_citation.book_publisher_city       ? 
_citation.book_title                ? 
_citation.coordinate_linkage        ? 
_citation.country                   UK 
_citation.database_id_Medline       ? 
_citation.details                   ? 
_citation.id                        primary 
_citation.journal_abbrev            'Nat Commun' 
_citation.journal_id_ASTM           ? 
_citation.journal_id_CSD            ? 
_citation.journal_id_ISSN           2041-1723 
_citation.journal_full              ? 
_citation.journal_issue             ? 
_citation.journal_volume            13 
_citation.language                  ? 
_citation.page_first                3112 
_citation.page_last                 3112 
_citation.title                     'The influence of Holliday junction sequence and dynamics on DNA crystal self-assembly.' 
_citation.year                      2022 
_citation.database_id_CSD           ? 
_citation.pdbx_database_id_DOI      10.1038/s41467-022-30779-6 
_citation.pdbx_database_id_PubMed   35662248 
_citation.unpublished_flag          ? 
# 
loop_
_citation_author.citation_id 
_citation_author.name 
_citation_author.ordinal 
_citation_author.identifier_ORCID 
primary 'Simmons, C.R.'      1  ?                   
primary 'MacCulloch, T.'     2  ?                   
primary 'Krepl, M.'          3  0000-0002-9833-4281 
primary 'Matthies, M.'       4  ?                   
primary 'Buchberger, A.'     5  ?                   
primary 'Crawford, I.'       6  ?                   
primary 'Sponer, J.'         7  0000-0001-6558-6186 
primary 'Sulc, P.'           8  0000-0003-1565-6769 
primary 'Stephanopoulos, N.' 9  0000-0001-7859-410X 
primary 'Yan, H.'            10 0000-0001-7397-9852 
# 
_cell.angle_alpha                  90.000 
_cell.angle_alpha_esd              ? 
_cell.angle_beta                   90.000 
_cell.angle_beta_esd               ? 
_cell.angle_gamma                  120.000 
_cell.angle_gamma_esd              ? 
_cell.entry_id                     7JLC 
_cell.details                      ? 
_cell.formula_units_Z              ? 
_cell.length_a                     113.383 
_cell.length_a_esd                 ? 
_cell.length_b                     113.383 
_cell.length_b_esd                 ? 
_cell.length_c                     51.305 
_cell.length_c_esd                 ? 
_cell.volume                       ? 
_cell.volume_esd                   ? 
_cell.Z_PDB                        9 
_cell.reciprocal_angle_alpha       ? 
_cell.reciprocal_angle_beta        ? 
_cell.reciprocal_angle_gamma       ? 
_cell.reciprocal_angle_alpha_esd   ? 
_cell.reciprocal_angle_beta_esd    ? 
_cell.reciprocal_angle_gamma_esd   ? 
_cell.reciprocal_length_a          ? 
_cell.reciprocal_length_b          ? 
_cell.reciprocal_length_c          ? 
_cell.reciprocal_length_a_esd      ? 
_cell.reciprocal_length_b_esd      ? 
_cell.reciprocal_length_c_esd      ? 
_cell.pdbx_unique_axis             ? 
# 
_symmetry.entry_id                         7JLC 
_symmetry.cell_setting                     ? 
_symmetry.Int_Tables_number                146 
_symmetry.space_group_name_Hall            ? 
_symmetry.space_group_name_H-M             'H 3' 
_symmetry.pdbx_full_space_group_name_H-M   ? 
# 
loop_
_entity.id 
_entity.type 
_entity.src_method 
_entity.pdbx_description 
_entity.formula_weight 
_entity.pdbx_number_of_molecules 
_entity.pdbx_ec 
_entity.pdbx_mutation 
_entity.pdbx_fragment 
_entity.details 
1 polymer syn 
;DNA (5'-D(*GP*AP*AP*CP*GP*AP*CP*AP*CP*TP*GP*AP*CP*GP*TP*GP*GP*AP*CP*TP*C)-3')
;
6457.187 1 ? ? ? ? 
2 polymer syn 
;DNA (5'-D(*TP*CP*GP*AP*GP*TP*CP*C)-3')
;
2402.592 1 ? ? ? ? 
3 polymer syn 
;DNA (5'-D(P*GP*TP*GP*TP*CP*GP*T)-3')
;
2144.420 1 ? ? ? ? 
4 polymer syn 
;DNA (5'-D(P*AP*CP*GP*TP*CP*A)-3')
;
1793.219 1 ? ? ? ? 
# 
loop_
_entity_poly.entity_id 
_entity_poly.type 
_entity_poly.nstd_linkage 
_entity_poly.nstd_monomer 
_entity_poly.pdbx_seq_one_letter_code 
_entity_poly.pdbx_seq_one_letter_code_can 
_entity_poly.pdbx_strand_id 
_entity_poly.pdbx_target_identifier 
1 polydeoxyribonucleotide no no 
;(DG)(DA)(DA)(DC)(DG)(DA)(DC)(DA)(DC)(DT)(DG)(DA)(DC)(DG)(DT)(DG)(DG)(DA)(DC)(DT)
(DC)
;
GAACGACACTGACGTGGACTC B ? 
2 polydeoxyribonucleotide no no '(DT)(DC)(DG)(DA)(DG)(DT)(DC)(DC)'                                                      TCGAGTCC C 
? 
3 polydeoxyribonucleotide no no '(DG)(DT)(DG)(DT)(DC)(DG)(DT)'                                                          GTGTCGT D 
? 
4 polydeoxyribonucleotide no no '(DA)(DC)(DG)(DT)(DC)(DA)'                                                              ACGTCA A ? 
# 
loop_
_entity_poly_seq.entity_id 
_entity_poly_seq.num 
_entity_poly_seq.mon_id 
_entity_poly_seq.hetero 
1 1  DG n 
1 2  DA n 
1 3  DA n 
1 4  DC n 
1 5  DG n 
1 6  DA n 
1 7  DC n 
1 8  DA n 
1 9  DC n 
1 10 DT n 
1 11 DG n 
1 12 DA n 
1 13 DC n 
1 14 DG n 
1 15 DT n 
1 16 DG n 
1 17 DG n 
1 18 DA n 
1 19 DC n 
1 20 DT n 
1 21 DC n 
2 1  DT n 
2 2  DC n 
2 3  DG n 
2 4  DA n 
2 5  DG n 
2 6  DT n 
2 7  DC n 
2 8  DC n 
3 1  DG n 
3 2  DT n 
3 3  DG n 
3 4  DT n 
3 5  DC n 
3 6  DG n 
3 7  DT n 
4 1  DA n 
4 2  DC n 
4 3  DG n 
4 4  DT n 
4 5  DC n 
4 6  DA n 
# 
loop_
_pdbx_entity_src_syn.entity_id 
_pdbx_entity_src_syn.pdbx_src_id 
_pdbx_entity_src_syn.pdbx_alt_source_flag 
_pdbx_entity_src_syn.pdbx_beg_seq_num 
_pdbx_entity_src_syn.pdbx_end_seq_num 
_pdbx_entity_src_syn.organism_scientific 
_pdbx_entity_src_syn.organism_common_name 
_pdbx_entity_src_syn.ncbi_taxonomy_id 
_pdbx_entity_src_syn.details 
1 1 sample 1 21 'synthetic construct' ? 32630 ? 
2 1 sample 1 8  'synthetic construct' ? 32630 ? 
3 1 sample 1 7  'synthetic construct' ? 32630 ? 
4 1 sample 1 6  'synthetic construct' ? 32630 ? 
# 
loop_
_struct_ref.id 
_struct_ref.db_name 
_struct_ref.db_code 
_struct_ref.pdbx_db_accession 
_struct_ref.pdbx_db_isoform 
_struct_ref.entity_id 
_struct_ref.pdbx_seq_one_letter_code 
_struct_ref.pdbx_align_begin 
1 PDB 7JLC 7JLC ? 1 ? 1 
2 PDB 7JLC 7JLC ? 2 ? 1 
3 PDB 7JLC 7JLC ? 3 ? 1 
4 PDB 7JLC 7JLC ? 4 ? 1 
# 
loop_
_struct_ref_seq.align_id 
_struct_ref_seq.ref_id 
_struct_ref_seq.pdbx_PDB_id_code 
_struct_ref_seq.pdbx_strand_id 
_struct_ref_seq.seq_align_beg 
_struct_ref_seq.pdbx_seq_align_beg_ins_code 
_struct_ref_seq.seq_align_end 
_struct_ref_seq.pdbx_seq_align_end_ins_code 
_struct_ref_seq.pdbx_db_accession 
_struct_ref_seq.db_align_beg 
_struct_ref_seq.pdbx_db_align_beg_ins_code 
_struct_ref_seq.db_align_end 
_struct_ref_seq.pdbx_db_align_end_ins_code 
_struct_ref_seq.pdbx_auth_seq_align_beg 
_struct_ref_seq.pdbx_auth_seq_align_end 
1 1 7JLC B 1 ? 21 ? 7JLC 7  ? 27 ? 7  27 
2 2 7JLC C 1 ? 8  ? 7JLC 28 ? 35 ? 28 35 
3 3 7JLC D 1 ? 7  ? 7JLC 36 ? 42 ? 36 42 
4 4 7JLC A 1 ? 6  ? 7JLC 1  ? 6  ? 1  6  
# 
loop_
_chem_comp.id 
_chem_comp.type 
_chem_comp.mon_nstd_flag 
_chem_comp.name 
_chem_comp.pdbx_synonyms 
_chem_comp.formula 
_chem_comp.formula_weight 
DA 'DNA linking' y "2'-DEOXYADENOSINE-5'-MONOPHOSPHATE" ? 'C10 H14 N5 O6 P' 331.222 
DC 'DNA linking' y "2'-DEOXYCYTIDINE-5'-MONOPHOSPHATE"  ? 'C9 H14 N3 O7 P'  307.197 
DG 'DNA linking' y "2'-DEOXYGUANOSINE-5'-MONOPHOSPHATE" ? 'C10 H14 N5 O7 P' 347.221 
DT 'DNA linking' y "THYMIDINE-5'-MONOPHOSPHATE"         ? 'C10 H15 N2 O8 P' 322.208 
# 
_exptl.absorpt_coefficient_mu     ? 
_exptl.absorpt_correction_T_max   ? 
_exptl.absorpt_correction_T_min   ? 
_exptl.absorpt_correction_type    ? 
_exptl.absorpt_process_details    ? 
_exptl.entry_id                   7JLC 
_exptl.crystals_number            1 
_exptl.details                    ? 
_exptl.method                     'X-RAY DIFFRACTION' 
_exptl.method_details             ? 
# 
_exptl_crystal.colour                      ? 
_exptl_crystal.density_diffrn              ? 
_exptl_crystal.density_Matthews            4.96 
_exptl_crystal.density_method              ? 
_exptl_crystal.density_percent_sol         75.20 
_exptl_crystal.description                 ? 
_exptl_crystal.F_000                       ? 
_exptl_crystal.id                          1 
_exptl_crystal.preparation                 ? 
_exptl_crystal.size_max                    ? 
_exptl_crystal.size_mid                    ? 
_exptl_crystal.size_min                    ? 
_exptl_crystal.size_rad                    ? 
_exptl_crystal.colour_lustre               ? 
_exptl_crystal.colour_modifier             ? 
_exptl_crystal.colour_primary              ? 
_exptl_crystal.density_meas                ? 
_exptl_crystal.density_meas_esd            ? 
_exptl_crystal.density_meas_gt             ? 
_exptl_crystal.density_meas_lt             ? 
_exptl_crystal.density_meas_temp           ? 
_exptl_crystal.density_meas_temp_esd       ? 
_exptl_crystal.density_meas_temp_gt        ? 
_exptl_crystal.density_meas_temp_lt        ? 
_exptl_crystal.pdbx_crystal_image_url      ? 
_exptl_crystal.pdbx_crystal_image_format   ? 
_exptl_crystal.pdbx_mosaicity              ? 
_exptl_crystal.pdbx_mosaicity_esd          ? 
# 
_exptl_crystal_grow.apparatus       ? 
_exptl_crystal_grow.atmosphere      ? 
_exptl_crystal_grow.crystal_id      1 
_exptl_crystal_grow.details         ? 
_exptl_crystal_grow.method          'VAPOR DIFFUSION, SITTING DROP' 
_exptl_crystal_grow.method_ref      ? 
_exptl_crystal_grow.pH              ? 
_exptl_crystal_grow.pressure        ? 
_exptl_crystal_grow.pressure_esd    ? 
_exptl_crystal_grow.seeding         ? 
_exptl_crystal_grow.seeding_ref     ? 
_exptl_crystal_grow.temp            298 
_exptl_crystal_grow.temp_details    'temperature gradient generated from 60 to 25 C at 0.3 degrees per hour' 
_exptl_crystal_grow.temp_esd        ? 
_exptl_crystal_grow.time            ? 
_exptl_crystal_grow.pdbx_details    
;0.5 mL of 0.05 M Cacodylate pH 6.5 with 18 mM MgCl2, 2.25 mM spermine, and 9% isopropanol was added to the reservoir with 2 uL added to the drop containing 4 uL of DNA stock
;
_exptl_crystal_grow.pdbx_pH_range   ? 
# 
_diffrn.ambient_environment              ? 
_diffrn.ambient_temp                     100 
_diffrn.ambient_temp_details             ? 
_diffrn.ambient_temp_esd                 ? 
_diffrn.crystal_id                       1 
_diffrn.crystal_support                  ? 
_diffrn.crystal_treatment                ? 
_diffrn.details                          ? 
_diffrn.id                               1 
_diffrn.ambient_pressure                 ? 
_diffrn.ambient_pressure_esd             ? 
_diffrn.ambient_pressure_gt              ? 
_diffrn.ambient_pressure_lt              ? 
_diffrn.ambient_temp_gt                  ? 
_diffrn.ambient_temp_lt                  ? 
_diffrn.pdbx_serial_crystal_experiment   N 
# 
_diffrn_detector.details                      ? 
_diffrn_detector.detector                     PIXEL 
_diffrn_detector.diffrn_id                    1 
_diffrn_detector.type                         'DECTRIS PILATUS3 6M' 
_diffrn_detector.area_resol_mean              ? 
_diffrn_detector.dtime                        ? 
_diffrn_detector.pdbx_frames_total            ? 
_diffrn_detector.pdbx_collection_time_total   ? 
_diffrn_detector.pdbx_collection_date         2018-08-15 
_diffrn_detector.pdbx_frequency               ? 
# 
_diffrn_radiation.collimation                      ? 
_diffrn_radiation.diffrn_id                        1 
_diffrn_radiation.filter_edge                      ? 
_diffrn_radiation.inhomogeneity                    ? 
_diffrn_radiation.monochromator                    ? 
_diffrn_radiation.polarisn_norm                    ? 
_diffrn_radiation.polarisn_ratio                   ? 
_diffrn_radiation.probe                            ? 
_diffrn_radiation.type                             ? 
_diffrn_radiation.xray_symbol                      ? 
_diffrn_radiation.wavelength_id                    1 
_diffrn_radiation.pdbx_monochromatic_or_laue_m_l   M 
_diffrn_radiation.pdbx_wavelength_list             ? 
_diffrn_radiation.pdbx_wavelength                  ? 
_diffrn_radiation.pdbx_diffrn_protocol             'SINGLE WAVELENGTH' 
_diffrn_radiation.pdbx_analyzer                    ? 
_diffrn_radiation.pdbx_scattering_type             x-ray 
# 
_diffrn_radiation_wavelength.id           1 
_diffrn_radiation_wavelength.wavelength   0.92 
_diffrn_radiation_wavelength.wt           1.0 
# 
_diffrn_source.current                     ? 
_diffrn_source.details                     ? 
_diffrn_source.diffrn_id                   1 
_diffrn_source.power                       ? 
_diffrn_source.size                        ? 
_diffrn_source.source                      SYNCHROTRON 
_diffrn_source.target                      ? 
_diffrn_source.type                        'APS BEAMLINE 19-ID' 
_diffrn_source.voltage                     ? 
_diffrn_source.take-off_angle              ? 
_diffrn_source.pdbx_wavelength_list        0.92 
_diffrn_source.pdbx_wavelength             ? 
_diffrn_source.pdbx_synchrotron_beamline   19-ID 
_diffrn_source.pdbx_synchrotron_site       APS 
# 
_reflns.B_iso_Wilson_estimate            ? 
_reflns.entry_id                         7JLC 
_reflns.data_reduction_details           ? 
_reflns.data_reduction_method            ? 
_reflns.d_resolution_high                3.050 
_reflns.d_resolution_low                 56.69 
_reflns.details                          ? 
_reflns.limit_h_max                      ? 
_reflns.limit_h_min                      ? 
_reflns.limit_k_max                      ? 
_reflns.limit_k_min                      ? 
_reflns.limit_l_max                      ? 
_reflns.limit_l_min                      ? 
_reflns.number_all                       ? 
_reflns.number_obs                       4622 
_reflns.observed_criterion               ? 
_reflns.observed_criterion_F_max         ? 
_reflns.observed_criterion_F_min         ? 
_reflns.observed_criterion_I_max         ? 
_reflns.observed_criterion_I_min         ? 
_reflns.observed_criterion_sigma_F       ? 
_reflns.observed_criterion_sigma_I       ? 
_reflns.percent_possible_obs             99.200 
_reflns.R_free_details                   ? 
_reflns.Rmerge_F_all                     ? 
_reflns.Rmerge_F_obs                     ? 
_reflns.Friedel_coverage                 ? 
_reflns.number_gt                        ? 
_reflns.threshold_expression             ? 
_reflns.pdbx_redundancy                  10.200 
_reflns.pdbx_Rmerge_I_obs                0.074 
_reflns.pdbx_Rmerge_I_all                ? 
_reflns.pdbx_Rsym_value                  ? 
_reflns.pdbx_netI_over_av_sigmaI         ? 
_reflns.pdbx_netI_over_sigmaI            7.400 
_reflns.pdbx_res_netI_over_av_sigmaI_2   ? 
_reflns.pdbx_res_netI_over_sigmaI_2      ? 
_reflns.pdbx_chi_squared                 3.912 
_reflns.pdbx_scaling_rejects             ? 
_reflns.pdbx_d_res_high_opt              ? 
_reflns.pdbx_d_res_low_opt               ? 
_reflns.pdbx_d_res_opt_method            ? 
_reflns.phase_calculation_details        ? 
_reflns.pdbx_Rrim_I_all                  0.079 
_reflns.pdbx_Rpim_I_all                  0.025 
_reflns.pdbx_d_opt                       ? 
_reflns.pdbx_number_measured_all         ? 
_reflns.pdbx_diffrn_id                   1 
_reflns.pdbx_ordinal                     1 
_reflns.pdbx_CC_half                     0.943 
_reflns.pdbx_CC_star                     ? 
_reflns.pdbx_R_split                     ? 
# 
loop_
_reflns_shell.d_res_high 
_reflns_shell.d_res_low 
_reflns_shell.meanI_over_sigI_all 
_reflns_shell.meanI_over_sigI_obs 
_reflns_shell.number_measured_all 
_reflns_shell.number_measured_obs 
_reflns_shell.number_possible 
_reflns_shell.number_unique_all 
_reflns_shell.number_unique_obs 
_reflns_shell.percent_possible_all 
_reflns_shell.percent_possible_obs 
_reflns_shell.Rmerge_F_all 
_reflns_shell.Rmerge_F_obs 
_reflns_shell.Rmerge_I_all 
_reflns_shell.Rmerge_I_obs 
_reflns_shell.meanI_over_sigI_gt 
_reflns_shell.meanI_over_uI_all 
_reflns_shell.meanI_over_uI_gt 
_reflns_shell.number_measured_gt 
_reflns_shell.number_unique_gt 
_reflns_shell.percent_possible_gt 
_reflns_shell.Rmerge_F_gt 
_reflns_shell.Rmerge_I_gt 
_reflns_shell.pdbx_redundancy 
_reflns_shell.pdbx_Rsym_value 
_reflns_shell.pdbx_chi_squared 
_reflns_shell.pdbx_netI_over_sigmaI_all 
_reflns_shell.pdbx_netI_over_sigmaI_obs 
_reflns_shell.pdbx_Rrim_I_all 
_reflns_shell.pdbx_Rpim_I_all 
_reflns_shell.pdbx_rejects 
_reflns_shell.pdbx_ordinal 
_reflns_shell.pdbx_diffrn_id 
_reflns_shell.pdbx_CC_half 
_reflns_shell.pdbx_CC_star 
_reflns_shell.pdbx_R_split 
3.050 3.100  ? ? ? ? ? ? 215 94.700  ? ? ? ? 0.703 ? ? ? ? ? ? ? ? 8.200  ? 0.437  ? ? 0.743 0.237 ? 1  1 0.933 ? ? 
3.100 3.160  ? ? ? ? ? ? 238 99.600  ? ? ? ? 0.220 ? ? ? ? ? ? ? ? 8.800  ? 0.528  ? ? 0.232 0.072 ? 2  1 0.995 ? ? 
3.160 3.220  ? ? ? ? ? ? 221 96.100  ? ? ? ? 0.118 ? ? ? ? ? ? ? ? 9.700  ? 0.717  ? ? 0.124 0.037 ? 3  1 0.998 ? ? 
3.220 3.290  ? ? ? ? ? ? 216 100.000 ? ? ? ? 0.215 ? ? ? ? ? ? ? ? 10.100 ? 0.517  ? ? 0.226 0.069 ? 4  1 0.996 ? ? 
3.290 3.360  ? ? ? ? ? ? 249 100.000 ? ? ? ? 0.123 ? ? ? ? ? ? ? ? 10.000 ? 0.550  ? ? 0.130 0.040 ? 5  1 0.997 ? ? 
3.360 3.430  ? ? ? ? ? ? 228 99.100  ? ? ? ? 0.125 ? ? ? ? ? ? ? ? 10.200 ? 0.560  ? ? 0.131 0.040 ? 6  1 0.998 ? ? 
3.430 3.520  ? ? ? ? ? ? 238 100.000 ? ? ? ? 0.113 ? ? ? ? ? ? ? ? 10.600 ? 0.648  ? ? 0.119 0.036 ? 7  1 0.998 ? ? 
3.520 3.620  ? ? ? ? ? ? 229 100.000 ? ? ? ? 0.109 ? ? ? ? ? ? ? ? 10.000 ? 0.557  ? ? 0.114 0.035 ? 8  1 0.998 ? ? 
3.620 3.720  ? ? ? ? ? ? 235 99.600  ? ? ? ? 0.142 ? ? ? ? ? ? ? ? 9.500  ? 0.508  ? ? 0.150 0.048 ? 9  1 0.996 ? ? 
3.720 3.840  ? ? ? ? ? ? 222 100.000 ? ? ? ? 0.150 ? ? ? ? ? ? ? ? 10.300 ? 0.552  ? ? 0.158 0.049 ? 10 1 0.989 ? ? 
3.840 3.980  ? ? ? ? ? ? 243 100.000 ? ? ? ? 0.111 ? ? ? ? ? ? ? ? 10.800 ? 0.752  ? ? 0.116 0.035 ? 11 1 0.997 ? ? 
3.980 4.140  ? ? ? ? ? ? 234 100.000 ? ? ? ? 0.091 ? ? ? ? ? ? ? ? 11.200 ? 1.375  ? ? 0.096 0.029 ? 12 1 0.995 ? ? 
4.140 4.330  ? ? ? ? ? ? 236 100.000 ? ? ? ? 0.079 ? ? ? ? ? ? ? ? 10.700 ? 0.850  ? ? 0.083 0.026 ? 13 1 0.987 ? ? 
4.330 4.560  ? ? ? ? ? ? 231 100.000 ? ? ? ? 0.079 ? ? ? ? ? ? ? ? 10.900 ? 1.565  ? ? 0.083 0.025 ? 14 1 0.996 ? ? 
4.560 4.840  ? ? ? ? ? ? 227 100.000 ? ? ? ? 0.067 ? ? ? ? ? ? ? ? 10.000 ? 1.197  ? ? 0.071 0.022 ? 15 1 0.997 ? ? 
4.840 5.210  ? ? ? ? ? ? 237 97.900  ? ? ? ? 0.059 ? ? ? ? ? ? ? ? 10.600 ? 3.441  ? ? 0.062 0.019 ? 16 1 0.997 ? ? 
5.210 5.740  ? ? ? ? ? ? 224 100.000 ? ? ? ? 0.057 ? ? ? ? ? ? ? ? 10.900 ? 6.810  ? ? 0.060 0.019 ? 17 1 0.992 ? ? 
5.740 6.570  ? ? ? ? ? ? 236 100.000 ? ? ? ? 0.054 ? ? ? ? ? ? ? ? 10.700 ? 7.358  ? ? 0.056 0.017 ? 18 1 0.996 ? ? 
6.570 8.270  ? ? ? ? ? ? 235 98.700  ? ? ? ? 0.040 ? ? ? ? ? ? ? ? 10.400 ? 9.581  ? ? 0.042 0.013 ? 19 1 0.998 ? ? 
8.270 50.000 ? ? ? ? ? ? 228 98.700  ? ? ? ? 0.079 ? ? ? ? ? ? ? ? 10.500 ? 37.667 ? ? 0.084 0.027 ? 20 1 0.966 ? ? 
# 
_refine.aniso_B[1][1]                            -1.9500 
_refine.aniso_B[1][2]                            -0.9800 
_refine.aniso_B[1][3]                            0.0000 
_refine.aniso_B[2][2]                            -1.9500 
_refine.aniso_B[2][3]                            0.0000 
_refine.aniso_B[3][3]                            6.3300 
_refine.B_iso_max                                256.500 
_refine.B_iso_mean                               121.3350 
_refine.B_iso_min                                55.300 
_refine.correlation_coeff_Fo_to_Fc               0.9760 
_refine.correlation_coeff_Fo_to_Fc_free          0.9760 
_refine.details                                  
'HYDROGENS HAVE BEEN ADDED IN THE RIDING POSITIONS U VALUES      : REFINED INDIVIDUALLY' 
_refine.diff_density_max                         ? 
_refine.diff_density_max_esd                     ? 
_refine.diff_density_min                         ? 
_refine.diff_density_min_esd                     ? 
_refine.diff_density_rms                         ? 
_refine.diff_density_rms_esd                     ? 
_refine.entry_id                                 7JLC 
_refine.pdbx_refine_id                           'X-RAY DIFFRACTION' 
_refine.ls_abs_structure_details                 ? 
_refine.ls_abs_structure_Flack                   ? 
_refine.ls_abs_structure_Flack_esd               ? 
_refine.ls_abs_structure_Rogers                  ? 
_refine.ls_abs_structure_Rogers_esd              ? 
_refine.ls_d_res_high                            3.0600 
_refine.ls_d_res_low                             56.6900 
_refine.ls_extinction_coef                       ? 
_refine.ls_extinction_coef_esd                   ? 
_refine.ls_extinction_expression                 ? 
_refine.ls_extinction_method                     ? 
_refine.ls_goodness_of_fit_all                   ? 
_refine.ls_goodness_of_fit_all_esd               ? 
_refine.ls_goodness_of_fit_obs                   ? 
_refine.ls_goodness_of_fit_obs_esd               ? 
_refine.ls_hydrogen_treatment                    ? 
_refine.ls_matrix_type                           ? 
_refine.ls_number_constraints                    ? 
_refine.ls_number_parameters                     ? 
_refine.ls_number_reflns_all                     ? 
_refine.ls_number_reflns_obs                     4271 
_refine.ls_number_reflns_R_free                  221 
_refine.ls_number_reflns_R_work                  ? 
_refine.ls_number_restraints                     ? 
_refine.ls_percent_reflns_obs                    96.4200 
_refine.ls_percent_reflns_R_free                 4.9000 
_refine.ls_R_factor_all                          ? 
_refine.ls_R_factor_obs                          0.2082 
_refine.ls_R_factor_R_free                       0.2358 
_refine.ls_R_factor_R_free_error                 ? 
_refine.ls_R_factor_R_free_error_details         ? 
_refine.ls_R_factor_R_work                       0.2066 
_refine.ls_R_Fsqd_factor_obs                     ? 
_refine.ls_R_I_factor_obs                        ? 
_refine.ls_redundancy_reflns_all                 ? 
_refine.ls_redundancy_reflns_obs                 ? 
_refine.ls_restrained_S_all                      ? 
_refine.ls_restrained_S_obs                      ? 
_refine.ls_shift_over_esd_max                    ? 
_refine.ls_shift_over_esd_mean                   ? 
_refine.ls_structure_factor_coef                 ? 
_refine.ls_weighting_details                     ? 
_refine.ls_weighting_scheme                      ? 
_refine.ls_wR_factor_all                         ? 
_refine.ls_wR_factor_obs                         ? 
_refine.ls_wR_factor_R_free                      ? 
_refine.ls_wR_factor_R_work                      ? 
_refine.occupancy_max                            ? 
_refine.occupancy_min                            ? 
_refine.solvent_model_details                    MASK 
_refine.solvent_model_param_bsol                 ? 
_refine.solvent_model_param_ksol                 ? 
_refine.pdbx_R_complete                          ? 
_refine.ls_R_factor_gt                           ? 
_refine.ls_goodness_of_fit_gt                    ? 
_refine.ls_goodness_of_fit_ref                   ? 
_refine.ls_shift_over_su_max                     ? 
_refine.ls_shift_over_su_max_lt                  ? 
_refine.ls_shift_over_su_mean                    ? 
_refine.ls_shift_over_su_mean_lt                 ? 
_refine.pdbx_ls_sigma_I                          ? 
_refine.pdbx_ls_sigma_F                          0.000 
_refine.pdbx_ls_sigma_Fsqd                       ? 
_refine.pdbx_data_cutoff_high_absF               ? 
_refine.pdbx_data_cutoff_high_rms_absF           ? 
_refine.pdbx_data_cutoff_low_absF                ? 
_refine.pdbx_isotropic_thermal_model             ? 
_refine.pdbx_ls_cross_valid_method               THROUGHOUT 
_refine.pdbx_method_to_determine_struct          'MOLECULAR REPLACEMENT' 
_refine.pdbx_starting_model                      5VY6 
_refine.pdbx_stereochemistry_target_values       'MAXIMUM LIKELIHOOD' 
_refine.pdbx_R_Free_selection_details            RANDOM 
_refine.pdbx_stereochem_target_val_spec_case     ? 
_refine.pdbx_overall_ESU_R                       0.6520 
_refine.pdbx_overall_ESU_R_Free                  0.3320 
_refine.pdbx_solvent_vdw_probe_radii             1.2000 
_refine.pdbx_solvent_ion_probe_radii             0.8000 
_refine.pdbx_solvent_shrinkage_radii             0.8000 
_refine.pdbx_real_space_R                        ? 
_refine.pdbx_density_correlation                 ? 
_refine.pdbx_pd_number_of_powder_patterns        ? 
_refine.pdbx_pd_number_of_points                 ? 
_refine.pdbx_pd_meas_number_of_points            ? 
_refine.pdbx_pd_proc_ls_prof_R_factor            ? 
_refine.pdbx_pd_proc_ls_prof_wR_factor           ? 
_refine.pdbx_pd_Marquardt_correlation_coeff      ? 
_refine.pdbx_pd_Fsqrd_R_factor                   ? 
_refine.pdbx_pd_ls_matrix_band_width             ? 
_refine.pdbx_overall_phase_error                 ? 
_refine.pdbx_overall_SU_R_free_Cruickshank_DPI   ? 
_refine.pdbx_overall_SU_R_free_Blow_DPI          ? 
_refine.pdbx_overall_SU_R_Blow_DPI               ? 
_refine.pdbx_TLS_residual_ADP_flag               ? 
_refine.pdbx_diffrn_id                           1 
_refine.overall_SU_B                             13.8590 
_refine.overall_SU_ML                            0.2570 
_refine.overall_SU_R_Cruickshank_DPI             ? 
_refine.overall_SU_R_free                        ? 
_refine.overall_FOM_free_R_set                   ? 
_refine.overall_FOM_work_R_set                   ? 
_refine.pdbx_average_fsc_overall                 ? 
_refine.pdbx_average_fsc_work                    ? 
_refine.pdbx_average_fsc_free                    ? 
# 
_refine_hist.pdbx_refine_id                   'X-RAY DIFFRACTION' 
_refine_hist.cycle_id                         final 
_refine_hist.details                          ? 
_refine_hist.d_res_high                       3.0600 
_refine_hist.d_res_low                        56.6900 
_refine_hist.number_atoms_solvent             0 
_refine_hist.number_atoms_total               855 
_refine_hist.number_reflns_all                ? 
_refine_hist.number_reflns_obs                ? 
_refine_hist.number_reflns_R_free             ? 
_refine_hist.number_reflns_R_work             ? 
_refine_hist.R_factor_all                     ? 
_refine_hist.R_factor_obs                     ? 
_refine_hist.R_factor_R_free                  ? 
_refine_hist.R_factor_R_work                  ? 
_refine_hist.pdbx_number_residues_total       42 
_refine_hist.pdbx_B_iso_mean_ligand           ? 
_refine_hist.pdbx_B_iso_mean_solvent          ? 
_refine_hist.pdbx_number_atoms_protein        0 
_refine_hist.pdbx_number_atoms_nucleic_acid   855 
_refine_hist.pdbx_number_atoms_ligand         0 
_refine_hist.pdbx_number_atoms_lipid          ? 
_refine_hist.pdbx_number_atoms_carb           ? 
_refine_hist.pdbx_pseudo_atom_details         ? 
# 
_refine_ls_shell.pdbx_refine_id                   'X-RAY DIFFRACTION' 
_refine_ls_shell.d_res_high                       3.06 
_refine_ls_shell.d_res_low                        3.1350 
_refine_ls_shell.number_reflns_all                ? 
_refine_ls_shell.number_reflns_obs                ? 
_refine_ls_shell.number_reflns_R_free             14 
_refine_ls_shell.number_reflns_R_work             280 
_refine_ls_shell.percent_reflns_obs               92.7400 
_refine_ls_shell.percent_reflns_R_free            ? 
_refine_ls_shell.R_factor_all                     ? 
_refine_ls_shell.R_factor_obs                     ? 
_refine_ls_shell.R_factor_R_free                  0.3330 
_refine_ls_shell.R_factor_R_free_error            0.0000 
_refine_ls_shell.R_factor_R_work                  0.3170 
_refine_ls_shell.redundancy_reflns_all            ? 
_refine_ls_shell.redundancy_reflns_obs            ? 
_refine_ls_shell.wR_factor_all                    ? 
_refine_ls_shell.wR_factor_obs                    ? 
_refine_ls_shell.wR_factor_R_free                 ? 
_refine_ls_shell.wR_factor_R_work                 ? 
_refine_ls_shell.pdbx_R_complete                  ? 
_refine_ls_shell.pdbx_total_number_of_bins_used   ? 
_refine_ls_shell.pdbx_phase_error                 ? 
_refine_ls_shell.pdbx_fsc_work                    ? 
_refine_ls_shell.pdbx_fsc_free                    ? 
# 
_struct.entry_id                     7JLC 
_struct.title                        
;Self-assembly of a 3D DNA crystal lattice (4x6 scramble duplex version) containing the J21 immobile Holliday junction with R3 symmetry
;
_struct.pdbx_model_details           ? 
_struct.pdbx_formula_weight          ? 
_struct.pdbx_formula_weight_method   ? 
_struct.pdbx_model_type_details      ? 
_struct.pdbx_CASP_flag               N 
# 
_struct_keywords.entry_id        7JLC 
_struct_keywords.text            
'Structural DNA nanotechnology, immobile Holliday junctions, 3D DNA self-assembly, designer DNA crystals, DNA' 
_struct_keywords.pdbx_keywords   DNA 
# 
loop_
_struct_asym.id 
_struct_asym.pdbx_blank_PDB_chainid_flag 
_struct_asym.pdbx_modified 
_struct_asym.entity_id 
_struct_asym.details 
A N N 1 ? 
B N N 2 ? 
C N N 3 ? 
D N N 4 ? 
# 
loop_
_struct_conn.id 
_struct_conn.conn_type_id 
_struct_conn.pdbx_leaving_atom_flag 
_struct_conn.pdbx_PDB_id 
_struct_conn.ptnr1_label_asym_id 
_struct_conn.ptnr1_label_comp_id 
_struct_conn.ptnr1_label_seq_id 
_struct_conn.ptnr1_label_atom_id 
_struct_conn.pdbx_ptnr1_label_alt_id 
_struct_conn.pdbx_ptnr1_PDB_ins_code 
_struct_conn.pdbx_ptnr1_standard_comp_id 
_struct_conn.ptnr1_symmetry 
_struct_conn.ptnr2_label_asym_id 
_struct_conn.ptnr2_label_comp_id 
_struct_conn.ptnr2_label_seq_id 
_struct_conn.ptnr2_label_atom_id 
_struct_conn.pdbx_ptnr2_label_alt_id 
_struct_conn.pdbx_ptnr2_PDB_ins_code 
_struct_conn.ptnr1_auth_asym_id 
_struct_conn.ptnr1_auth_comp_id 
_struct_conn.ptnr1_auth_seq_id 
_struct_conn.ptnr2_auth_asym_id 
_struct_conn.ptnr2_auth_comp_id 
_struct_conn.ptnr2_auth_seq_id 
_struct_conn.ptnr2_symmetry 
_struct_conn.pdbx_ptnr3_label_atom_id 
_struct_conn.pdbx_ptnr3_label_seq_id 
_struct_conn.pdbx_ptnr3_label_comp_id 
_struct_conn.pdbx_ptnr3_label_asym_id 
_struct_conn.pdbx_ptnr3_label_alt_id 
_struct_conn.pdbx_ptnr3_PDB_ins_code 
_struct_conn.details 
_struct_conn.pdbx_dist_value 
_struct_conn.pdbx_value_order 
_struct_conn.pdbx_role 
hydrog1  hydrog ? ? A DA 3  N1 ? ? ? 1_555 C DG 6 N1 ? ? B DA 9  D DG 41 1_555 ? ? ? ? ? ? TYPE_8_PAIR     ? ? ? 
hydrog2  hydrog ? ? A DA 3  N6 ? ? ? 1_555 C DG 6 O6 ? ? B DA 9  D DG 41 1_555 ? ? ? ? ? ? TYPE_8_PAIR     ? ? ? 
hydrog3  hydrog ? ? A DC 4  N3 ? ? ? 1_555 C DG 6 N2 ? ? B DC 10 D DG 41 1_555 ? ? ? ? ? ? 'DC-DG PAIR'    ? ? ? 
hydrog4  hydrog ? ? A DG 5  N1 ? ? ? 1_555 C DT 4 O4 ? ? B DG 11 D DT 39 1_555 ? ? ? ? ? ? 'DG-DT MISPAIR' ? ? ? 
hydrog5  hydrog ? ? A DG 5  N2 ? ? ? 1_555 C DC 5 N3 ? ? B DG 11 D DC 40 1_555 ? ? ? ? ? ? 'DG-DC PAIR'    ? ? ? 
hydrog6  hydrog ? ? A DA 6  N1 ? ? ? 1_555 C DT 4 N3 ? ? B DA 12 D DT 39 1_555 ? ? ? ? ? ? WATSON-CRICK    ? ? ? 
hydrog7  hydrog ? ? A DA 6  N6 ? ? ? 1_555 C DT 4 O4 ? ? B DA 12 D DT 39 1_555 ? ? ? ? ? ? WATSON-CRICK    ? ? ? 
hydrog8  hydrog ? ? A DC 7  N3 ? ? ? 1_555 C DG 3 N1 ? ? B DC 13 D DG 38 1_555 ? ? ? ? ? ? WATSON-CRICK    ? ? ? 
hydrog9  hydrog ? ? A DC 7  N4 ? ? ? 1_555 C DG 3 O6 ? ? B DC 13 D DG 38 1_555 ? ? ? ? ? ? WATSON-CRICK    ? ? ? 
hydrog10 hydrog ? ? A DC 7  O2 ? ? ? 1_555 C DG 3 N2 ? ? B DC 13 D DG 38 1_555 ? ? ? ? ? ? WATSON-CRICK    ? ? ? 
hydrog11 hydrog ? ? A DA 8  N1 ? ? ? 1_555 C DT 2 N3 ? ? B DA 14 D DT 37 1_555 ? ? ? ? ? ? WATSON-CRICK    ? ? ? 
hydrog12 hydrog ? ? A DA 8  N6 ? ? ? 1_555 C DT 2 O4 ? ? B DA 14 D DT 37 1_555 ? ? ? ? ? ? WATSON-CRICK    ? ? ? 
hydrog13 hydrog ? ? A DC 9  N3 ? ? ? 1_555 C DG 1 N1 ? ? B DC 15 D DG 36 1_555 ? ? ? ? ? ? WATSON-CRICK    ? ? ? 
hydrog14 hydrog ? ? A DC 9  N4 ? ? ? 1_555 C DG 1 O6 ? ? B DC 15 D DG 36 1_555 ? ? ? ? ? ? WATSON-CRICK    ? ? ? 
hydrog15 hydrog ? ? A DC 9  O2 ? ? ? 1_555 C DG 1 N2 ? ? B DC 15 D DG 36 1_555 ? ? ? ? ? ? WATSON-CRICK    ? ? ? 
hydrog16 hydrog ? ? A DT 10 N3 ? ? ? 1_555 D DA 6 N1 ? ? B DT 16 A DA 6  1_555 ? ? ? ? ? ? WATSON-CRICK    ? ? ? 
hydrog17 hydrog ? ? A DT 10 O4 ? ? ? 1_555 D DA 6 N6 ? ? B DT 16 A DA 6  1_555 ? ? ? ? ? ? WATSON-CRICK    ? ? ? 
hydrog18 hydrog ? ? A DG 11 N1 ? ? ? 1_555 D DC 5 N3 ? ? B DG 17 A DC 5  1_555 ? ? ? ? ? ? WATSON-CRICK    ? ? ? 
hydrog19 hydrog ? ? A DG 11 N2 ? ? ? 1_555 D DC 5 O2 ? ? B DG 17 A DC 5  1_555 ? ? ? ? ? ? WATSON-CRICK    ? ? ? 
hydrog20 hydrog ? ? A DG 11 O6 ? ? ? 1_555 D DC 5 N4 ? ? B DG 17 A DC 5  1_555 ? ? ? ? ? ? WATSON-CRICK    ? ? ? 
hydrog21 hydrog ? ? A DA 12 N1 ? ? ? 1_555 D DT 4 N3 ? ? B DA 18 A DT 4  1_555 ? ? ? ? ? ? WATSON-CRICK    ? ? ? 
hydrog22 hydrog ? ? A DA 12 N6 ? ? ? 1_555 D DT 4 O4 ? ? B DA 18 A DT 4  1_555 ? ? ? ? ? ? WATSON-CRICK    ? ? ? 
hydrog23 hydrog ? ? A DC 13 N3 ? ? ? 1_555 D DG 3 N1 ? ? B DC 19 A DG 3  1_555 ? ? ? ? ? ? WATSON-CRICK    ? ? ? 
hydrog24 hydrog ? ? A DC 13 N4 ? ? ? 1_555 D DG 3 O6 ? ? B DC 19 A DG 3  1_555 ? ? ? ? ? ? WATSON-CRICK    ? ? ? 
hydrog25 hydrog ? ? A DC 13 O2 ? ? ? 1_555 D DG 3 N2 ? ? B DC 19 A DG 3  1_555 ? ? ? ? ? ? WATSON-CRICK    ? ? ? 
hydrog26 hydrog ? ? A DG 14 N1 ? ? ? 1_555 D DC 2 N3 ? ? B DG 20 A DC 2  1_555 ? ? ? ? ? ? WATSON-CRICK    ? ? ? 
hydrog27 hydrog ? ? A DG 14 N2 ? ? ? 1_555 D DC 2 O2 ? ? B DG 20 A DC 2  1_555 ? ? ? ? ? ? WATSON-CRICK    ? ? ? 
hydrog28 hydrog ? ? A DG 14 O6 ? ? ? 1_555 D DC 2 N4 ? ? B DG 20 A DC 2  1_555 ? ? ? ? ? ? WATSON-CRICK    ? ? ? 
hydrog29 hydrog ? ? A DT 15 N3 ? ? ? 1_555 D DA 1 N1 ? ? B DT 21 A DA 1  1_555 ? ? ? ? ? ? WATSON-CRICK    ? ? ? 
hydrog30 hydrog ? ? A DT 15 O4 ? ? ? 1_555 D DA 1 N6 ? ? B DT 21 A DA 1  1_555 ? ? ? ? ? ? WATSON-CRICK    ? ? ? 
hydrog31 hydrog ? ? A DG 16 N2 ? ? ? 1_555 B DC 8 N3 ? ? B DG 22 C DC 35 1_555 ? ? ? ? ? ? 'DG-DC PAIR'    ? ? ? 
hydrog32 hydrog ? ? A DG 17 N1 ? ? ? 1_555 B DC 7 N3 ? ? B DG 23 C DC 34 1_555 ? ? ? ? ? ? WATSON-CRICK    ? ? ? 
hydrog33 hydrog ? ? A DG 17 N2 ? ? ? 1_555 B DC 7 O2 ? ? B DG 23 C DC 34 1_555 ? ? ? ? ? ? WATSON-CRICK    ? ? ? 
hydrog34 hydrog ? ? A DG 17 O6 ? ? ? 1_555 B DC 7 N4 ? ? B DG 23 C DC 34 1_555 ? ? ? ? ? ? WATSON-CRICK    ? ? ? 
hydrog35 hydrog ? ? A DA 18 N1 ? ? ? 1_555 B DT 6 N3 ? ? B DA 24 C DT 33 1_555 ? ? ? ? ? ? WATSON-CRICK    ? ? ? 
hydrog36 hydrog ? ? A DA 18 N6 ? ? ? 1_555 B DT 6 O4 ? ? B DA 24 C DT 33 1_555 ? ? ? ? ? ? WATSON-CRICK    ? ? ? 
hydrog37 hydrog ? ? A DC 19 N3 ? ? ? 1_555 B DG 5 N1 ? ? B DC 25 C DG 32 1_555 ? ? ? ? ? ? WATSON-CRICK    ? ? ? 
hydrog38 hydrog ? ? A DC 19 N4 ? ? ? 1_555 B DG 5 O6 ? ? B DC 25 C DG 32 1_555 ? ? ? ? ? ? WATSON-CRICK    ? ? ? 
hydrog39 hydrog ? ? A DC 19 O2 ? ? ? 1_555 B DG 5 N2 ? ? B DC 25 C DG 32 1_555 ? ? ? ? ? ? WATSON-CRICK    ? ? ? 
hydrog40 hydrog ? ? A DT 20 N3 ? ? ? 1_555 B DA 4 N1 ? ? B DT 26 C DA 31 1_555 ? ? ? ? ? ? WATSON-CRICK    ? ? ? 
hydrog41 hydrog ? ? A DT 20 O4 ? ? ? 1_555 B DA 4 N6 ? ? B DT 26 C DA 31 1_555 ? ? ? ? ? ? WATSON-CRICK    ? ? ? 
hydrog42 hydrog ? ? A DC 21 N3 ? ? ? 1_555 B DG 3 N1 ? ? B DC 27 C DG 30 1_555 ? ? ? ? ? ? WATSON-CRICK    ? ? ? 
hydrog43 hydrog ? ? A DC 21 N4 ? ? ? 1_555 B DG 3 O6 ? ? B DC 27 C DG 30 1_555 ? ? ? ? ? ? WATSON-CRICK    ? ? ? 
hydrog44 hydrog ? ? A DC 21 O2 ? ? ? 1_555 B DG 3 N2 ? ? B DC 27 C DG 30 1_555 ? ? ? ? ? ? WATSON-CRICK    ? ? ? 
# 
_struct_conn_type.id          hydrog 
_struct_conn_type.criteria    ? 
_struct_conn_type.reference   ? 
# 
_atom_sites.entry_id                    7JLC 
_atom_sites.Cartn_transf_matrix[1][1]   ? 
_atom_sites.Cartn_transf_matrix[1][2]   ? 
_atom_sites.Cartn_transf_matrix[1][3]   ? 
_atom_sites.Cartn_transf_matrix[2][1]   ? 
_atom_sites.Cartn_transf_matrix[2][2]   ? 
_atom_sites.Cartn_transf_matrix[2][3]   ? 
_atom_sites.Cartn_transf_matrix[3][1]   ? 
_atom_sites.Cartn_transf_matrix[3][2]   ? 
_atom_sites.Cartn_transf_matrix[3][3]   ? 
_atom_sites.Cartn_transf_vector[1]      ? 
_atom_sites.Cartn_transf_vector[2]      ? 
_atom_sites.Cartn_transf_vector[3]      ? 
_atom_sites.fract_transf_matrix[1][1]   -0.00482416 
_atom_sites.fract_transf_matrix[1][2]   0.00757129 
_atom_sites.fract_transf_matrix[1][3]   -0.00480873 
_atom_sites.fract_transf_matrix[2][1]   0.00504098 
_atom_sites.fract_transf_matrix[2][2]   0.00583713 
_atom_sites.fract_transf_matrix[2][3]   -0.00665058 
_atom_sites.fract_transf_matrix[3][1]   -0.00483555 
_atom_sites.fract_transf_matrix[3][2]   -0.01222200 
_atom_sites.fract_transf_matrix[3][3]   -0.01439234 
_atom_sites.fract_transf_vector[1]      0.345107 
_atom_sites.fract_transf_vector[2]      -0.069421 
_atom_sites.fract_transf_vector[3]      0.239717 
_atom_sites.solution_primary            ? 
_atom_sites.solution_secondary          ? 
_atom_sites.solution_hydrogens          ? 
_atom_sites.special_details             ? 
# 
loop_
_atom_type.symbol 
C 
N 
O 
P 
# 
loop_
_atom_site.group_PDB 
_atom_site.id 
_atom_site.type_symbol 
_atom_site.label_atom_id 
_atom_site.label_alt_id 
_atom_site.label_comp_id 
_atom_site.label_asym_id 
_atom_site.label_entity_id 
_atom_site.label_seq_id 
_atom_site.pdbx_PDB_ins_code 
_atom_site.Cartn_x 
_atom_site.Cartn_y 
_atom_site.Cartn_z 
_atom_site.occupancy 
_atom_site.B_iso_or_equiv 
_atom_site.pdbx_formal_charge 
_atom_site.auth_seq_id 
_atom_site.auth_comp_id 
_atom_site.auth_asym_id 
_atom_site.auth_atom_id 
_atom_site.pdbx_PDB_model_num 
ATOM 1   O "O5'" . DG A 1 1  ? -12.377 15.448  -27.762 1.00 206.48 ? 7  DG B "O5'" 1 
ATOM 2   C "C5'" . DG A 1 1  ? -11.771 16.326  -28.738 1.00 184.79 ? 7  DG B "C5'" 1 
ATOM 3   C "C4'" . DG A 1 1  ? -11.902 17.771  -28.311 1.00 170.56 ? 7  DG B "C4'" 1 
ATOM 4   O "O4'" . DG A 1 1  ? -13.297 18.156  -28.335 1.00 136.86 ? 7  DG B "O4'" 1 
ATOM 5   C "C3'" . DG A 1 1  ? -11.378 18.073  -26.906 1.00 158.86 ? 7  DG B "C3'" 1 
ATOM 6   O "O3'" . DG A 1 1  ? -10.441 19.144  -26.871 1.00 171.91 ? 7  DG B "O3'" 1 
ATOM 7   C "C2'" . DG A 1 1  ? -12.592 18.523  -26.112 1.00 144.62 ? 7  DG B "C2'" 1 
ATOM 8   C "C1'" . DG A 1 1  ? -13.702 18.751  -27.119 1.00 100.24 ? 7  DG B "C1'" 1 
ATOM 9   N N9    . DG A 1 1  ? -14.894 18.053  -26.669 1.00 91.84  ? 7  DG B N9    1 
ATOM 10  C C8    . DG A 1 1  ? -15.310 16.783  -27.004 1.00 100.29 ? 7  DG B C8    1 
ATOM 11  N N7    . DG A 1 1  ? -16.414 16.429  -26.400 1.00 90.52  ? 7  DG B N7    1 
ATOM 12  C C5    . DG A 1 1  ? -16.718 17.508  -25.581 1.00 80.80  ? 7  DG B C5    1 
ATOM 13  C C6    . DG A 1 1  ? -17.793 17.699  -24.668 1.00 87.08  ? 7  DG B C6    1 
ATOM 14  O O6    . DG A 1 1  ? -18.707 16.912  -24.378 1.00 90.14  ? 7  DG B O6    1 
ATOM 15  N N1    . DG A 1 1  ? -17.714 18.941  -24.035 1.00 87.70  ? 7  DG B N1    1 
ATOM 16  C C2    . DG A 1 1  ? -16.739 19.891  -24.276 1.00 108.90 ? 7  DG B C2    1 
ATOM 17  N N2    . DG A 1 1  ? -16.846 21.049  -23.602 1.00 112.04 ? 7  DG B N2    1 
ATOM 18  N N3    . DG A 1 1  ? -15.739 19.726  -25.130 1.00 90.84  ? 7  DG B N3    1 
ATOM 19  C C4    . DG A 1 1  ? -15.777 18.513  -25.725 1.00 88.82  ? 7  DG B C4    1 
ATOM 20  P P     . DA A 1 2  ? -9.566  19.340  -25.570 1.00 173.80 ? 8  DA B P     1 
ATOM 21  O OP1   . DA A 1 2  ? -8.223  19.808  -25.996 1.00 202.15 ? 8  DA B OP1   1 
ATOM 22  O OP2   . DA A 1 2  ? -9.720  18.111  -24.750 1.00 173.41 ? 8  DA B OP2   1 
ATOM 23  O "O5'" . DA A 1 2  ? -10.249 20.561  -24.808 1.00 155.47 ? 8  DA B "O5'" 1 
ATOM 24  C "C5'" . DA A 1 2  ? -9.480  21.387  -23.897 1.00 148.07 ? 8  DA B "C5'" 1 
ATOM 25  C "C4'" . DA A 1 2  ? -10.420 21.997  -22.881 1.00 155.34 ? 8  DA B "C4'" 1 
ATOM 26  O "O4'" . DA A 1 2  ? -11.742 21.467  -23.116 1.00 139.91 ? 8  DA B "O4'" 1 
ATOM 27  C "C3'" . DA A 1 2  ? -10.086 21.729  -21.411 1.00 156.39 ? 8  DA B "C3'" 1 
ATOM 28  O "O3'" . DA A 1 2  ? -9.745  22.952  -20.757 1.00 171.00 ? 8  DA B "O3'" 1 
ATOM 29  C "C2'" . DA A 1 2  ? -11.355 21.143  -20.813 1.00 143.16 ? 8  DA B "C2'" 1 
ATOM 30  C "C1'" . DA A 1 2  ? -12.394 21.116  -21.914 1.00 134.86 ? 8  DA B "C1'" 1 
ATOM 31  N N9    . DA A 1 2  ? -12.998 19.806  -22.118 1.00 131.13 ? 8  DA B N9    1 
ATOM 32  C C8    . DA A 1 2  ? -12.486 18.774  -22.865 1.00 128.77 ? 8  DA B C8    1 
ATOM 33  N N7    . DA A 1 2  ? -13.254 17.709  -22.892 1.00 142.54 ? 8  DA B N7    1 
ATOM 34  C C5    . DA A 1 2  ? -14.346 18.065  -22.112 1.00 122.79 ? 8  DA B C5    1 
ATOM 35  C C6    . DA A 1 2  ? -15.517 17.373  -21.750 1.00 124.46 ? 8  DA B C6    1 
ATOM 36  N N6    . DA A 1 2  ? -15.788 16.121  -22.129 1.00 133.35 ? 8  DA B N6    1 
ATOM 37  N N1    . DA A 1 2  ? -16.417 18.022  -20.977 1.00 122.34 ? 8  DA B N1    1 
ATOM 38  C C2    . DA A 1 2  ? -16.139 19.279  -20.587 1.00 134.10 ? 8  DA B C2    1 
ATOM 39  N N3    . DA A 1 2  ? -15.070 20.030  -20.859 1.00 122.85 ? 8  DA B N3    1 
ATOM 40  C C4    . DA A 1 2  ? -14.202 19.357  -21.632 1.00 123.32 ? 8  DA B C4    1 
ATOM 41  P P     . DA A 1 3  ? -9.303  22.940  -19.230 1.00 211.19 ? 9  DA B P     1 
ATOM 42  O OP1   . DA A 1 3  ? -8.403  24.106  -19.002 1.00 238.50 ? 9  DA B OP1   1 
ATOM 43  O OP2   . DA A 1 3  ? -8.844  21.568  -18.898 1.00 228.90 ? 9  DA B OP2   1 
ATOM 44  O "O5'" . DA A 1 3  ? -10.670 23.190  -18.450 1.00 195.70 ? 9  DA B "O5'" 1 
ATOM 45  C "C5'" . DA A 1 3  ? -10.692 23.991  -17.255 1.00 182.20 ? 9  DA B "C5'" 1 
ATOM 46  C "C4'" . DA A 1 3  ? -11.819 23.576  -16.337 1.00 168.19 ? 9  DA B "C4'" 1 
ATOM 47  O "O4'" . DA A 1 3  ? -12.894 22.913  -17.039 1.00 165.32 ? 9  DA B "O4'" 1 
ATOM 48  C "C3'" . DA A 1 3  ? -11.407 22.622  -15.223 1.00 145.06 ? 9  DA B "C3'" 1 
ATOM 49  O "O3'" . DA A 1 3  ? -10.925 23.392  -14.130 1.00 153.68 ? 9  DA B "O3'" 1 
ATOM 50  C "C2'" . DA A 1 3  ? -12.670 21.824  -14.945 1.00 135.01 ? 9  DA B "C2'" 1 
ATOM 51  C "C1'" . DA A 1 3  ? -13.421 21.840  -16.262 1.00 149.83 ? 9  DA B "C1'" 1 
ATOM 52  N N9    . DA A 1 3  ? -13.252 20.618  -17.037 1.00 143.96 ? 9  DA B N9    1 
ATOM 53  C C8    . DA A 1 3  ? -12.249 20.348  -17.934 1.00 136.29 ? 9  DA B C8    1 
ATOM 54  N N7    . DA A 1 3  ? -12.344 19.169  -18.496 1.00 133.02 ? 9  DA B N7    1 
ATOM 55  C C5    . DA A 1 3  ? -13.482 18.619  -17.926 1.00 141.71 ? 9  DA B C5    1 
ATOM 56  C C6    . DA A 1 3  ? -14.117 17.376  -18.095 1.00 143.95 ? 9  DA B C6    1 
ATOM 57  N N6    . DA A 1 3  ? -13.676 16.432  -18.928 1.00 126.37 ? 9  DA B N6    1 
ATOM 58  N N1    . DA A 1 3  ? -15.237 17.137  -17.372 1.00 147.88 ? 9  DA B N1    1 
ATOM 59  C C2    . DA A 1 3  ? -15.673 18.089  -16.531 1.00 158.20 ? 9  DA B C2    1 
ATOM 60  N N3    . DA A 1 3  ? -15.151 19.292  -16.275 1.00 150.69 ? 9  DA B N3    1 
ATOM 61  C C4    . DA A 1 3  ? -14.050 19.499  -17.020 1.00 145.74 ? 9  DA B C4    1 
ATOM 62  P P     . DC A 1 4  ? -11.937 24.236  -13.234 1.00 195.70 ? 10 DC B P     1 
ATOM 63  O OP1   . DC A 1 4  ? -12.962 24.847  -14.108 1.00 217.43 ? 10 DC B OP1   1 
ATOM 64  O OP2   . DC A 1 4  ? -11.133 25.102  -12.338 1.00 240.12 ? 10 DC B OP2   1 
ATOM 65  O "O5'" . DC A 1 4  ? -12.701 23.114  -12.404 1.00 187.69 ? 10 DC B "O5'" 1 
ATOM 66  C "C5'" . DC A 1 4  ? -13.993 23.366  -11.813 1.00 182.71 ? 10 DC B "C5'" 1 
ATOM 67  C "C4'" . DC A 1 4  ? -14.509 22.108  -11.154 1.00 178.78 ? 10 DC B "C4'" 1 
ATOM 68  O "O4'" . DC A 1 4  ? -14.716 21.109  -12.176 1.00 157.56 ? 10 DC B "O4'" 1 
ATOM 69  C "C3'" . DC A 1 4  ? -13.548 21.463  -10.142 1.00 169.50 ? 10 DC B "C3'" 1 
ATOM 70  O "O3'" . DC A 1 4  ? -13.707 21.754  -8.739  1.00 165.73 ? 10 DC B "O3'" 1 
ATOM 71  C "C2'" . DC A 1 4  ? -13.633 19.978  -10.443 1.00 143.23 ? 10 DC B "C2'" 1 
ATOM 72  C "C1'" . DC A 1 4  ? -14.686 19.853  -11.535 1.00 132.76 ? 10 DC B "C1'" 1 
ATOM 73  N N1    . DC A 1 4  ? -14.328 18.840  -12.540 1.00 140.42 ? 10 DC B N1    1 
ATOM 74  C C2    . DC A 1 4  ? -15.179 17.744  -12.752 1.00 138.14 ? 10 DC B C2    1 
ATOM 75  O O2    . DC A 1 4  ? -16.242 17.680  -12.117 1.00 135.63 ? 10 DC B O2    1 
ATOM 76  N N3    . DC A 1 4  ? -14.817 16.786  -13.643 1.00 118.72 ? 10 DC B N3    1 
ATOM 77  C C4    . DC A 1 4  ? -13.645 16.883  -14.286 1.00 132.54 ? 10 DC B C4    1 
ATOM 78  N N4    . DC A 1 4  ? -13.319 15.921  -15.152 1.00 133.90 ? 10 DC B N4    1 
ATOM 79  C C5    . DC A 1 4  ? -12.759 17.982  -14.078 1.00 124.21 ? 10 DC B C5    1 
ATOM 80  C C6    . DC A 1 4  ? -13.133 18.923  -13.200 1.00 128.98 ? 10 DC B C6    1 
ATOM 81  P P     . DG A 1 5  ? -15.062 21.443  -7.934  1.00 191.70 ? 11 DG B P     1 
ATOM 82  O OP1   . DG A 1 5  ? -16.141 22.307  -8.484  1.00 233.05 ? 11 DG B OP1   1 
ATOM 83  O OP2   . DG A 1 5  ? -14.738 21.547  -6.482  1.00 202.70 ? 11 DG B OP2   1 
ATOM 84  O "O5'" . DG A 1 5  ? -15.418 19.936  -8.326  1.00 164.58 ? 11 DG B "O5'" 1 
ATOM 85  C "C5'" . DG A 1 5  ? -15.465 18.924  -7.303  1.00 165.40 ? 11 DG B "C5'" 1 
ATOM 86  C "C4'" . DG A 1 5  ? -16.422 17.804  -7.642  1.00 156.94 ? 11 DG B "C4'" 1 
ATOM 87  O "O4'" . DG A 1 5  ? -16.336 17.401  -9.027  1.00 133.94 ? 11 DG B "O4'" 1 
ATOM 88  C "C3'" . DG A 1 5  ? -16.195 16.546  -6.802  1.00 159.60 ? 11 DG B "C3'" 1 
ATOM 89  O "O3'" . DG A 1 5  ? -17.209 16.540  -5.794  1.00 175.79 ? 11 DG B "O3'" 1 
ATOM 90  C "C2'" . DG A 1 5  ? -16.307 15.395  -7.787  1.00 152.05 ? 11 DG B "C2'" 1 
ATOM 91  C "C1'" . DG A 1 5  ? -16.028 16.013  -9.137  1.00 139.99 ? 11 DG B "C1'" 1 
ATOM 92  N N9    . DG A 1 5  ? -14.677 15.925  -9.669  1.00 121.88 ? 11 DG B N9    1 
ATOM 93  C C8    . DG A 1 5  ? -13.704 16.876  -9.500  1.00 138.21 ? 11 DG B C8    1 
ATOM 94  N N7    . DG A 1 5  ? -12.627 16.641  -10.197 1.00 149.60 ? 11 DG B N7    1 
ATOM 95  C C5    . DG A 1 5  ? -12.919 15.483  -10.900 1.00 111.95 ? 11 DG B C5    1 
ATOM 96  C C6    . DG A 1 5  ? -12.130 14.752  -11.828 1.00 111.79 ? 11 DG B C6    1 
ATOM 97  O O6    . DG A 1 5  ? -10.975 14.990  -12.216 1.00 122.21 ? 11 DG B O6    1 
ATOM 98  N N1    . DG A 1 5  ? -12.808 13.636  -12.308 1.00 100.94 ? 11 DG B N1    1 
ATOM 99  C C2    . DG A 1 5  ? -14.083 13.266  -11.935 1.00 124.41 ? 11 DG B C2    1 
ATOM 100 N N2    . DG A 1 5  ? -14.565 12.152  -12.510 1.00 133.28 ? 11 DG B N2    1 
ATOM 101 N N3    . DG A 1 5  ? -14.827 13.937  -11.057 1.00 93.89  ? 11 DG B N3    1 
ATOM 102 C C4    . DG A 1 5  ? -14.190 15.034  -10.596 1.00 104.99 ? 11 DG B C4    1 
ATOM 103 P P     . DA A 1 6  ? -16.984 15.745  -4.444  1.00 212.20 ? 12 DA B P     1 
ATOM 104 O OP1   . DA A 1 6  ? -18.198 15.923  -3.595  1.00 216.04 ? 12 DA B OP1   1 
ATOM 105 O OP2   . DA A 1 6  ? -15.651 16.130  -3.901  1.00 201.87 ? 12 DA B OP2   1 
ATOM 106 O "O5'" . DA A 1 6  ? -16.945 14.239  -4.964  1.00 181.23 ? 12 DA B "O5'" 1 
ATOM 107 C "C5'" . DA A 1 6  ? -18.105 13.631  -5.561  1.00 150.61 ? 12 DA B "C5'" 1 
ATOM 108 C "C4'" . DA A 1 6  ? -17.727 12.302  -6.168  1.00 146.30 ? 12 DA B "C4'" 1 
ATOM 109 O "O4'" . DA A 1 6  ? -16.679 12.490  -7.128  1.00 130.28 ? 12 DA B "O4'" 1 
ATOM 110 C "C3'" . DA A 1 6  ? -17.178 11.300  -5.156  1.00 156.76 ? 12 DA B "C3'" 1 
ATOM 111 O "O3'" . DA A 1 6  ? -18.283 10.495  -4.746  1.00 180.06 ? 12 DA B "O3'" 1 
ATOM 112 C "C2'" . DA A 1 6  ? -16.028 10.601  -5.878  1.00 132.33 ? 12 DA B "C2'" 1 
ATOM 113 C "C1'" . DA A 1 6  ? -15.883 11.318  -7.195  1.00 119.86 ? 12 DA B "C1'" 1 
ATOM 114 N N9    . DA A 1 6  ? -14.547 11.731  -7.611  1.00 118.67 ? 12 DA B N9    1 
ATOM 115 C C8    . DA A 1 6  ? -13.874 12.891  -7.302  1.00 124.52 ? 12 DA B C8    1 
ATOM 116 N N7    . DA A 1 6  ? -12.746 13.040  -7.958  1.00 106.11 ? 12 DA B N7    1 
ATOM 117 C C5    . DA A 1 6  ? -12.694 11.926  -8.786  1.00 108.17 ? 12 DA B C5    1 
ATOM 118 C C6    . DA A 1 6  ? -11.760 11.507  -9.748  1.00 106.68 ? 12 DA B C6    1 
ATOM 119 N N6    . DA A 1 6  ? -10.637 12.170  -10.018 1.00 114.66 ? 12 DA B N6    1 
ATOM 120 N N1    . DA A 1 6  ? -11.993 10.336  -10.388 1.00 121.69 ? 12 DA B N1    1 
ATOM 121 C C2    . DA A 1 6  ? -13.114 9.659   -10.095 1.00 119.18 ? 12 DA B C2    1 
ATOM 122 N N3    . DA A 1 6  ? -14.074 9.955   -9.213  1.00 113.52 ? 12 DA B N3    1 
ATOM 123 C C4    . DA A 1 6  ? -13.800 11.115  -8.586  1.00 109.69 ? 12 DA B C4    1 
ATOM 124 P P     . DC A 1 7  ? -18.048 9.222   -3.840  1.00 198.16 ? 13 DC B P     1 
ATOM 125 O OP1   . DC A 1 7  ? -19.375 8.674   -3.458  1.00 242.52 ? 13 DC B OP1   1 
ATOM 126 O OP2   . DC A 1 7  ? -17.084 9.582   -2.766  1.00 180.20 ? 13 DC B OP2   1 
ATOM 127 O "O5'" . DC A 1 7  ? -17.374 8.232   -4.879  1.00 142.79 ? 13 DC B "O5'" 1 
ATOM 128 C "C5'" . DC A 1 7  ? -16.140 7.645   -4.553  1.00 147.88 ? 13 DC B "C5'" 1 
ATOM 129 C "C4'" . DC A 1 7  ? -15.778 6.676   -5.643  1.00 159.36 ? 13 DC B "C4'" 1 
ATOM 130 O "O4'" . DC A 1 7  ? -14.917 7.340   -6.595  1.00 149.03 ? 13 DC B "O4'" 1 
ATOM 131 C "C3'" . DC A 1 7  ? -14.971 5.503   -5.116  1.00 180.14 ? 13 DC B "C3'" 1 
ATOM 132 O "O3'" . DC A 1 7  ? -15.243 4.369   -5.933  1.00 199.76 ? 13 DC B "O3'" 1 
ATOM 133 C "C2'" . DC A 1 7  ? -13.555 6.022   -5.244  1.00 174.91 ? 13 DC B "C2'" 1 
ATOM 134 C "C1'" . DC A 1 7  ? -13.649 6.698   -6.593  1.00 140.82 ? 13 DC B "C1'" 1 
ATOM 135 N N1    . DC A 1 7  ? -12.626 7.723   -6.816  1.00 135.86 ? 13 DC B N1    1 
ATOM 136 C C2    . DC A 1 7  ? -11.644 7.513   -7.799  1.00 153.34 ? 13 DC B C2    1 
ATOM 137 O O2    . DC A 1 7  ? -11.663 6.454   -8.450  1.00 173.37 ? 13 DC B O2    1 
ATOM 138 N N3    . DC A 1 7  ? -10.696 8.466   -8.004  1.00 106.00 ? 13 DC B N3    1 
ATOM 139 C C4    . DC A 1 7  ? -10.706 9.584   -7.267  1.00 115.67 ? 13 DC B C4    1 
ATOM 140 N N4    . DC A 1 7  ? -9.764  10.507  -7.504  1.00 95.85  ? 13 DC B N4    1 
ATOM 141 C C5    . DC A 1 7  ? -11.693 9.817   -6.257  1.00 104.75 ? 13 DC B C5    1 
ATOM 142 C C6    . DC A 1 7  ? -12.625 8.872   -6.070  1.00 116.76 ? 13 DC B C6    1 
ATOM 143 P P     . DA A 1 8  ? -14.428 3.044   -5.698  1.00 211.90 ? 14 DA B P     1 
ATOM 144 O OP1   . DA A 1 8  ? -15.057 1.947   -6.478  1.00 244.43 ? 14 DA B OP1   1 
ATOM 145 O OP2   . DA A 1 8  ? -14.187 2.893   -4.241  1.00 210.60 ? 14 DA B OP2   1 
ATOM 146 O "O5'" . DA A 1 8  ? -13.019 3.373   -6.337  1.00 159.21 ? 14 DA B "O5'" 1 
ATOM 147 C "C5'" . DA A 1 8  ? -12.041 2.378   -6.191  1.00 151.18 ? 14 DA B "C5'" 1 
ATOM 148 C "C4'" . DA A 1 8  ? -11.560 2.003   -7.563  1.00 145.95 ? 14 DA B "C4'" 1 
ATOM 149 O "O4'" . DA A 1 8  ? -11.055 3.187   -8.220  1.00 135.14 ? 14 DA B "O4'" 1 
ATOM 150 C "C3'" . DA A 1 8  ? -10.383 1.062   -7.492  1.00 141.24 ? 14 DA B "C3'" 1 
ATOM 151 O "O3'" . DA A 1 8  ? -10.353 0.401   -8.746  1.00 147.54 ? 14 DA B "O3'" 1 
ATOM 152 C "C2'" . DA A 1 8  ? -9.250  2.031   -7.225  1.00 145.03 ? 14 DA B "C2'" 1 
ATOM 153 C "C1'" . DA A 1 8  ? -9.642  3.235   -8.081  1.00 143.86 ? 14 DA B "C1'" 1 
ATOM 154 N N9    . DA A 1 8  ? -9.296  4.510   -7.451  1.00 150.26 ? 14 DA B N9    1 
ATOM 155 C C8    . DA A 1 8  ? -9.914  5.106   -6.377  1.00 144.98 ? 14 DA B C8    1 
ATOM 156 N N7    . DA A 1 8  ? -9.360  6.237   -6.009  1.00 132.81 ? 14 DA B N7    1 
ATOM 157 C C5    . DA A 1 8  ? -8.299  6.390   -6.891  1.00 129.24 ? 14 DA B C5    1 
ATOM 158 C C6    . DA A 1 8  ? -7.316  7.386   -7.020  1.00 134.63 ? 14 DA B C6    1 
ATOM 159 N N6    . DA A 1 8  ? -7.246  8.458   -6.226  1.00 133.81 ? 14 DA B N6    1 
ATOM 160 N N1    . DA A 1 8  ? -6.398  7.242   -8.004  1.00 128.05 ? 14 DA B N1    1 
ATOM 161 C C2    . DA A 1 8  ? -6.471  6.163   -8.795  1.00 134.55 ? 14 DA B C2    1 
ATOM 162 N N3    . DA A 1 8  ? -7.352  5.160   -8.774  1.00 140.46 ? 14 DA B N3    1 
ATOM 163 C C4    . DA A 1 8  ? -8.248  5.335   -7.785  1.00 135.13 ? 14 DA B C4    1 
ATOM 164 P P     . DC A 1 9  ? -9.106  -0.473  -9.124  1.00 183.08 ? 15 DC B P     1 
ATOM 165 O OP1   . DC A 1 9  ? -9.306  -1.018  -10.487 1.00 194.36 ? 15 DC B OP1   1 
ATOM 166 O OP2   . DC A 1 9  ? -8.810  -1.389  -7.984  1.00 136.40 ? 15 DC B OP2   1 
ATOM 167 O "O5'" . DC A 1 9  ? -7.957  0.609   -9.251  1.00 143.10 ? 15 DC B "O5'" 1 
ATOM 168 C "C5'" . DC A 1 9  ? -6.656  0.198   -8.900  1.00 148.34 ? 15 DC B "C5'" 1 
ATOM 169 C "C4'" . DC A 1 9  ? -5.674  0.950   -9.750  1.00 146.45 ? 15 DC B "C4'" 1 
ATOM 170 O "O4'" . DC A 1 9  ? -5.750  2.347   -9.415  1.00 141.21 ? 15 DC B "O4'" 1 
ATOM 171 C "C3'" . DC A 1 9  ? -4.245  0.513   -9.474  1.00 148.81 ? 15 DC B "C3'" 1 
ATOM 172 O "O3'" . DC A 1 9  ? -3.542  0.445   -10.695 1.00 175.76 ? 15 DC B "O3'" 1 
ATOM 173 C "C2'" . DC A 1 9  ? -3.716  1.549   -8.505  1.00 140.99 ? 15 DC B "C2'" 1 
ATOM 174 C "C1'" . DC A 1 9  ? -4.536  2.779   -8.813  1.00 144.04 ? 15 DC B "C1'" 1 
ATOM 175 N N1    . DC A 1 9  ? -4.873  3.550   -7.609  1.00 130.22 ? 15 DC B N1    1 
ATOM 176 C C2    . DC A 1 9  ? -4.030  4.602   -7.245  1.00 120.12 ? 15 DC B C2    1 
ATOM 177 O O2    . DC A 1 9  ? -3.046  4.846   -7.956  1.00 118.88 ? 15 DC B O2    1 
ATOM 178 N N3    . DC A 1 9  ? -4.323  5.341   -6.148  1.00 115.38 ? 15 DC B N3    1 
ATOM 179 C C4    . DC A 1 9  ? -5.392  5.037   -5.407  1.00 127.70 ? 15 DC B C4    1 
ATOM 180 N N4    . DC A 1 9  ? -5.637  5.780   -4.324  1.00 130.62 ? 15 DC B N4    1 
ATOM 181 C C5    . DC A 1 9  ? -6.261  3.954   -5.746  1.00 113.60 ? 15 DC B C5    1 
ATOM 182 C C6    . DC A 1 9  ? -5.957  3.235   -6.837  1.00 112.66 ? 15 DC B C6    1 
ATOM 183 P P     . DT A 1 10 ? -2.208  -0.380  -10.741 1.00 225.14 ? 16 DT B P     1 
ATOM 184 O OP1   . DT A 1 10 ? -1.867  -0.634  -12.169 1.00 256.50 ? 16 DT B OP1   1 
ATOM 185 O OP2   . DT A 1 10 ? -2.337  -1.516  -9.784  1.00 221.61 ? 16 DT B OP2   1 
ATOM 186 O "O5'" . DT A 1 10 ? -1.167  0.662   -10.152 1.00 169.33 ? 16 DT B "O5'" 1 
ATOM 187 C "C5'" . DT A 1 10 ? -0.945  1.906   -10.817 1.00 139.54 ? 16 DT B "C5'" 1 
ATOM 188 C "C4'" . DT A 1 10 ? 0.120   2.675   -10.079 1.00 138.83 ? 16 DT B "C4'" 1 
ATOM 189 O "O4'" . DT A 1 10 ? -0.437  3.310   -8.906  1.00 145.89 ? 16 DT B "O4'" 1 
ATOM 190 C "C3'" . DT A 1 10 ? 1.297   1.835   -9.566  1.00 147.49 ? 16 DT B "C3'" 1 
ATOM 191 O "O3'" . DT A 1 10 ? 2.460   2.407   -10.154 1.00 158.72 ? 16 DT B "O3'" 1 
ATOM 192 C "C2'" . DT A 1 10 ? 1.219   1.986   -8.051  1.00 128.37 ? 16 DT B "C2'" 1 
ATOM 193 C "C1'" . DT A 1 10 ? 0.624   3.369   -7.968  1.00 129.39 ? 16 DT B "C1'" 1 
ATOM 194 N N1    . DT A 1 10 ? 0.080   3.864   -6.668  1.00 118.79 ? 16 DT B N1    1 
ATOM 195 C C2    . DT A 1 10 ? 0.582   5.043   -6.148  1.00 118.98 ? 16 DT B C2    1 
ATOM 196 O O2    . DT A 1 10 ? 1.482   5.686   -6.673  1.00 135.13 ? 16 DT B O2    1 
ATOM 197 N N3    . DT A 1 10 ? -0.009  5.442   -4.979  1.00 96.76  ? 16 DT B N3    1 
ATOM 198 C C4    . DT A 1 10 ? -1.020  4.796   -4.288  1.00 104.88 ? 16 DT B C4    1 
ATOM 199 O O4    . DT A 1 10 ? -1.452  5.270   -3.243  1.00 144.84 ? 16 DT B O4    1 
ATOM 200 C C5    . DT A 1 10 ? -1.500  3.584   -4.887  1.00 91.00  ? 16 DT B C5    1 
ATOM 201 C C7    . DT A 1 10 ? -2.602  2.835   -4.204  1.00 100.60 ? 16 DT B C7    1 
ATOM 202 C C6    . DT A 1 10 ? -0.947  3.189   -6.041  1.00 99.59  ? 16 DT B C6    1 
ATOM 203 P P     . DG A 1 11 ? 3.853   1.713   -9.979  1.00 166.48 ? 17 DG B P     1 
ATOM 204 O OP1   . DG A 1 11 ? 4.415   1.473   -11.344 1.00 185.50 ? 17 DG B OP1   1 
ATOM 205 O OP2   . DG A 1 11 ? 3.655   0.562   -9.062  1.00 163.71 ? 17 DG B OP2   1 
ATOM 206 O "O5'" . DG A 1 11 ? 4.694   2.844   -9.225  1.00 180.46 ? 17 DG B "O5'" 1 
ATOM 207 C "C5'" . DG A 1 11 ? 4.331   3.249   -7.887  1.00 165.16 ? 17 DG B "C5'" 1 
ATOM 208 C "C4'" . DG A 1 11 ? 5.477   3.917   -7.163  1.00 153.56 ? 17 DG B "C4'" 1 
ATOM 209 O "O4'" . DG A 1 11 ? 4.989   4.488   -5.930  1.00 168.62 ? 17 DG B "O4'" 1 
ATOM 210 C "C3'" . DG A 1 11 ? 6.569   2.968   -6.709  1.00 136.27 ? 17 DG B "C3'" 1 
ATOM 211 O "O3'" . DG A 1 11 ? 7.741   3.741   -6.477  1.00 153.66 ? 17 DG B "O3'" 1 
ATOM 212 C "C2'" . DG A 1 11 ? 5.987   2.402   -5.428  1.00 129.88 ? 17 DG B "C2'" 1 
ATOM 213 C "C1'" . DG A 1 11 ? 5.186   3.567   -4.862  1.00 124.82 ? 17 DG B "C1'" 1 
ATOM 214 N N9    . DG A 1 11 ? 3.872   3.182   -4.352  1.00 105.36 ? 17 DG B N9    1 
ATOM 215 C C8    . DG A 1 11 ? 3.080   2.160   -4.818  1.00 104.72 ? 17 DG B C8    1 
ATOM 216 N N7    . DG A 1 11 ? 1.966   2.029   -4.148  1.00 100.05 ? 17 DG B N7    1 
ATOM 217 C C5    . DG A 1 11 ? 2.009   3.044   -3.206  1.00 88.90  ? 17 DG B C5    1 
ATOM 218 C C6    . DG A 1 11 ? 1.077   3.395   -2.200  1.00 87.62  ? 17 DG B C6    1 
ATOM 219 O O6    . DG A 1 11 ? -0.017  2.879   -1.954  1.00 90.18  ? 17 DG B O6    1 
ATOM 220 N N1    . DG A 1 11 ? 1.535   4.459   -1.426  1.00 85.47  ? 17 DG B N1    1 
ATOM 221 C C2    . DG A 1 11 ? 2.740   5.099   -1.600  1.00 101.69 ? 17 DG B C2    1 
ATOM 222 N N2    . DG A 1 11 ? 3.003   6.099   -0.750  1.00 106.79 ? 17 DG B N2    1 
ATOM 223 N N3    . DG A 1 11 ? 3.614   4.792   -2.548  1.00 93.53  ? 17 DG B N3    1 
ATOM 224 C C4    . DG A 1 11 ? 3.184   3.763   -3.312  1.00 94.85  ? 17 DG B C4    1 
ATOM 225 P P     . DA A 1 12 ? 8.947   3.123   -5.640  1.00 165.84 ? 18 DA B P     1 
ATOM 226 O OP1   . DA A 1 12 ? 10.227  3.675   -6.186  1.00 140.93 ? 18 DA B OP1   1 
ATOM 227 O OP2   . DA A 1 12 ? 8.739   1.643   -5.557  1.00 124.21 ? 18 DA B OP2   1 
ATOM 228 O "O5'" . DA A 1 12 ? 8.763   3.782   -4.206  1.00 120.16 ? 18 DA B "O5'" 1 
ATOM 229 C "C5'" . DA A 1 12 ? 9.922   4.404   -3.600  1.00 136.05 ? 18 DA B "C5'" 1 
ATOM 230 C "C4'" . DA A 1 12 ? 9.545   5.038   -2.281  1.00 135.08 ? 18 DA B "C4'" 1 
ATOM 231 O "O4'" . DA A 1 12 ? 8.111   5.053   -2.133  1.00 137.04 ? 18 DA B "O4'" 1 
ATOM 232 C "C3'" . DA A 1 12 ? 10.079  4.286   -1.074  1.00 114.17 ? 18 DA B "C3'" 1 
ATOM 233 O "O3'" . DA A 1 12 ? 11.172  4.980   -0.524  1.00 118.51 ? 18 DA B "O3'" 1 
ATOM 234 C "C2'" . DA A 1 12 ? 8.975   4.381   -0.047  1.00 102.55 ? 18 DA B "C2'" 1 
ATOM 235 C "C1'" . DA A 1 12 ? 7.729   4.625   -0.834  1.00 124.95 ? 18 DA B "C1'" 1 
ATOM 236 N N9    . DA A 1 12 ? 6.813   3.510   -0.997  1.00 122.34 ? 18 DA B N9    1 
ATOM 237 C C8    . DA A 1 12 ? 6.794   2.564   -1.991  1.00 124.65 ? 18 DA B C8    1 
ATOM 238 N N7    . DA A 1 12 ? 5.748   1.777   -1.948  1.00 111.41 ? 18 DA B N7    1 
ATOM 239 C C5    . DA A 1 12 ? 5.015   2.258   -0.872  1.00 82.43  ? 18 DA B C5    1 
ATOM 240 C C6    . DA A 1 12 ? 3.792   1.860   -0.310  1.00 88.50  ? 18 DA B C6    1 
ATOM 241 N N6    . DA A 1 12 ? 3.075   0.833   -0.762  1.00 96.21  ? 18 DA B N6    1 
ATOM 242 N N1    . DA A 1 12 ? 3.342   2.541   0.766   1.00 87.49  ? 18 DA B N1    1 
ATOM 243 C C2    . DA A 1 12 ? 4.075   3.567   1.223   1.00 112.20 ? 18 DA B C2    1 
ATOM 244 N N3    . DA A 1 12 ? 5.242   4.036   0.778   1.00 93.45  ? 18 DA B N3    1 
ATOM 245 C C4    . DA A 1 12 ? 5.650   3.339   -0.293  1.00 94.22  ? 18 DA B C4    1 
ATOM 246 P P     . DC A 1 13 ? 11.906  4.311   0.676   1.00 174.76 ? 19 DC B P     1 
ATOM 247 O OP1   . DC A 1 13 ? 12.956  5.259   1.144   1.00 184.97 ? 19 DC B OP1   1 
ATOM 248 O OP2   . DC A 1 13 ? 12.286  2.938   0.244   1.00 163.46 ? 19 DC B OP2   1 
ATOM 249 O "O5'" . DC A 1 13 ? 10.749  4.178   1.766   1.00 115.48 ? 19 DC B "O5'" 1 
ATOM 250 C "C5'" . DC A 1 13 ? 10.426  5.307   2.584   1.00 127.75 ? 19 DC B "C5'" 1 
ATOM 251 C "C4'" . DC A 1 13 ? 9.331   4.929   3.548   1.00 129.04 ? 19 DC B "C4'" 1 
ATOM 252 O "O4'" . DC A 1 13 ? 8.289   4.229   2.872   1.00 125.51 ? 19 DC B "O4'" 1 
ATOM 253 C "C3'" . DC A 1 13 ? 9.791   3.932   4.587   1.00 130.85 ? 19 DC B "C3'" 1 
ATOM 254 O "O3'" . DC A 1 13 ? 10.118  4.458   5.849   1.00 126.32 ? 19 DC B "O3'" 1 
ATOM 255 C "C2'" . DC A 1 13 ? 8.575   3.076   4.857   1.00 118.90 ? 19 DC B "C2'" 1 
ATOM 256 C "C1'" . DC A 1 13 ? 7.565   3.555   3.877   1.00 110.26 ? 19 DC B "C1'" 1 
ATOM 257 N N1    . DC A 1 13 ? 6.854   2.463   3.240   1.00 106.98 ? 19 DC B N1    1 
ATOM 258 C C2    . DC A 1 13 ? 5.681   1.948   3.818   1.00 110.68 ? 19 DC B C2    1 
ATOM 259 O O2    . DC A 1 13 ? 5.287   2.402   4.908   1.00 105.53 ? 19 DC B O2    1 
ATOM 260 N N3    . DC A 1 13 ? 5.010   0.971   3.171   1.00 85.08  ? 19 DC B N3    1 
ATOM 261 C C4    . DC A 1 13 ? 5.475   0.503   2.007   1.00 85.46  ? 19 DC B C4    1 
ATOM 262 N N4    . DC A 1 13 ? 4.794   -0.462  1.402   1.00 84.15  ? 19 DC B N4    1 
ATOM 263 C C5    . DC A 1 13 ? 6.669   0.995   1.418   1.00 91.39  ? 19 DC B C5    1 
ATOM 264 C C6    . DC A 1 13 ? 7.320   1.964   2.059   1.00 99.10  ? 19 DC B C6    1 
ATOM 265 P P     . DG A 1 14 ? 10.843  3.486   6.786   1.00 129.67 ? 20 DG B P     1 
ATOM 266 O OP1   . DG A 1 14 ? 11.636  4.320   7.727   1.00 168.69 ? 20 DG B OP1   1 
ATOM 267 O OP2   . DG A 1 14 ? 11.566  2.487   5.912   1.00 103.13 ? 20 DG B OP2   1 
ATOM 268 O "O5'" . DG A 1 14 ? 9.614   2.791   7.524   1.00 87.21  ? 20 DG B "O5'" 1 
ATOM 269 C "C5'" . DG A 1 14 ? 9.075   3.487   8.664   1.00 118.22 ? 20 DG B "C5'" 1 
ATOM 270 C "C4'" . DG A 1 14 ? 7.690   2.992   8.990   1.00 113.42 ? 20 DG B "C4'" 1 
ATOM 271 O "O4'" . DG A 1 14 ? 7.196   2.430   7.781   1.00 107.77 ? 20 DG B "O4'" 1 
ATOM 272 C "C3'" . DG A 1 14 ? 7.608   1.849   10.000  1.00 132.93 ? 20 DG B "C3'" 1 
ATOM 273 O "O3'" . DG A 1 14 ? 7.437   2.329   11.334  1.00 148.73 ? 20 DG B "O3'" 1 
ATOM 274 C "C2'" . DG A 1 14 ? 6.386   1.074   9.545   1.00 116.94 ? 20 DG B "C2'" 1 
ATOM 275 C "C1'" . DG A 1 14 ? 6.207   1.482   8.101   1.00 113.41 ? 20 DG B "C1'" 1 
ATOM 276 N N9    . DG A 1 14 ? 6.298   0.420   7.118   1.00 110.41 ? 20 DG B N9    1 
ATOM 277 C C8    . DG A 1 14 ? 7.235   0.280   6.120   1.00 108.40 ? 20 DG B C8    1 
ATOM 278 N N7    . DG A 1 14 ? 6.971   -0.707  5.307   1.00 96.39  ? 20 DG B N7    1 
ATOM 279 C C5    . DG A 1 14 ? 5.802   -1.258  5.810   1.00 76.49  ? 20 DG B C5    1 
ATOM 280 C C6    . DG A 1 14 ? 5.042   -2.333  5.340   1.00 77.07  ? 20 DG B C6    1 
ATOM 281 O O6    . DG A 1 14 ? 5.289   -3.081  4.393   1.00 102.77 ? 20 DG B O6    1 
ATOM 282 N N1    . DG A 1 14 ? 3.902   -2.536  6.112   1.00 76.86  ? 20 DG B N1    1 
ATOM 283 C C2    . DG A 1 14 ? 3.533   -1.768  7.190   1.00 105.32 ? 20 DG B C2    1 
ATOM 284 N N2    . DG A 1 14 ? 2.386   -2.116  7.807   1.00 112.36 ? 20 DG B N2    1 
ATOM 285 N N3    . DG A 1 14 ? 4.257   -0.764  7.658   1.00 83.79  ? 20 DG B N3    1 
ATOM 286 C C4    . DG A 1 14 ? 5.378   -0.577  6.930   1.00 82.05  ? 20 DG B C4    1 
ATOM 287 P P     . DT A 1 15 ? 6.884   1.366   12.476  1.00 136.37 ? 21 DT B P     1 
ATOM 288 O OP1   . DT A 1 15 ? 5.408   1.503   12.512  1.00 149.26 ? 21 DT B OP1   1 
ATOM 289 O OP2   . DT A 1 15 ? 7.666   1.617   13.708  1.00 177.33 ? 21 DT B OP2   1 
ATOM 290 O "O5'" . DT A 1 15 ? 7.319   -0.086  11.998  1.00 139.49 ? 21 DT B "O5'" 1 
ATOM 291 C "C5'" . DT A 1 15 ? 6.825   -1.218  12.736  1.00 142.99 ? 21 DT B "C5'" 1 
ATOM 292 C "C4'" . DT A 1 15 ? 5.364   -1.422  12.415  1.00 111.85 ? 21 DT B "C4'" 1 
ATOM 293 O "O4'" . DT A 1 15 ? 5.304   -1.516  10.990  1.00 121.89 ? 21 DT B "O4'" 1 
ATOM 294 C "C3'" . DT A 1 15 ? 4.729   -2.702  12.940  1.00 117.74 ? 21 DT B "C3'" 1 
ATOM 295 O "O3'" . DT A 1 15 ? 3.842   -2.463  14.028  1.00 115.05 ? 21 DT B "O3'" 1 
ATOM 296 C "C2'" . DT A 1 15 ? 3.793   -3.121  11.831  1.00 108.72 ? 21 DT B "C2'" 1 
ATOM 297 C "C1'" . DT A 1 15 ? 4.341   -2.466  10.595  1.00 108.99 ? 21 DT B "C1'" 1 
ATOM 298 N N1    . DT A 1 15 ? 4.940   -3.350  9.567   1.00 87.71  ? 21 DT B N1    1 
ATOM 299 C C2    . DT A 1 15 ? 4.125   -4.355  9.091   1.00 88.47  ? 21 DT B C2    1 
ATOM 300 O O2    . DT A 1 15 ? 3.006   -4.577  9.537   1.00 101.75 ? 21 DT B O2    1 
ATOM 301 N N3    . DT A 1 15 ? 4.653   -5.077  8.046   1.00 84.60  ? 21 DT B N3    1 
ATOM 302 C C4    . DT A 1 15 ? 5.856   -4.854  7.399   1.00 93.70  ? 21 DT B C4    1 
ATOM 303 O O4    . DT A 1 15 ? 6.187   -5.568  6.446   1.00 78.93  ? 21 DT B O4    1 
ATOM 304 C C5    . DT A 1 15 ? 6.632   -3.738  7.911   1.00 78.16  ? 21 DT B C5    1 
ATOM 305 C C7    . DT A 1 15 ? 7.981   -3.468  7.317   1.00 55.30  ? 21 DT B C7    1 
ATOM 306 C C6    . DT A 1 15 ? 6.134   -3.040  8.944   1.00 74.86  ? 21 DT B C6    1 
ATOM 307 P P     . DG A 1 16 ? 3.176   -3.688  14.772  1.00 127.76 ? 22 DG B P     1 
ATOM 308 O OP1   . DG A 1 16 ? 1.909   -3.203  15.400  1.00 127.75 ? 22 DG B OP1   1 
ATOM 309 O OP2   . DG A 1 16 ? 4.235   -4.339  15.588  1.00 121.42 ? 22 DG B OP2   1 
ATOM 310 O "O5'" . DG A 1 16 ? 2.864   -4.737  13.617  1.00 110.19 ? 22 DG B "O5'" 1 
ATOM 311 C "C5'" . DG A 1 16 ? 1.514   -5.061  13.221  1.00 125.48 ? 22 DG B "C5'" 1 
ATOM 312 C "C4'" . DG A 1 16 ? 1.359   -6.540  12.928  1.00 141.71 ? 22 DG B "C4'" 1 
ATOM 313 O "O4'" . DG A 1 16 ? 1.776   -6.873  11.580  1.00 145.16 ? 22 DG B "O4'" 1 
ATOM 314 C "C3'" . DG A 1 16 ? 2.140   -7.470  13.846  1.00 144.80 ? 22 DG B "C3'" 1 
ATOM 315 O "O3'" . DG A 1 16 ? 1.277   -7.939  14.880  1.00 154.61 ? 22 DG B "O3'" 1 
ATOM 316 C "C2'" . DG A 1 16 ? 2.519   -8.637  12.952  1.00 136.76 ? 22 DG B "C2'" 1 
ATOM 317 C "C1'" . DG A 1 16 ? 2.482   -8.115  11.541  1.00 120.32 ? 22 DG B "C1'" 1 
ATOM 318 N N9    . DG A 1 16 ? 3.802   -7.849  10.991  1.00 95.78  ? 22 DG B N9    1 
ATOM 319 C C8    . DG A 1 16 ? 4.707   -6.948  11.497  1.00 121.34 ? 22 DG B C8    1 
ATOM 320 N N7    . DG A 1 16 ? 5.789   -6.843  10.770  1.00 120.05 ? 22 DG B N7    1 
ATOM 321 C C5    . DG A 1 16 ? 5.597   -7.744  9.733   1.00 90.23  ? 22 DG B C5    1 
ATOM 322 C C6    . DG A 1 16 ? 6.432   -8.059  8.627   1.00 91.63  ? 22 DG B C6    1 
ATOM 323 O O6    . DG A 1 16 ? 7.558   -7.618  8.361   1.00 95.33  ? 22 DG B O6    1 
ATOM 324 N N1    . DG A 1 16 ? 5.847   -9.008  7.799   1.00 76.14  ? 22 DG B N1    1 
ATOM 325 C C2    . DG A 1 16 ? 4.635   -9.611  8.027   1.00 94.08  ? 22 DG B C2    1 
ATOM 326 N N2    . DG A 1 16 ? 4.255   -10.511 7.110   1.00 86.49  ? 22 DG B N2    1 
ATOM 327 N N3    . DG A 1 16 ? 3.845   -9.334  9.066   1.00 74.44  ? 22 DG B N3    1 
ATOM 328 C C4    . DG A 1 16 ? 4.379   -8.384  9.860   1.00 83.18  ? 22 DG B C4    1 
ATOM 329 P P     . DG A 1 17 ? 1.661   -9.253  15.667  1.00 159.19 ? 23 DG B P     1 
ATOM 330 O OP1   . DG A 1 17 ? 0.757   -9.373  16.836  1.00 185.46 ? 23 DG B OP1   1 
ATOM 331 O OP2   . DG A 1 17 ? 3.135   -9.240  15.857  1.00 147.37 ? 23 DG B OP2   1 
ATOM 332 O "O5'" . DG A 1 17 ? 1.288   -10.414 14.647  1.00 113.95 ? 23 DG B "O5'" 1 
ATOM 333 C "C5'" . DG A 1 17 ? -0.046  -10.919 14.523  1.00 98.03  ? 23 DG B "C5'" 1 
ATOM 334 C "C4'" . DG A 1 17 ? 0.028   -12.143 13.644  1.00 111.16 ? 23 DG B "C4'" 1 
ATOM 335 O "O4'" . DG A 1 17 ? 1.067   -11.987 12.647  1.00 122.12 ? 23 DG B "O4'" 1 
ATOM 336 C "C3'" . DG A 1 17 ? 0.407   -13.424 14.366  1.00 116.46 ? 23 DG B "C3'" 1 
ATOM 337 O "O3'" . DG A 1 17 ? -0.218  -14.462 13.617  1.00 149.12 ? 23 DG B "O3'" 1 
ATOM 338 C "C2'" . DG A 1 17 ? 1.913   -13.473 14.208  1.00 94.60  ? 23 DG B "C2'" 1 
ATOM 339 C "C1'" . DG A 1 17 ? 2.071   -12.999 12.791  1.00 86.85  ? 23 DG B "C1'" 1 
ATOM 340 N N9    . DG A 1 17 ? 3.353   -12.367 12.490  1.00 85.70  ? 23 DG B N9    1 
ATOM 341 C C8    . DG A 1 17 ? 3.902   -11.314 13.181  1.00 89.75  ? 23 DG B C8    1 
ATOM 342 N N7    . DG A 1 17 ? 5.044   -10.914 12.687  1.00 82.36  ? 23 DG B N7    1 
ATOM 343 C C5    . DG A 1 17 ? 5.233   -11.710 11.566  1.00 73.35  ? 23 DG B C5    1 
ATOM 344 C C6    . DG A 1 17 ? 6.259   -11.686 10.591  1.00 91.49  ? 23 DG B C6    1 
ATOM 345 O O6    . DG A 1 17 ? 7.271   -10.980 10.562  1.00 127.07 ? 23 DG B O6    1 
ATOM 346 N N1    . DG A 1 17 ? 6.073   -12.665 9.625   1.00 78.65  ? 23 DG B N1    1 
ATOM 347 C C2    . DG A 1 17 ? 5.008   -13.527 9.574   1.00 97.77  ? 23 DG B C2    1 
ATOM 348 N N2    . DG A 1 17 ? 5.001   -14.385 8.536   1.00 86.87  ? 23 DG B N2    1 
ATOM 349 N N3    . DG A 1 17 ? 4.014   -13.536 10.462  1.00 73.85  ? 23 DG B N3    1 
ATOM 350 C C4    . DG A 1 17 ? 4.196   -12.612 11.426  1.00 66.93  ? 23 DG B C4    1 
ATOM 351 P P     . DA A 1 18 ? -0.147  -15.938 14.135  1.00 155.62 ? 24 DA B P     1 
ATOM 352 O OP1   . DA A 1 18 ? -1.147  -16.759 13.405  1.00 116.96 ? 24 DA B OP1   1 
ATOM 353 O OP2   . DA A 1 18 ? -0.099  -15.914 15.629  1.00 132.29 ? 24 DA B OP2   1 
ATOM 354 O "O5'" . DA A 1 18 ? 1.249   -16.416 13.571  1.00 132.13 ? 24 DA B "O5'" 1 
ATOM 355 C "C5'" . DA A 1 18 ? 1.589   -17.749 13.850  1.00 125.50 ? 24 DA B "C5'" 1 
ATOM 356 C "C4'" . DA A 1 18 ? 1.746   -18.483 12.546  1.00 116.87 ? 24 DA B "C4'" 1 
ATOM 357 O "O4'" . DA A 1 18 ? 2.505   -17.652 11.657  1.00 114.25 ? 24 DA B "O4'" 1 
ATOM 358 C "C3'" . DA A 1 18 ? 2.588   -19.730 12.730  1.00 122.90 ? 24 DA B "C3'" 1 
ATOM 359 O "O3'" . DA A 1 18 ? 2.321   -20.746 11.775  1.00 124.85 ? 24 DA B "O3'" 1 
ATOM 360 C "C2'" . DA A 1 18 ? 4.003   -19.192 12.667  1.00 108.67 ? 24 DA B "C2'" 1 
ATOM 361 C "C1'" . DA A 1 18 ? 3.882   -18.021 11.724  1.00 105.45 ? 24 DA B "C1'" 1 
ATOM 362 N N9    . DA A 1 18 ? 4.631   -16.857 12.173  1.00 97.88  ? 24 DA B N9    1 
ATOM 363 C C8    . DA A 1 18 ? 4.374   -15.978 13.200  1.00 102.96 ? 24 DA B C8    1 
ATOM 364 N N7    . DA A 1 18 ? 5.268   -15.024 13.313  1.00 108.10 ? 24 DA B N7    1 
ATOM 365 C C5    . DA A 1 18 ? 6.164   -15.283 12.285  1.00 86.72  ? 24 DA B C5    1 
ATOM 366 C C6    . DA A 1 18 ? 7.307   -14.601 11.830  1.00 74.23  ? 24 DA B C6    1 
ATOM 367 N N6    . DA A 1 18 ? 7.808   -13.522 12.428  1.00 97.93  ? 24 DA B N6    1 
ATOM 368 N N1    . DA A 1 18 ? 7.966   -15.114 10.769  1.00 69.96  ? 24 DA B N1    1 
ATOM 369 C C2    . DA A 1 18 ? 7.506   -16.252 10.217  1.00 92.30  ? 24 DA B C2    1 
ATOM 370 N N3    . DA A 1 18 ? 6.425   -16.968 10.536  1.00 78.20  ? 24 DA B N3    1 
ATOM 371 C C4    . DA A 1 18 ? 5.785   -16.415 11.580  1.00 80.41  ? 24 DA B C4    1 
ATOM 372 P P     . DC A 1 19 ? 2.989   -22.149 12.031  1.00 159.55 ? 25 DC B P     1 
ATOM 373 O OP1   . DC A 1 19 ? 2.518   -23.101 10.983  1.00 155.48 ? 25 DC B OP1   1 
ATOM 374 O OP2   . DC A 1 19 ? 2.841   -22.480 13.472  1.00 179.95 ? 25 DC B OP2   1 
ATOM 375 O "O5'" . DC A 1 19 ? 4.524   -21.803 11.849  1.00 107.09 ? 25 DC B "O5'" 1 
ATOM 376 C "C5'" . DC A 1 19 ? 4.978   -21.660 10.525  1.00 111.89 ? 25 DC B "C5'" 1 
ATOM 377 C "C4'" . DC A 1 19 ? 6.459   -21.403 10.530  1.00 126.71 ? 25 DC B "C4'" 1 
ATOM 378 O "O4'" . DC A 1 19 ? 6.723   -20.096 11.077  1.00 110.47 ? 25 DC B "O4'" 1 
ATOM 379 C "C3'" . DC A 1 19 ? 7.305   -22.376 11.362  1.00 129.61 ? 25 DC B "C3'" 1 
ATOM 380 O "O3'" . DC A 1 19 ? 8.139   -23.162 10.503  1.00 142.43 ? 25 DC B "O3'" 1 
ATOM 381 C "C2'" . DC A 1 19 ? 8.119   -21.449 12.251  1.00 125.34 ? 25 DC B "C2'" 1 
ATOM 382 C "C1'" . DC A 1 19 ? 8.069   -20.187 11.437  1.00 95.24  ? 25 DC B "C1'" 1 
ATOM 383 N N1    . DC A 1 19 ? 8.433   -18.983 12.162  1.00 71.31  ? 25 DC B N1    1 
ATOM 384 C C2    . DC A 1 19 ? 9.640   -18.359 11.844  1.00 81.51  ? 25 DC B C2    1 
ATOM 385 O O2    . DC A 1 19 ? 10.355  -18.857 10.964  1.00 122.40 ? 25 DC B O2    1 
ATOM 386 N N3    . DC A 1 19 ? 10.004  -17.235 12.510  1.00 67.72  ? 25 DC B N3    1 
ATOM 387 C C4    . DC A 1 19 ? 9.219   -16.759 13.486  1.00 89.71  ? 25 DC B C4    1 
ATOM 388 N N4    . DC A 1 19 ? 9.615   -15.663 14.136  1.00 100.57 ? 25 DC B N4    1 
ATOM 389 C C5    . DC A 1 19 ? 7.976   -17.371 13.820  1.00 80.77  ? 25 DC B C5    1 
ATOM 390 C C6    . DC A 1 19 ? 7.627   -18.472 13.140  1.00 83.51  ? 25 DC B C6    1 
ATOM 391 P P     . DT A 1 20 ? 9.356   -23.981 11.127  1.00 161.80 ? 26 DT B P     1 
ATOM 392 O OP1   . DT A 1 20 ? 9.719   -25.071 10.184  1.00 120.78 ? 26 DT B OP1   1 
ATOM 393 O OP2   . DT A 1 20 ? 8.991   -24.317 12.532  1.00 167.38 ? 26 DT B OP2   1 
ATOM 394 O "O5'" . DT A 1 20 ? 10.540  -22.912 11.107  1.00 121.07 ? 26 DT B "O5'" 1 
ATOM 395 C "C5'" . DT A 1 20 ? 10.945  -22.329 9.864   1.00 119.37 ? 26 DT B "C5'" 1 
ATOM 396 C "C4'" . DT A 1 20 ? 12.449  -22.303 9.736   1.00 131.32 ? 26 DT B "C4'" 1 
ATOM 397 O "O4'" . DT A 1 20 ? 12.948  -21.087 10.341  1.00 122.94 ? 26 DT B "O4'" 1 
ATOM 398 C "C3'" . DT A 1 20 ? 13.212  -23.427 10.434  1.00 153.46 ? 26 DT B "C3'" 1 
ATOM 399 O "O3'" . DT A 1 20 ? 14.446  -23.566 9.703   1.00 177.06 ? 26 DT B "O3'" 1 
ATOM 400 C "C2'" . DT A 1 20 ? 13.366  -22.875 11.842  1.00 139.02 ? 26 DT B "C2'" 1 
ATOM 401 C "C1'" . DT A 1 20 ? 13.645  -21.400 11.545  1.00 126.89 ? 26 DT B "C1'" 1 
ATOM 402 N N1    . DT A 1 20 ? 13.258  -20.398 12.574  1.00 92.27  ? 26 DT B N1    1 
ATOM 403 C C2    . DT A 1 20 ? 14.086  -19.301 12.727  1.00 105.00 ? 26 DT B C2    1 
ATOM 404 O O2    . DT A 1 20 ? 15.112  -19.144 12.076  1.00 103.53 ? 26 DT B O2    1 
ATOM 405 N N3    . DT A 1 20 ? 13.672  -18.395 13.683  1.00 92.93  ? 26 DT B N3    1 
ATOM 406 C C4    . DT A 1 20 ? 12.539  -18.481 14.481  1.00 94.13  ? 26 DT B C4    1 
ATOM 407 O O4    . DT A 1 20 ? 12.273  -17.573 15.279  1.00 92.31  ? 26 DT B O4    1 
ATOM 408 C C5    . DT A 1 20 ? 11.719  -19.667 14.267  1.00 75.21  ? 26 DT B C5    1 
ATOM 409 C C7    . DT A 1 20 ? 10.455  -19.831 15.057  1.00 65.49  ? 26 DT B C7    1 
ATOM 410 C C6    . DT A 1 20 ? 12.111  -20.545 13.330  1.00 67.68  ? 26 DT B C6    1 
ATOM 411 P P     . DC A 1 21 ? 15.718  -24.346 10.322  1.00 146.40 ? 27 DC B P     1 
ATOM 412 O OP1   . DC A 1 21 ? 16.492  -24.930 9.186   1.00 153.11 ? 27 DC B OP1   1 
ATOM 413 O OP2   . DC A 1 21 ? 15.259  -25.191 11.463  1.00 165.26 ? 27 DC B OP2   1 
ATOM 414 O "O5'" . DC A 1 21 ? 16.630  -23.172 10.893  1.00 140.16 ? 27 DC B "O5'" 1 
ATOM 415 C "C5'" . DC A 1 21 ? 17.553  -22.465 10.038  1.00 128.80 ? 27 DC B "C5'" 1 
ATOM 416 C "C4'" . DC A 1 21 ? 18.447  -21.606 10.897  1.00 147.69 ? 27 DC B "C4'" 1 
ATOM 417 O "O4'" . DC A 1 21 ? 17.646  -20.930 11.896  1.00 149.24 ? 27 DC B "O4'" 1 
ATOM 418 C "C3'" . DC A 1 21 ? 19.520  -22.383 11.670  1.00 166.65 ? 27 DC B "C3'" 1 
ATOM 419 O "O3'" . DC A 1 21 ? 20.813  -21.839 11.370  1.00 174.69 ? 27 DC B "O3'" 1 
ATOM 420 C "C2'" . DC A 1 21 ? 19.127  -22.232 13.138  1.00 148.35 ? 27 DC B "C2'" 1 
ATOM 421 C "C1'" . DC A 1 21 ? 18.328  -20.940 13.142  1.00 135.46 ? 27 DC B "C1'" 1 
ATOM 422 N N1    . DC A 1 21 ? 17.313  -20.766 14.210  1.00 99.61  ? 27 DC B N1    1 
ATOM 423 C C2    . DC A 1 21 ? 17.212  -19.522 14.863  1.00 102.00 ? 27 DC B C2    1 
ATOM 424 O O2    . DC A 1 21 ? 18.023  -18.614 14.568  1.00 96.66  ? 27 DC B O2    1 
ATOM 425 N N3    . DC A 1 21 ? 16.267  -19.354 15.825  1.00 78.40  ? 27 DC B N3    1 
ATOM 426 C C4    . DC A 1 21 ? 15.403  -20.344 16.092  1.00 103.04 ? 27 DC B C4    1 
ATOM 427 N N4    . DC A 1 21 ? 14.470  -20.136 17.029  1.00 98.07  ? 27 DC B N4    1 
ATOM 428 C C5    . DC A 1 21 ? 15.479  -21.611 15.435  1.00 96.44  ? 27 DC B C5    1 
ATOM 429 C C6    . DC A 1 21 ? 16.433  -21.772 14.506  1.00 104.85 ? 27 DC B C6    1 
ATOM 430 O "O5'" . DT B 2 1  ? 11.604  -21.690 27.249  1.00 162.34 ? 28 DT C "O5'" 1 
ATOM 431 C "C5'" . DT B 2 1  ? 10.942  -20.415 27.077  1.00 160.63 ? 28 DT C "C5'" 1 
ATOM 432 C "C4'" . DT B 2 1  ? 11.763  -19.289 27.670  1.00 154.52 ? 28 DT C "C4'" 1 
ATOM 433 O "O4'" . DT B 2 1  ? 13.176  -19.561 27.548  1.00 153.61 ? 28 DT C "O4'" 1 
ATOM 434 C "C3'" . DT B 2 1  ? 11.544  -17.935 27.011  1.00 144.92 ? 28 DT C "C3'" 1 
ATOM 435 O "O3'" . DT B 2 1  ? 11.490  -16.866 27.949  1.00 153.26 ? 28 DT C "O3'" 1 
ATOM 436 C "C2'" . DT B 2 1  ? 12.732  -17.771 26.081  1.00 137.45 ? 28 DT C "C2'" 1 
ATOM 437 C "C1'" . DT B 2 1  ? 13.802  -18.689 26.622  1.00 122.45 ? 28 DT C "C1'" 1 
ATOM 438 N N1    . DT B 2 1  ? 14.455  -19.523 25.581  1.00 138.24 ? 28 DT C N1    1 
ATOM 439 C C2    . DT B 2 1  ? 15.630  -19.052 25.035  1.00 142.18 ? 28 DT C C2    1 
ATOM 440 O O2    . DT B 2 1  ? 16.138  -17.991 25.362  1.00 165.61 ? 28 DT C O2    1 
ATOM 441 N N3    . DT B 2 1  ? 16.186  -19.871 24.077  1.00 121.42 ? 28 DT C N3    1 
ATOM 442 C C4    . DT B 2 1  ? 15.687  -21.072 23.611  1.00 114.83 ? 28 DT C C4    1 
ATOM 443 O O4    . DT B 2 1  ? 16.308  -21.696 22.748  1.00 122.83 ? 28 DT C O4    1 
ATOM 444 C C5    . DT B 2 1  ? 14.447  -21.506 24.231  1.00 112.34 ? 28 DT C C5    1 
ATOM 445 C C7    . DT B 2 1  ? 13.839  -22.809 23.815  1.00 100.92 ? 28 DT C C7    1 
ATOM 446 C C6    . DT B 2 1  ? 13.906  -20.723 25.175  1.00 123.22 ? 28 DT C C6    1 
ATOM 447 P P     . DC B 2 2  ? 10.983  -15.439 27.448  1.00 177.06 ? 29 DC C P     1 
ATOM 448 O OP1   . DC B 2 2  ? 10.311  -14.748 28.582  1.00 185.70 ? 29 DC C OP1   1 
ATOM 449 O OP2   . DC B 2 2  ? 10.262  -15.628 26.160  1.00 194.42 ? 29 DC C OP2   1 
ATOM 450 O "O5'" . DC B 2 2  ? 12.342  -14.697 27.100  1.00 157.47 ? 29 DC C "O5'" 1 
ATOM 451 C "C5'" . DC B 2 2  ? 12.435  -13.943 25.897  1.00 152.79 ? 29 DC C "C5'" 1 
ATOM 452 C "C4'" . DC B 2 2  ? 13.871  -13.543 25.681  1.00 152.94 ? 29 DC C "C4'" 1 
ATOM 453 O "O4'" . DC B 2 2  ? 14.620  -14.729 25.312  1.00 142.67 ? 29 DC C "O4'" 1 
ATOM 454 C "C3'" . DC B 2 2  ? 14.033  -12.537 24.542  1.00 163.26 ? 29 DC C "C3'" 1 
ATOM 455 O "O3'" . DC B 2 2  ? 14.861  -11.417 24.906  1.00 178.81 ? 29 DC C "O3'" 1 
ATOM 456 C "C2'" . DC B 2 2  ? 14.509  -13.393 23.382  1.00 163.55 ? 29 DC C "C2'" 1 
ATOM 457 C "C1'" . DC B 2 2  ? 15.232  -14.551 24.046  1.00 144.62 ? 29 DC C "C1'" 1 
ATOM 458 N N1    . DC B 2 2  ? 15.119  -15.815 23.285  1.00 135.65 ? 29 DC C N1    1 
ATOM 459 C C2    . DC B 2 2  ? 16.172  -16.179 22.423  1.00 136.52 ? 29 DC C C2    1 
ATOM 460 O O2    . DC B 2 2  ? 17.176  -15.449 22.358  1.00 127.67 ? 29 DC C O2    1 
ATOM 461 N N3    . DC B 2 2  ? 16.072  -17.327 21.698  1.00 110.91 ? 29 DC C N3    1 
ATOM 462 C C4    . DC B 2 2  ? 14.964  -18.073 21.780  1.00 112.21 ? 29 DC C C4    1 
ATOM 463 N N4    . DC B 2 2  ? 14.901  -19.185 21.038  1.00 89.72  ? 29 DC C N4    1 
ATOM 464 C C5    . DC B 2 2  ? 13.867  -17.711 22.630  1.00 104.63 ? 29 DC C C5    1 
ATOM 465 C C6    . DC B 2 2  ? 13.984  -16.580 23.349  1.00 99.97  ? 29 DC C C6    1 
ATOM 466 P P     . DG B 2 3  ? 14.779  -10.035 24.060  1.00 150.27 ? 30 DG C P     1 
ATOM 467 O OP1   . DG B 2 3  ? 15.706  -9.047  24.683  1.00 142.38 ? 30 DG C OP1   1 
ATOM 468 O OP2   . DG B 2 3  ? 13.346  -9.663  23.899  1.00 158.81 ? 30 DG C OP2   1 
ATOM 469 O "O5'" . DG B 2 3  ? 15.421  -10.472 22.673  1.00 143.38 ? 30 DG C "O5'" 1 
ATOM 470 C "C5'" . DG B 2 3  ? 16.817  -10.837 22.667  1.00 161.07 ? 30 DG C "C5'" 1 
ATOM 471 C "C4'" . DG B 2 3  ? 17.292  -11.112 21.263  1.00 147.98 ? 30 DG C "C4'" 1 
ATOM 472 O "O4'" . DG B 2 3  ? 16.993  -12.469 20.917  1.00 146.52 ? 30 DG C "O4'" 1 
ATOM 473 C "C3'" . DG B 2 3  ? 16.644  -10.242 20.196  1.00 137.86 ? 30 DG C "C3'" 1 
ATOM 474 O "O3'" . DG B 2 3  ? 17.666  -9.296  19.889  1.00 147.65 ? 30 DG C "O3'" 1 
ATOM 475 C "C2'" . DG B 2 3  ? 16.281  -11.203 19.077  1.00 117.43 ? 30 DG C "C2'" 1 
ATOM 476 C "C1'" . DG B 2 3  ? 16.731  -12.573 19.540  1.00 130.37 ? 30 DG C "C1'" 1 
ATOM 477 N N9    . DG B 2 3  ? 15.740  -13.624 19.385  1.00 123.57 ? 30 DG C N9    1 
ATOM 478 C C8    . DG B 2 3  ? 14.541  -13.713 20.051  1.00 102.53 ? 30 DG C C8    1 
ATOM 479 N N7    . DG B 2 3  ? 13.873  -14.794 19.755  1.00 102.81 ? 30 DG C N7    1 
ATOM 480 C C5    . DG B 2 3  ? 14.686  -15.463 18.850  1.00 79.74  ? 30 DG C C5    1 
ATOM 481 C C6    . DG B 2 3  ? 14.492  -16.702 18.194  1.00 92.31  ? 30 DG C C6    1 
ATOM 482 O O6    . DG B 2 3  ? 13.540  -17.489 18.309  1.00 87.29  ? 30 DG C O6    1 
ATOM 483 N N1    . DG B 2 3  ? 15.566  -17.014 17.358  1.00 72.48  ? 30 DG C N1    1 
ATOM 484 C C2    . DG B 2 3  ? 16.702  -16.253 17.218  1.00 93.09  ? 30 DG C C2    1 
ATOM 485 N N2    . DG B 2 3  ? 17.650  -16.734 16.387  1.00 81.03  ? 30 DG C N2    1 
ATOM 486 N N3    . DG B 2 3  ? 16.895  -15.098 17.836  1.00 104.91 ? 30 DG C N3    1 
ATOM 487 C C4    . DG B 2 3  ? 15.860  -14.777 18.645  1.00 91.62  ? 30 DG C C4    1 
ATOM 488 P P     . DA B 2 4  ? 17.411  -8.150  18.852  1.00 188.69 ? 31 DA C P     1 
ATOM 489 O OP1   . DA B 2 4  ? 18.330  -7.028  19.183  1.00 211.95 ? 31 DA C OP1   1 
ATOM 490 O OP2   . DA B 2 4  ? 15.947  -7.925  18.767  1.00 213.80 ? 31 DA C OP2   1 
ATOM 491 O "O5'" . DA B 2 4  ? 17.897  -8.808  17.492  1.00 192.87 ? 31 DA C "O5'" 1 
ATOM 492 C "C5'" . DA B 2 4  ? 19.157  -9.499  17.422  1.00 192.33 ? 31 DA C "C5'" 1 
ATOM 493 C "C4'" . DA B 2 4  ? 19.334  -10.089 16.045  1.00 179.54 ? 31 DA C "C4'" 1 
ATOM 494 O "O4'" . DA B 2 4  ? 18.521  -11.278 15.927  1.00 158.50 ? 31 DA C "O4'" 1 
ATOM 495 C "C3'" . DA B 2 4  ? 18.897  -9.180  14.897  1.00 165.35 ? 31 DA C "C3'" 1 
ATOM 496 O "O3'" . DA B 2 4  ? 19.786  -9.441  13.810  1.00 185.36 ? 31 DA C "O3'" 1 
ATOM 497 C "C2'" . DA B 2 4  ? 17.471  -9.630  14.641  1.00 142.01 ? 31 DA C "C2'" 1 
ATOM 498 C "C1'" . DA B 2 4  ? 17.609  -11.123 14.854  1.00 128.73 ? 31 DA C "C1'" 1 
ATOM 499 N N9    . DA B 2 4  ? 16.391  -11.827 15.222  1.00 121.90 ? 31 DA C N9    1 
ATOM 500 C C8    . DA B 2 4  ? 15.393  -11.443 16.088  1.00 119.03 ? 31 DA C C8    1 
ATOM 501 N N7    . DA B 2 4  ? 14.448  -12.341 16.239  1.00 102.67 ? 31 DA C N7    1 
ATOM 502 C C5    . DA B 2 4  ? 14.846  -13.382 15.412  1.00 83.37  ? 31 DA C C5    1 
ATOM 503 C C6    . DA B 2 4  ? 14.271  -14.632 15.132  1.00 73.13  ? 31 DA C C6    1 
ATOM 504 N N6    . DA B 2 4  ? 13.134  -15.051 15.681  1.00 73.10  ? 31 DA C N6    1 
ATOM 505 N N1    . DA B 2 4  ? 14.913  -15.444 14.262  1.00 76.83  ? 31 DA C N1    1 
ATOM 506 C C2    . DA B 2 4  ? 16.083  -15.020 13.738  1.00 109.20 ? 31 DA C C2    1 
ATOM 507 N N3    . DA B 2 4  ? 16.724  -13.858 13.927  1.00 75.54  ? 31 DA C N3    1 
ATOM 508 C C4    . DA B 2 4  ? 16.057  -13.092 14.804  1.00 84.03  ? 31 DA C C4    1 
ATOM 509 P P     . DG B 2 5  ? 19.802  -8.495  12.531  1.00 209.09 ? 32 DG C P     1 
ATOM 510 O OP1   . DG B 2 5  ? 21.182  -7.954  12.377  1.00 234.37 ? 32 DG C OP1   1 
ATOM 511 O OP2   . DG B 2 5  ? 18.670  -7.543  12.659  1.00 210.20 ? 32 DG C OP2   1 
ATOM 512 O "O5'" . DG B 2 5  ? 19.494  -9.520  11.346  1.00 175.88 ? 32 DG C "O5'" 1 
ATOM 513 C "C5'" . DG B 2 5  ? 18.305  -10.328 11.401  1.00 161.41 ? 32 DG C "C5'" 1 
ATOM 514 C "C4'" . DG B 2 5  ? 18.359  -11.488 10.437  1.00 155.44 ? 32 DG C "C4'" 1 
ATOM 515 O "O4'" . DG B 2 5  ? 17.629  -12.595 11.014  1.00 162.28 ? 32 DG C "O4'" 1 
ATOM 516 C "C3'" . DG B 2 5  ? 17.717  -11.200 9.083   1.00 152.81 ? 32 DG C "C3'" 1 
ATOM 517 O "O3'" . DG B 2 5  ? 18.487  -11.670 7.978   1.00 163.97 ? 32 DG C "O3'" 1 
ATOM 518 C "C2'" . DG B 2 5  ? 16.359  -11.881 9.142   1.00 142.29 ? 32 DG C "C2'" 1 
ATOM 519 C "C1'" . DG B 2 5  ? 16.423  -12.849 10.309  1.00 116.18 ? 32 DG C "C1'" 1 
ATOM 520 N N9    . DG B 2 5  ? 15.301  -12.661 11.227  1.00 91.03  ? 32 DG C N9    1 
ATOM 521 C C8    . DG B 2 5  ? 15.006  -11.552 11.994  1.00 101.40 ? 32 DG C C8    1 
ATOM 522 N N7    . DG B 2 5  ? 13.864  -11.652 12.627  1.00 80.10  ? 32 DG C N7    1 
ATOM 523 C C5    . DG B 2 5  ? 13.379  -12.900 12.261  1.00 73.13  ? 32 DG C C5    1 
ATOM 524 C C6    . DG B 2 5  ? 12.185  -13.581 12.654  1.00 86.40  ? 32 DG C C6    1 
ATOM 525 O O6    . DG B 2 5  ? 11.270  -13.180 13.405  1.00 88.39  ? 32 DG C O6    1 
ATOM 526 N N1    . DG B 2 5  ? 12.090  -14.838 12.050  1.00 76.54  ? 32 DG C N1    1 
ATOM 527 C C2    . DG B 2 5  ? 12.989  -15.347 11.130  1.00 101.79 ? 32 DG C C2    1 
ATOM 528 N N2    . DG B 2 5  ? 12.711  -16.571 10.638  1.00 95.04  ? 32 DG C N2    1 
ATOM 529 N N3    . DG B 2 5  ? 14.092  -14.708 10.736  1.00 78.50  ? 32 DG C N3    1 
ATOM 530 C C4    . DG B 2 5  ? 14.231  -13.513 11.355  1.00 78.73  ? 32 DG C C4    1 
ATOM 531 P P     . DT B 2 6  ? 17.914  -11.464 6.510   1.00 155.96 ? 33 DT C P     1 
ATOM 532 O OP1   . DT B 2 6  ? 19.026  -11.535 5.517   1.00 153.66 ? 33 DT C OP1   1 
ATOM 533 O OP2   . DT B 2 6  ? 16.975  -10.293 6.540   1.00 131.82 ? 33 DT C OP2   1 
ATOM 534 O "O5'" . DT B 2 6  ? 17.145  -12.826 6.276   1.00 140.60 ? 33 DT C "O5'" 1 
ATOM 535 C "C5'" . DT B 2 6  ? 16.080  -12.803 5.357   1.00 155.57 ? 33 DT C "C5'" 1 
ATOM 536 C "C4'" . DT B 2 6  ? 15.168  -13.969 5.621   1.00 134.69 ? 33 DT C "C4'" 1 
ATOM 537 O "O4'" . DT B 2 6  ? 14.414  -13.712 6.813   1.00 97.71  ? 33 DT C "O4'" 1 
ATOM 538 C "C3'" . DT B 2 6  ? 14.134  -14.094 4.509   1.00 123.74 ? 33 DT C "C3'" 1 
ATOM 539 O "O3'" . DT B 2 6  ? 14.476  -15.154 3.642   1.00 117.30 ? 33 DT C "O3'" 1 
ATOM 540 C "C2'" . DT B 2 6  ? 12.821  -14.306 5.231   1.00 109.21 ? 33 DT C "C2'" 1 
ATOM 541 C "C1'" . DT B 2 6  ? 13.240  -14.473 6.662   1.00 93.16  ? 33 DT C "C1'" 1 
ATOM 542 N N1    . DT B 2 6  ? 12.249  -13.990 7.621   1.00 73.51  ? 33 DT C N1    1 
ATOM 543 C C2    . DT B 2 6  ? 11.156  -14.801 7.813   1.00 76.24  ? 33 DT C C2    1 
ATOM 544 O O2    . DT B 2 6  ? 10.977  -15.826 7.181   1.00 109.70 ? 33 DT C O2    1 
ATOM 545 N N3    . DT B 2 6  ? 10.269  -14.362 8.769   1.00 74.47  ? 33 DT C N3    1 
ATOM 546 C C4    . DT B 2 6  ? 10.367  -13.211 9.529   1.00 78.55  ? 33 DT C C4    1 
ATOM 547 O O4    . DT B 2 6  ? 9.486   -12.944 10.357  1.00 71.27  ? 33 DT C O4    1 
ATOM 548 C C5    . DT B 2 6  ? 11.557  -12.408 9.280   1.00 66.55  ? 33 DT C C5    1 
ATOM 549 C C7    . DT B 2 6  ? 11.761  -11.149 10.063  1.00 65.50  ? 33 DT C C7    1 
ATOM 550 C C6    . DT B 2 6  ? 12.411  -12.820 8.332   1.00 58.75  ? 33 DT C C6    1 
ATOM 551 P P     . DC B 2 7  ? 13.903  -15.124 2.208   1.00 120.99 ? 34 DC C P     1 
ATOM 552 O OP1   . DC B 2 7  ? 14.528  -16.235 1.406   1.00 100.65 ? 34 DC C OP1   1 
ATOM 553 O OP2   . DC B 2 7  ? 13.958  -13.714 1.732   1.00 136.25 ? 34 DC C OP2   1 
ATOM 554 O "O5'" . DC B 2 7  ? 12.398  -15.536 2.478   1.00 117.13 ? 34 DC C "O5'" 1 
ATOM 555 C "C5'" . DC B 2 7  ? 12.088  -16.865 2.913   1.00 89.30  ? 34 DC C "C5'" 1 
ATOM 556 C "C4'" . DC B 2 7  ? 10.612  -16.893 3.215   1.00 109.60 ? 34 DC C "C4'" 1 
ATOM 557 O "O4'" . DC B 2 7  ? 10.313  -15.850 4.157   1.00 86.67  ? 34 DC C "O4'" 1 
ATOM 558 C "C3'" . DC B 2 7  ? 9.693   -16.617 2.015   1.00 116.31 ? 34 DC C "C3'" 1 
ATOM 559 O "O3'" . DC B 2 7  ? 8.962   -17.790 1.707   1.00 107.93 ? 34 DC C "O3'" 1 
ATOM 560 C "C2'" . DC B 2 7  ? 8.746   -15.507 2.472   1.00 103.44 ? 34 DC C "C2'" 1 
ATOM 561 C "C1'" . DC B 2 7  ? 8.937   -15.560 3.965   1.00 102.54 ? 34 DC C "C1'" 1 
ATOM 562 N N1    . DC B 2 7  ? 8.622   -14.408 4.799   1.00 81.46  ? 34 DC C N1    1 
ATOM 563 C C2    . DC B 2 7  ? 7.432   -14.405 5.538   1.00 101.97 ? 34 DC C C2    1 
ATOM 564 O O2    . DC B 2 7  ? 6.582   -15.283 5.315   1.00 148.79 ? 34 DC C O2    1 
ATOM 565 N N3    . DC B 2 7  ? 7.233   -13.442 6.464   1.00 82.97  ? 34 DC C N3    1 
ATOM 566 C C4    . DC B 2 7  ? 8.178   -12.527 6.683   1.00 76.14  ? 34 DC C C4    1 
ATOM 567 N N4    . DC B 2 7  ? 7.923   -11.562 7.566   1.00 90.76  ? 34 DC C N4    1 
ATOM 568 C C5    . DC B 2 7  ? 9.420   -12.542 5.985   1.00 71.27  ? 34 DC C C5    1 
ATOM 569 C C6    . DC B 2 7  ? 9.608   -13.510 5.081   1.00 78.95  ? 34 DC C C6    1 
ATOM 570 P P     . DC B 2 8  ? 8.234   -17.832 0.363   1.00 139.93 ? 35 DC C P     1 
ATOM 571 O OP1   . DC B 2 8  ? 8.302   -19.216 -0.193  1.00 138.49 ? 35 DC C OP1   1 
ATOM 572 O OP2   . DC B 2 8  ? 8.696   -16.653 -0.441  1.00 110.99 ? 35 DC C OP2   1 
ATOM 573 O "O5'" . DC B 2 8  ? 6.755   -17.649 0.856   1.00 92.44  ? 35 DC C "O5'" 1 
ATOM 574 C "C5'" . DC B 2 8  ? 6.011   -16.637 0.282   1.00 93.89  ? 35 DC C "C5'" 1 
ATOM 575 C "C4'" . DC B 2 8  ? 4.848   -16.441 1.205   1.00 99.90  ? 35 DC C "C4'" 1 
ATOM 576 O "O4'" . DC B 2 8  ? 5.263   -15.446 2.155   1.00 87.75  ? 35 DC C "O4'" 1 
ATOM 577 C "C3'" . DC B 2 8  ? 3.598   -15.922 0.499   1.00 88.03  ? 35 DC C "C3'" 1 
ATOM 578 O "O3'" . DC B 2 8  ? 2.550   -16.916 0.617   1.00 72.88  ? 35 DC C "O3'" 1 
ATOM 579 C "C2'" . DC B 2 8  ? 3.447   -14.507 1.038   1.00 79.09  ? 35 DC C "C2'" 1 
ATOM 580 C "C1'" . DC B 2 8  ? 4.207   -14.537 2.353   1.00 81.56  ? 35 DC C "C1'" 1 
ATOM 581 N N1    . DC B 2 8  ? 4.799   -13.273 2.861   1.00 70.75  ? 35 DC C N1    1 
ATOM 582 C C2    . DC B 2 8  ? 4.159   -12.574 3.900   1.00 77.40  ? 35 DC C C2    1 
ATOM 583 O O2    . DC B 2 8  ? 3.048   -12.969 4.295   1.00 98.69  ? 35 DC C O2    1 
ATOM 584 N N3    . DC B 2 8  ? 4.770   -11.496 4.450   1.00 61.79  ? 35 DC C N3    1 
ATOM 585 C C4    . DC B 2 8  ? 5.960   -11.099 3.984   1.00 73.94  ? 35 DC C C4    1 
ATOM 586 N N4    . DC B 2 8  ? 6.513   -10.005 4.508   1.00 89.71  ? 35 DC C N4    1 
ATOM 587 C C5    . DC B 2 8  ? 6.634   -11.799 2.947   1.00 75.86  ? 35 DC C C5    1 
ATOM 588 C C6    . DC B 2 8  ? 6.034   -12.881 2.432   1.00 69.85  ? 35 DC C C6    1 
ATOM 589 P P     . DG C 3 1  ? -1.022  16.907  -3.984  1.00 124.61 ? 36 DG D P     1 
ATOM 590 O OP1   . DG C 3 1  ? -1.169  17.643  -2.717  1.00 117.20 ? 36 DG D OP1   1 
ATOM 591 O OP2   . DG C 3 1  ? 0.241   17.054  -4.763  1.00 150.28 ? 36 DG D OP2   1 
ATOM 592 O "O5'" . DG C 3 1  ? -1.491  15.380  -3.901  1.00 83.02  ? 36 DG D "O5'" 1 
ATOM 593 C "C5'" . DG C 3 1  ? -0.618  14.413  -3.310  1.00 100.89 ? 36 DG D "C5'" 1 
ATOM 594 C "C4'" . DG C 3 1  ? 0.453   13.856  -4.232  1.00 111.10 ? 36 DG D "C4'" 1 
ATOM 595 O "O4'" . DG C 3 1  ? 0.792   12.528  -3.764  1.00 98.00  ? 36 DG D "O4'" 1 
ATOM 596 C "C3'" . DG C 3 1  ? 0.155   13.720  -5.731  1.00 116.94 ? 36 DG D "C3'" 1 
ATOM 597 O "O3'" . DG C 3 1  ? 1.051   14.522  -6.537  1.00 111.64 ? 36 DG D "O3'" 1 
ATOM 598 C "C2'" . DG C 3 1  ? 0.353   12.238  -6.026  1.00 113.88 ? 36 DG D "C2'" 1 
ATOM 599 C "C1'" . DG C 3 1  ? 0.385   11.550  -4.674  1.00 80.88  ? 36 DG D "C1'" 1 
ATOM 600 N N9    . DG C 3 1  ? -0.892  11.005  -4.226  1.00 82.93  ? 36 DG D N9    1 
ATOM 601 C C8    . DG C 3 1  ? -1.706  11.420  -3.198  1.00 87.82  ? 36 DG D C8    1 
ATOM 602 N N7    . DG C 3 1  ? -2.784  10.690  -3.071  1.00 89.46  ? 36 DG D N7    1 
ATOM 603 C C5    . DG C 3 1  ? -2.674  9.742   -4.073  1.00 84.60  ? 36 DG D C5    1 
ATOM 604 C C6    . DG C 3 1  ? -3.527  8.675   -4.412  1.00 90.12  ? 36 DG D C6    1 
ATOM 605 O O6    . DG C 3 1  ? -4.612  8.371   -3.908  1.00 98.66  ? 36 DG D O6    1 
ATOM 606 N N1    . DG C 3 1  ? -3.035  7.949   -5.490  1.00 91.61  ? 36 DG D N1    1 
ATOM 607 C C2    . DG C 3 1  ? -1.849  8.207   -6.137  1.00 115.80 ? 36 DG D C2    1 
ATOM 608 N N2    . DG C 3 1  ? -1.532  7.395   -7.153  1.00 148.96 ? 36 DG D N2    1 
ATOM 609 N N3    . DG C 3 1  ? -1.030  9.185   -5.809  1.00 99.11  ? 36 DG D N3    1 
ATOM 610 C C4    . DG C 3 1  ? -1.508  9.916   -4.787  1.00 87.65  ? 36 DG D C4    1 
ATOM 611 P P     . DT C 3 2  ? 0.611   14.986  -8.054  1.00 136.55 ? 37 DT D P     1 
ATOM 612 O OP1   . DT C 3 2  ? 1.677   15.892  -8.604  1.00 115.88 ? 37 DT D OP1   1 
ATOM 613 O OP2   . DT C 3 2  ? -0.807  15.402  -8.053  1.00 109.95 ? 37 DT D OP2   1 
ATOM 614 O "O5'" . DT C 3 2  ? 0.377   13.614  -8.818  1.00 99.67  ? 37 DT D "O5'" 1 
ATOM 615 C "C5'" . DT C 3 2  ? 1.504   12.945  -9.401  1.00 109.24 ? 37 DT D "C5'" 1 
ATOM 616 C "C4'" . DT C 3 2  ? 1.006   11.679  -10.046 1.00 120.53 ? 37 DT D "C4'" 1 
ATOM 617 O "O4'" . DT C 3 2  ? -0.039  11.154  -9.197  1.00 101.40 ? 37 DT D "O4'" 1 
ATOM 618 C "C3'" . DT C 3 2  ? 0.342   11.902  -11.406 1.00 130.45 ? 37 DT D "C3'" 1 
ATOM 619 O "O3'" . DT C 3 2  ? 0.666   10.829  -12.287 1.00 148.36 ? 37 DT D "O3'" 1 
ATOM 620 C "C2'" . DT C 3 2  ? -1.135  11.877  -11.066 1.00 122.75 ? 37 DT D "C2'" 1 
ATOM 621 C "C1'" . DT C 3 2  ? -1.119  10.813  -10.016 1.00 94.86  ? 37 DT D "C1'" 1 
ATOM 622 N N1    . DT C 3 2  ? -2.298  10.726  -9.175  1.00 88.56  ? 37 DT D N1    1 
ATOM 623 C C2    . DT C 3 2  ? -3.095  9.610   -9.314  1.00 93.45  ? 37 DT D C2    1 
ATOM 624 O O2    . DT C 3 2  ? -2.887  8.745   -10.145 1.00 134.98 ? 37 DT D O2    1 
ATOM 625 N N3    . DT C 3 2  ? -4.175  9.568   -8.474  1.00 93.38  ? 37 DT D N3    1 
ATOM 626 C C4    . DT C 3 2  ? -4.517  10.500  -7.513  1.00 105.61 ? 37 DT D C4    1 
ATOM 627 O O4    . DT C 3 2  ? -5.512  10.326  -6.812  1.00 112.52 ? 37 DT D O4    1 
ATOM 628 C C5    . DT C 3 2  ? -3.638  11.638  -7.418  1.00 102.39 ? 37 DT D C5    1 
ATOM 629 C C7    . DT C 3 2  ? -3.948  12.693  -6.408  1.00 101.01 ? 37 DT D C7    1 
ATOM 630 C C6    . DT C 3 2  ? -2.582  11.697  -8.243  1.00 82.95  ? 37 DT D C6    1 
ATOM 631 P P     . DG C 3 3  ? 0.234   10.904  -13.820 1.00 145.96 ? 38 DG D P     1 
ATOM 632 O OP1   . DG C 3 3  ? 1.469   11.015  -14.650 1.00 133.45 ? 38 DG D OP1   1 
ATOM 633 O OP2   . DG C 3 3  ? -0.846  11.905  -13.945 1.00 132.86 ? 38 DG D OP2   1 
ATOM 634 O "O5'" . DG C 3 3  ? -0.525  9.533   -14.031 1.00 115.00 ? 38 DG D "O5'" 1 
ATOM 635 C "C5'" . DG C 3 3  ? -1.855  9.425   -13.556 1.00 98.35  ? 38 DG D "C5'" 1 
ATOM 636 C "C4'" . DG C 3 3  ? -2.368  8.067   -13.945 1.00 121.89 ? 38 DG D "C4'" 1 
ATOM 637 O "O4'" . DG C 3 3  ? -3.304  7.617   -12.952 1.00 113.04 ? 38 DG D "O4'" 1 
ATOM 638 C "C3'" . DG C 3 3  ? -3.128  8.038   -15.266 1.00 143.35 ? 38 DG D "C3'" 1 
ATOM 639 O "O3'" . DG C 3 3  ? -2.870  6.805   -15.952 1.00 154.55 ? 38 DG D "O3'" 1 
ATOM 640 C "C2'" . DG C 3 3  ? -4.563  8.305   -14.838 1.00 138.68 ? 38 DG D "C2'" 1 
ATOM 641 C "C1'" . DG C 3 3  ? -4.618  7.907   -13.364 1.00 113.90 ? 38 DG D "C1'" 1 
ATOM 642 N N9    . DG C 3 3  ? -5.119  8.942   -12.476 1.00 104.11 ? 38 DG D N9    1 
ATOM 643 C C8    . DG C 3 3  ? -4.570  10.178  -12.218 1.00 108.86 ? 38 DG D C8    1 
ATOM 644 N N7    . DG C 3 3  ? -5.240  10.861  -11.331 1.00 97.21  ? 38 DG D N7    1 
ATOM 645 C C5    . DG C 3 3  ? -6.289  10.024  -10.978 1.00 92.20  ? 38 DG D C5    1 
ATOM 646 C C6    . DG C 3 3  ? -7.352  10.226  -10.071 1.00 96.10  ? 38 DG D C6    1 
ATOM 647 O O6    . DG C 3 3  ? -7.583  11.214  -9.368  1.00 122.36 ? 38 DG D O6    1 
ATOM 648 N N1    . DG C 3 3  ? -8.193  9.118   -10.014 1.00 101.32 ? 38 DG D N1    1 
ATOM 649 C C2    . DG C 3 3  ? -8.036  7.969   -10.745 1.00 114.40 ? 38 DG D C2    1 
ATOM 650 N N2    . DG C 3 3  ? -8.950  7.007   -10.541 1.00 128.50 ? 38 DG D N2    1 
ATOM 651 N N3    . DG C 3 3  ? -7.059  7.776   -11.614 1.00 92.08  ? 38 DG D N3    1 
ATOM 652 C C4    . DG C 3 3  ? -6.230  8.838   -11.680 1.00 91.03  ? 38 DG D C4    1 
ATOM 653 P P     . DT C 3 4  ? -3.737  6.387   -17.223 1.00 183.37 ? 39 DT D P     1 
ATOM 654 O OP1   . DT C 3 4  ? -2.988  5.343   -17.964 1.00 196.24 ? 39 DT D OP1   1 
ATOM 655 O OP2   . DT C 3 4  ? -4.142  7.627   -17.936 1.00 176.76 ? 39 DT D OP2   1 
ATOM 656 O "O5'" . DT C 3 4  ? -5.017  5.718   -16.554 1.00 151.39 ? 39 DT D "O5'" 1 
ATOM 657 C "C5'" . DT C 3 4  ? -6.279  5.848   -17.193 1.00 151.25 ? 39 DT D "C5'" 1 
ATOM 658 C "C4'" . DT C 3 4  ? -7.367  5.477   -16.220 1.00 158.92 ? 39 DT D "C4'" 1 
ATOM 659 O "O4'" . DT C 3 4  ? -7.476  6.536   -15.264 1.00 147.32 ? 39 DT D "O4'" 1 
ATOM 660 C "C3'" . DT C 3 4  ? -8.754  5.360   -16.849 1.00 180.88 ? 39 DT D "C3'" 1 
ATOM 661 O "O3'" . DT C 3 4  ? -9.030  3.990   -17.168 1.00 213.31 ? 39 DT D "O3'" 1 
ATOM 662 C "C2'" . DT C 3 4  ? -9.686  5.921   -15.789 1.00 162.88 ? 39 DT D "C2'" 1 
ATOM 663 C "C1'" . DT C 3 4  ? -8.768  6.465   -14.702 1.00 155.22 ? 39 DT D "C1'" 1 
ATOM 664 N N1    . DT C 3 4  ? -9.121  7.805   -14.188 1.00 165.97 ? 39 DT D N1    1 
ATOM 665 C C2    . DT C 3 4  ? -10.312 7.929   -13.505 1.00 174.55 ? 39 DT D C2    1 
ATOM 666 O O2    . DT C 3 4  ? -11.087 6.999   -13.339 1.00 186.85 ? 39 DT D O2    1 
ATOM 667 N N3    . DT C 3 4  ? -10.568 9.194   -13.024 1.00 152.96 ? 39 DT D N3    1 
ATOM 668 C C4    . DT C 3 4  ? -9.764  10.313  -13.149 1.00 138.58 ? 39 DT D C4    1 
ATOM 669 O O4    . DT C 3 4  ? -10.123 11.380  -12.660 1.00 120.36 ? 39 DT D O4    1 
ATOM 670 C C5    . DT C 3 4  ? -8.524  10.107  -13.866 1.00 146.13 ? 39 DT D C5    1 
ATOM 671 C C7    . DT C 3 4  ? -7.591  11.264  -14.052 1.00 134.19 ? 39 DT D C7    1 
ATOM 672 C C6    . DT C 3 4  ? -8.270  8.881   -14.348 1.00 148.67 ? 39 DT D C6    1 
ATOM 673 P P     . DC C 3 5  ? -9.993  3.609   -18.393 1.00 210.97 ? 40 DC D P     1 
ATOM 674 O OP1   . DC C 3 5  ? -9.927  2.135   -18.586 1.00 226.96 ? 40 DC D OP1   1 
ATOM 675 O OP2   . DC C 3 5  ? -9.688  4.508   -19.535 1.00 225.39 ? 40 DC D OP2   1 
ATOM 676 O "O5'" . DC C 3 5  ? -11.428 3.990   -17.828 1.00 187.43 ? 40 DC D "O5'" 1 
ATOM 677 C "C5'" . DC C 3 5  ? -12.074 5.202   -18.224 1.00 173.91 ? 40 DC D "C5'" 1 
ATOM 678 C "C4'" . DC C 3 5  ? -13.207 5.458   -17.265 1.00 182.73 ? 40 DC D "C4'" 1 
ATOM 679 O "O4'" . DC C 3 5  ? -12.696 6.134   -16.095 1.00 175.60 ? 40 DC D "O4'" 1 
ATOM 680 C "C3'" . DC C 3 5  ? -14.314 6.369   -17.774 1.00 198.27 ? 40 DC D "C3'" 1 
ATOM 681 O "O3'" . DC C 3 5  ? -15.157 5.740   -18.759 1.00 214.65 ? 40 DC D "O3'" 1 
ATOM 682 C "C2'" . DC C 3 5  ? -14.924 6.836   -16.467 1.00 197.23 ? 40 DC D "C2'" 1 
ATOM 683 C "C1'" . DC C 3 5  ? -13.689 7.039   -15.602 1.00 185.35 ? 40 DC D "C1'" 1 
ATOM 684 N N1    . DC C 3 5  ? -13.147 8.421   -15.645 1.00 173.35 ? 40 DC D N1    1 
ATOM 685 C C2    . DC C 3 5  ? -13.703 9.384   -14.784 1.00 167.75 ? 40 DC D C2    1 
ATOM 686 O O2    . DC C 3 5  ? -14.615 9.047   -14.009 1.00 153.68 ? 40 DC D O2    1 
ATOM 687 N N3    . DC C 3 5  ? -13.228 10.652  -14.813 1.00 161.46 ? 40 DC D N3    1 
ATOM 688 C C4    . DC C 3 5  ? -12.247 10.979  -15.661 1.00 167.17 ? 40 DC D C4    1 
ATOM 689 N N4    . DC C 3 5  ? -11.809 12.243  -15.657 1.00 151.50 ? 40 DC D N4    1 
ATOM 690 C C5    . DC C 3 5  ? -11.671 10.023  -16.553 1.00 160.81 ? 40 DC D C5    1 
ATOM 691 C C6    . DC C 3 5  ? -12.155 8.771   -16.519 1.00 156.96 ? 40 DC D C6    1 
ATOM 692 P P     . DG C 3 6  ? -16.559 5.039   -18.371 1.00 225.82 ? 41 DG D P     1 
ATOM 693 O OP1   . DG C 3 6  ? -16.272 3.995   -17.356 1.00 231.12 ? 41 DG D OP1   1 
ATOM 694 O OP2   . DG C 3 6  ? -17.227 4.646   -19.643 1.00 229.99 ? 41 DG D OP2   1 
ATOM 695 O "O5'" . DG C 3 6  ? -17.410 6.204   -17.678 1.00 187.05 ? 41 DG D "O5'" 1 
ATOM 696 C "C5'" . DG C 3 6  ? -18.311 5.930   -16.571 1.00 159.75 ? 41 DG D "C5'" 1 
ATOM 697 C "C4'" . DG C 3 6  ? -18.750 7.210   -15.896 1.00 154.68 ? 41 DG D "C4'" 1 
ATOM 698 O "O4'" . DG C 3 6  ? -17.643 8.123   -15.834 1.00 167.29 ? 41 DG D "O4'" 1 
ATOM 699 C "C3'" . DG C 3 6  ? -19.842 7.975   -16.630 1.00 175.68 ? 41 DG D "C3'" 1 
ATOM 700 O "O3'" . DG C 3 6  ? -21.106 7.604   -16.096 1.00 199.56 ? 41 DG D "O3'" 1 
ATOM 701 C "C2'" . DG C 3 6  ? -19.529 9.442   -16.365 1.00 160.99 ? 41 DG D "C2'" 1 
ATOM 702 C "C1'" . DG C 3 6  ? -18.123 9.457   -15.804 1.00 162.09 ? 41 DG D "C1'" 1 
ATOM 703 N N9    . DG C 3 6  ? -17.184 10.287  -16.550 1.00 153.94 ? 41 DG D N9    1 
ATOM 704 C C8    . DG C 3 6  ? -16.454 9.951   -17.668 1.00 156.72 ? 41 DG D C8    1 
ATOM 705 N N7    . DG C 3 6  ? -15.680 10.917  -18.084 1.00 156.55 ? 41 DG D N7    1 
ATOM 706 C C5    . DG C 3 6  ? -15.903 11.948  -17.180 1.00 152.25 ? 41 DG D C5    1 
ATOM 707 C C6    . DG C 3 6  ? -15.346 13.256  -17.117 1.00 158.06 ? 41 DG D C6    1 
ATOM 708 O O6    . DG C 3 6  ? -14.526 13.784  -17.876 1.00 170.29 ? 41 DG D O6    1 
ATOM 709 N N1    . DG C 3 6  ? -15.852 13.973  -16.038 1.00 147.38 ? 41 DG D N1    1 
ATOM 710 C C2    . DG C 3 6  ? -16.777 13.500  -15.137 1.00 142.48 ? 41 DG D C2    1 
ATOM 711 N N2    . DG C 3 6  ? -17.141 14.348  -14.162 1.00 143.34 ? 41 DG D N2    1 
ATOM 712 N N3    . DG C 3 6  ? -17.323 12.294  -15.201 1.00 104.10 ? 41 DG D N3    1 
ATOM 713 C C4    . DG C 3 6  ? -16.829 11.572  -16.227 1.00 127.29 ? 41 DG D C4    1 
ATOM 714 P P     . DT C 3 7  ? -22.417 8.239   -16.705 1.00 221.91 ? 42 DT D P     1 
ATOM 715 O OP1   . DT C 3 7  ? -23.577 7.422   -16.263 1.00 230.67 ? 42 DT D OP1   1 
ATOM 716 O OP2   . DT C 3 7  ? -22.175 8.497   -18.147 1.00 210.56 ? 42 DT D OP2   1 
ATOM 717 O "O5'" . DT C 3 7  ? -22.483 9.651   -15.987 1.00 188.06 ? 42 DT D "O5'" 1 
ATOM 718 C "C5'" . DT C 3 7  ? -22.693 9.749   -14.578 1.00 180.55 ? 42 DT D "C5'" 1 
ATOM 719 C "C4'" . DT C 3 7  ? -22.947 11.204  -14.287 1.00 181.93 ? 42 DT D "C4'" 1 
ATOM 720 O "O4'" . DT C 3 7  ? -21.792 11.953  -14.735 1.00 188.20 ? 42 DT D "O4'" 1 
ATOM 721 C "C3'" . DT C 3 7  ? -24.143 11.754  -15.066 1.00 196.39 ? 42 DT D "C3'" 1 
ATOM 722 O "O3'" . DT C 3 7  ? -24.996 12.493  -14.187 1.00 207.51 ? 42 DT D "O3'" 1 
ATOM 723 C "C2'" . DT C 3 7  ? -23.506 12.568  -16.187 1.00 194.01 ? 42 DT D "C2'" 1 
ATOM 724 C "C1'" . DT C 3 7  ? -22.216 13.037  -15.546 1.00 172.76 ? 42 DT D "C1'" 1 
ATOM 725 N N1    . DT C 3 7  ? -21.091 13.397  -16.447 1.00 162.36 ? 42 DT D N1    1 
ATOM 726 C C2    . DT C 3 7  ? -20.497 14.634  -16.284 1.00 130.18 ? 42 DT D C2    1 
ATOM 727 O O2    . DT C 3 7  ? -20.878 15.453  -15.468 1.00 137.16 ? 42 DT D O2    1 
ATOM 728 N N3    . DT C 3 7  ? -19.432 14.875  -17.117 1.00 104.05 ? 42 DT D N3    1 
ATOM 729 C C4    . DT C 3 7  ? -18.904 14.015  -18.068 1.00 100.26 ? 42 DT D C4    1 
ATOM 730 O O4    . DT C 3 7  ? -17.935 14.360  -18.736 1.00 111.99 ? 42 DT D O4    1 
ATOM 731 C C5    . DT C 3 7  ? -19.576 12.741  -18.189 1.00 130.17 ? 42 DT D C5    1 
ATOM 732 C C7    . DT C 3 7  ? -19.088 11.761  -19.207 1.00 135.89 ? 42 DT D C7    1 
ATOM 733 C C6    . DT C 3 7  ? -20.610 12.490  -17.369 1.00 152.62 ? 42 DT D C6    1 
ATOM 734 P P     . DA D 4 1  ? 1.601   -9.976  -2.139  1.00 115.68 ? 1  DA A P     1 
ATOM 735 O OP1   . DA D 4 1  ? 1.505   -11.240 -2.908  1.00 91.03  ? 1  DA A OP1   1 
ATOM 736 O OP2   . DA D 4 1  ? 2.892   -9.233  -2.153  1.00 120.96 ? 1  DA A OP2   1 
ATOM 737 O "O5'" . DA D 4 1  ? 1.206   -10.258 -0.627  1.00 110.21 ? 1  DA A "O5'" 1 
ATOM 738 C "C5'" . DA D 4 1  ? 0.498   -11.457 -0.342  1.00 120.10 ? 1  DA A "C5'" 1 
ATOM 739 C "C4'" . DA D 4 1  ? 0.068   -11.492 1.103   1.00 115.47 ? 1  DA A "C4'" 1 
ATOM 740 O "O4'" . DA D 4 1  ? 1.223   -11.727 1.910   1.00 76.56  ? 1  DA A "O4'" 1 
ATOM 741 C "C3'" . DA D 4 1  ? -0.549  -10.214 1.654   1.00 100.12 ? 1  DA A "C3'" 1 
ATOM 742 O "O3'" . DA D 4 1  ? -1.931  -10.254 1.405   1.00 95.39  ? 1  DA A "O3'" 1 
ATOM 743 C "C2'" . DA D 4 1  ? -0.237  -10.287 3.130   1.00 77.85  ? 1  DA A "C2'" 1 
ATOM 744 C "C1'" . DA D 4 1  ? 1.137   -10.938 3.093   1.00 70.91  ? 1  DA A "C1'" 1 
ATOM 745 N N9    . DA D 4 1  ? 2.269   -10.049 3.054   1.00 72.54  ? 1  DA A N9    1 
ATOM 746 C C8    . DA D 4 1  ? 3.311   -10.128 2.159   1.00 91.14  ? 1  DA A C8    1 
ATOM 747 N N7    . DA D 4 1  ? 4.277   -9.268  2.392   1.00 77.63  ? 1  DA A N7    1 
ATOM 748 C C5    . DA D 4 1  ? 3.822   -8.556  3.489   1.00 59.28  ? 1  DA A C5    1 
ATOM 749 C C6    . DA D 4 1  ? 4.374   -7.494  4.197   1.00 66.03  ? 1  DA A C6    1 
ATOM 750 N N6    . DA D 4 1  ? 5.538   -6.935  3.872   1.00 77.88  ? 1  DA A N6    1 
ATOM 751 N N1    . DA D 4 1  ? 3.702   -7.035  5.275   1.00 73.22  ? 1  DA A N1    1 
ATOM 752 C C2    . DA D 4 1  ? 2.518   -7.592  5.578   1.00 90.69  ? 1  DA A C2    1 
ATOM 753 N N3    . DA D 4 1  ? 1.879   -8.597  4.967   1.00 79.22  ? 1  DA A N3    1 
ATOM 754 C C4    . DA D 4 1  ? 2.594   -9.038  3.920   1.00 67.25  ? 1  DA A C4    1 
ATOM 755 P P     . DC D 4 2  ? -2.578  -8.949  0.967   1.00 124.38 ? 2  DC A P     1 
ATOM 756 O OP1   . DC D 4 2  ? -4.035  -9.220  0.814   1.00 134.76 ? 2  DC A OP1   1 
ATOM 757 O OP2   . DC D 4 2  ? -1.785  -8.418  -0.180  1.00 138.99 ? 2  DC A OP2   1 
ATOM 758 O "O5'" . DC D 4 2  ? -2.323  -8.059  2.255   1.00 84.69  ? 2  DC A "O5'" 1 
ATOM 759 C "C5'" . DC D 4 2  ? -3.154  -8.391  3.371   1.00 104.45 ? 2  DC A "C5'" 1 
ATOM 760 C "C4'" . DC D 4 2  ? -2.821  -7.469  4.508   1.00 100.13 ? 2  DC A "C4'" 1 
ATOM 761 O "O4'" . DC D 4 2  ? -1.415  -7.253  4.439   1.00 97.57  ? 2  DC A "O4'" 1 
ATOM 762 C "C3'" . DC D 4 2  ? -3.401  -6.076  4.366   1.00 102.66 ? 2  DC A "C3'" 1 
ATOM 763 O "O3'" . DC D 4 2  ? -4.643  -5.964  5.027   1.00 114.04 ? 2  DC A "O3'" 1 
ATOM 764 C "C2'" . DC D 4 2  ? -2.394  -5.212  5.102   1.00 109.71 ? 2  DC A "C2'" 1 
ATOM 765 C "C1'" . DC D 4 2  ? -1.142  -6.067  5.159   1.00 98.12  ? 2  DC A "C1'" 1 
ATOM 766 N N1    . DC D 4 2  ? 0.061   -5.473  4.582   1.00 85.83  ? 2  DC A N1    1 
ATOM 767 C C2    . DC D 4 2  ? 0.674   -4.386  5.229   1.00 92.88  ? 2  DC A C2    1 
ATOM 768 O O2    . DC D 4 2  ? 0.143   -3.905  6.245   1.00 97.32  ? 2  DC A O2    1 
ATOM 769 N N3    . DC D 4 2  ? 1.830   -3.895  4.731   1.00 92.89  ? 2  DC A N3    1 
ATOM 770 C C4    . DC D 4 2  ? 2.382   -4.456  3.646   1.00 93.09  ? 2  DC A C4    1 
ATOM 771 N N4    . DC D 4 2  ? 3.507   -3.929  3.174   1.00 110.04 ? 2  DC A N4    1 
ATOM 772 C C5    . DC D 4 2  ? 1.781   -5.561  2.974   1.00 62.59  ? 2  DC A C5    1 
ATOM 773 C C6    . DC D 4 2  ? 0.620   -6.017  3.457   1.00 73.39  ? 2  DC A C6    1 
ATOM 774 P P     . DG D 4 3  ? -5.496  -4.640  4.843   1.00 136.31 ? 3  DG A P     1 
ATOM 775 O OP1   . DG D 4 3  ? -6.637  -4.682  5.797   1.00 118.77 ? 3  DG A OP1   1 
ATOM 776 O OP2   . DG D 4 3  ? -5.684  -4.372  3.383   1.00 154.28 ? 3  DG A OP2   1 
ATOM 777 O "O5'" . DG D 4 3  ? -4.541  -3.499  5.362   1.00 112.45 ? 3  DG A "O5'" 1 
ATOM 778 C "C5'" . DG D 4 3  ? -5.009  -2.584  6.352   1.00 110.64 ? 3  DG A "C5'" 1 
ATOM 779 C "C4'" . DG D 4 3  ? -3.843  -1.676  6.620   1.00 111.23 ? 3  DG A "C4'" 1 
ATOM 780 O "O4'" . DG D 4 3  ? -2.885  -1.984  5.600   1.00 84.54  ? 3  DG A "O4'" 1 
ATOM 781 C "C3'" . DG D 4 3  ? -4.065  -0.186  6.425   1.00 118.26 ? 3  DG A "C3'" 1 
ATOM 782 O "O3'" . DG D 4 3  ? -4.708  0.441   7.541   1.00 125.38 ? 3  DG A "O3'" 1 
ATOM 783 C "C2'" . DG D 4 3  ? -2.673  0.300   6.007   1.00 94.19  ? 3  DG A "C2'" 1 
ATOM 784 C "C1'" . DG D 4 3  ? -1.912  -1.006  5.773   1.00 78.71  ? 3  DG A "C1'" 1 
ATOM 785 N N9    . DG D 4 3  ? -0.996  -1.133  4.661   1.00 81.39  ? 3  DG A N9    1 
ATOM 786 C C8    . DG D 4 3  ? -1.105  -1.991  3.595   1.00 80.31  ? 3  DG A C8    1 
ATOM 787 N N7    . DG D 4 3  ? -0.078  -1.938  2.792   1.00 80.47  ? 3  DG A N7    1 
ATOM 788 C C5    . DG D 4 3  ? 0.788   -1.048  3.407   1.00 81.99  ? 3  DG A C5    1 
ATOM 789 C C6    . DG D 4 3  ? 2.083   -0.634  3.035   1.00 112.64 ? 3  DG A C6    1 
ATOM 790 O O6    . DG D 4 3  ? 2.719   -0.932  2.022   1.00 128.89 ? 3  DG A O6    1 
ATOM 791 N N1    . DG D 4 3  ? 2.638   0.229   3.978   1.00 107.35 ? 3  DG A N1    1 
ATOM 792 C C2    . DG D 4 3  ? 2.014   0.647   5.129   1.00 116.43 ? 3  DG A C2    1 
ATOM 793 N N2    . DG D 4 3  ? 2.700   1.501   5.909   1.00 130.52 ? 3  DG A N2    1 
ATOM 794 N N3    . DG D 4 3  ? 0.794   0.276   5.478   1.00 98.66  ? 3  DG A N3    1 
ATOM 795 C C4    . DG D 4 3  ? 0.249   -0.572  4.581   1.00 79.13  ? 3  DG A C4    1 
ATOM 796 P P     . DT D 4 4  ? -5.363  1.877   7.313   1.00 155.12 ? 4  DT A P     1 
ATOM 797 O OP1   . DT D 4 4  ? -6.026  2.295   8.577   1.00 149.52 ? 4  DT A OP1   1 
ATOM 798 O OP2   . DT D 4 4  ? -6.108  1.867   6.015   1.00 135.75 ? 4  DT A OP2   1 
ATOM 799 O "O5'" . DT D 4 4  ? -4.088  2.787   7.067   1.00 124.95 ? 4  DT A "O5'" 1 
ATOM 800 C "C5'" . DT D 4 4  ? -3.274  3.123   8.182   1.00 120.49 ? 4  DT A "C5'" 1 
ATOM 801 C "C4'" . DT D 4 4  ? -2.207  4.067   7.703   1.00 125.85 ? 4  DT A "C4'" 1 
ATOM 802 O "O4'" . DT D 4 4  ? -1.468  3.421   6.656   1.00 116.04 ? 4  DT A "O4'" 1 
ATOM 803 C "C3'" . DT D 4 4  ? -2.756  5.354   7.089   1.00 122.52 ? 4  DT A "C3'" 1 
ATOM 804 O "O3'" . DT D 4 4  ? -2.339  6.417   7.943   1.00 143.73 ? 4  DT A "O3'" 1 
ATOM 805 C "C2'" . DT D 4 4  ? -2.178  5.359   5.684   1.00 107.04 ? 4  DT A "C2'" 1 
ATOM 806 C "C1'" . DT D 4 4  ? -1.000  4.434   5.827   1.00 105.05 ? 4  DT A "C1'" 1 
ATOM 807 N N1    . DT D 4 4  ? -0.494  3.804   4.594   1.00 102.30 ? 4  DT A N1    1 
ATOM 808 C C2    . DT D 4 4  ? 0.761   4.171   4.172   1.00 116.06 ? 4  DT A C2    1 
ATOM 809 O O2    . DT D 4 4  ? 1.453   4.984   4.767   1.00 148.25 ? 4  DT A O2    1 
ATOM 810 N N3    . DT D 4 4  ? 1.187   3.547   3.026   1.00 116.64 ? 4  DT A N3    1 
ATOM 811 C C4    . DT D 4 4  ? 0.505   2.598   2.287   1.00 134.43 ? 4  DT A C4    1 
ATOM 812 O O4    . DT D 4 4  ? 1.029   2.113   1.275   1.00 118.28 ? 4  DT A O4    1 
ATOM 813 C C5    . DT D 4 4  ? -0.814  2.260   2.789   1.00 113.10 ? 4  DT A C5    1 
ATOM 814 C C7    . DT D 4 4  ? -1.640  1.254   2.049   1.00 103.08 ? 4  DT A C7    1 
ATOM 815 C C6    . DT D 4 4  ? -1.240  2.877   3.899   1.00 93.36  ? 4  DT A C6    1 
ATOM 816 P P     . DC D 4 5  ? -2.757  7.898   7.619   1.00 142.35 ? 5  DC A P     1 
ATOM 817 O OP1   . DC D 4 5  ? -2.329  8.753   8.758   1.00 133.72 ? 5  DC A OP1   1 
ATOM 818 O OP2   . DC D 4 5  ? -4.196  7.894   7.171   1.00 113.83 ? 5  DC A OP2   1 
ATOM 819 O "O5'" . DC D 4 5  ? -1.690  8.256   6.506   1.00 103.07 ? 5  DC A "O5'" 1 
ATOM 820 C "C5'" . DC D 4 5  ? -0.328  8.023   6.807   1.00 106.43 ? 5  DC A "C5'" 1 
ATOM 821 C "C4'" . DC D 4 5  ? 0.533   8.620   5.724   1.00 128.48 ? 5  DC A "C4'" 1 
ATOM 822 O "O4'" . DC D 4 5  ? 0.623   7.685   4.632   1.00 117.44 ? 5  DC A "O4'" 1 
ATOM 823 C "C3'" . DC D 4 5  ? 0.037   9.932   5.109   1.00 124.42 ? 5  DC A "C3'" 1 
ATOM 824 O "O3'" . DC D 4 5  ? 1.201   10.694  4.831   1.00 106.25 ? 5  DC A "O3'" 1 
ATOM 825 C "C2'" . DC D 4 5  ? -0.554  9.505   3.780   1.00 126.47 ? 5  DC A "C2'" 1 
ATOM 826 C "C1'" . DC D 4 5  ? 0.377   8.364   3.407   1.00 116.24 ? 5  DC A "C1'" 1 
ATOM 827 N N1    . DC D 4 5  ? -0.136  7.362   2.466   1.00 96.85  ? 5  DC A N1    1 
ATOM 828 C C2    . DC D 4 5  ? 0.685   6.898   1.419   1.00 107.19 ? 5  DC A C2    1 
ATOM 829 O O2    . DC D 4 5  ? 1.795   7.434   1.231   1.00 99.30  ? 5  DC A O2    1 
ATOM 830 N N3    . DC D 4 5  ? 0.233   5.897   0.624   1.00 92.18  ? 5  DC A N3    1 
ATOM 831 C C4    . DC D 4 5  ? -0.964  5.346   0.860   1.00 94.17  ? 5  DC A C4    1 
ATOM 832 N N4    . DC D 4 5  ? -1.393  4.390   0.032   1.00 103.93 ? 5  DC A N4    1 
ATOM 833 C C5    . DC D 4 5  ? -1.795  5.778   1.935   1.00 99.32  ? 5  DC A C5    1 
ATOM 834 C C6    . DC D 4 5  ? -1.342  6.769   2.710   1.00 93.86  ? 5  DC A C6    1 
ATOM 835 P P     . DA D 4 6  ? 1.156   12.252  4.914   1.00 116.36 ? 6  DA A P     1 
ATOM 836 O OP1   . DA D 4 6  ? 1.945   12.675  6.093   1.00 120.30 ? 6  DA A OP1   1 
ATOM 837 O OP2   . DA D 4 6  ? -0.281  12.670  4.826   1.00 85.26  ? 6  DA A OP2   1 
ATOM 838 O "O5'" . DA D 4 6  ? 2.027   12.604  3.637   1.00 78.98  ? 6  DA A "O5'" 1 
ATOM 839 C "C5'" . DA D 4 6  ? 1.525   12.032  2.421   1.00 97.31  ? 6  DA A "C5'" 1 
ATOM 840 C "C4'" . DA D 4 6  ? 2.318   12.544  1.246   1.00 109.65 ? 6  DA A "C4'" 1 
ATOM 841 O "O4'" . DA D 4 6  ? 2.486   11.509  0.257   1.00 118.13 ? 6  DA A "O4'" 1 
ATOM 842 C "C3'" . DA D 4 6  ? 1.687   13.725  0.525   1.00 87.00  ? 6  DA A "C3'" 1 
ATOM 843 O "O3'" . DA D 4 6  ? 2.648   14.713  0.147   1.00 78.28  ? 6  DA A "O3'" 1 
ATOM 844 C "C2'" . DA D 4 6  ? 1.191   13.159  -0.779  1.00 94.29  ? 6  DA A "C2'" 1 
ATOM 845 C "C1'" . DA D 4 6  ? 1.583   11.713  -0.793  1.00 91.68  ? 6  DA A "C1'" 1 
ATOM 846 N N9    . DA D 4 6  ? 0.415   10.884  -0.568  1.00 92.78  ? 6  DA A N9    1 
ATOM 847 C C8    . DA D 4 6  ? -0.646  11.101  0.273   1.00 97.49  ? 6  DA A C8    1 
ATOM 848 N N7    . DA D 4 6  ? -1.580  10.182  0.192   1.00 109.79 ? 6  DA A N7    1 
ATOM 849 C C5    . DA D 4 6  ? -1.109  9.313   -0.779  1.00 101.39 ? 6  DA A C5    1 
ATOM 850 C C6    . DA D 4 6  ? -1.640  8.138   -1.337  1.00 100.10 ? 6  DA A C6    1 
ATOM 851 N N6    . DA D 4 6  ? -2.801  7.599   -0.961  1.00 116.17 ? 6  DA A N6    1 
ATOM 852 N N1    . DA D 4 6  ? -0.942  7.542   -2.325  1.00 87.53  ? 6  DA A N1    1 
ATOM 853 C C2    . DA D 4 6  ? 0.249   8.053   -2.664  1.00 92.28  ? 6  DA A C2    1 
ATOM 854 N N3    . DA D 4 6  ? 0.869   9.132   -2.193  1.00 92.70  ? 6  DA A N3    1 
ATOM 855 C C4    . DA D 4 6  ? 0.115   9.740   -1.264  1.00 97.79  ? 6  DA A C4    1 
# 
loop_
_pdbx_poly_seq_scheme.asym_id 
_pdbx_poly_seq_scheme.entity_id 
_pdbx_poly_seq_scheme.seq_id 
_pdbx_poly_seq_scheme.mon_id 
_pdbx_poly_seq_scheme.ndb_seq_num 
_pdbx_poly_seq_scheme.pdb_seq_num 
_pdbx_poly_seq_scheme.auth_seq_num 
_pdbx_poly_seq_scheme.pdb_mon_id 
_pdbx_poly_seq_scheme.auth_mon_id 
_pdbx_poly_seq_scheme.pdb_strand_id 
_pdbx_poly_seq_scheme.pdb_ins_code 
_pdbx_poly_seq_scheme.hetero 
A 1 1  DG 1  7  7  DG DG B . n 
A 1 2  DA 2  8  8  DA DA B . n 
A 1 3  DA 3  9  9  DA DA B . n 
A 1 4  DC 4  10 10 DC DC B . n 
A 1 5  DG 5  11 11 DG DG B . n 
A 1 6  DA 6  12 12 DA DA B . n 
A 1 7  DC 7  13 13 DC DC B . n 
A 1 8  DA 8  14 14 DA DA B . n 
A 1 9  DC 9  15 15 DC DC B . n 
A 1 10 DT 10 16 16 DT DT B . n 
A 1 11 DG 11 17 17 DG DG B . n 
A 1 12 DA 12 18 18 DA DA B . n 
A 1 13 DC 13 19 19 DC DC B . n 
A 1 14 DG 14 20 20 DG DG B . n 
A 1 15 DT 15 21 21 DT DT B . n 
A 1 16 DG 16 22 22 DG DG B . n 
A 1 17 DG 17 23 23 DG DG B . n 
A 1 18 DA 18 24 24 DA DA B . n 
A 1 19 DC 19 25 25 DC DC B . n 
A 1 20 DT 20 26 26 DT DT B . n 
A 1 21 DC 21 27 27 DC DC B . n 
B 2 1  DT 1  28 28 DT DT C . n 
B 2 2  DC 2  29 29 DC DC C . n 
B 2 3  DG 3  30 30 DG DG C . n 
B 2 4  DA 4  31 31 DA DA C . n 
B 2 5  DG 5  32 32 DG DG C . n 
B 2 6  DT 6  33 33 DT DT C . n 
B 2 7  DC 7  34 34 DC DC C . n 
B 2 8  DC 8  35 35 DC DC C . n 
C 3 1  DG 1  36 36 DG DG D . n 
C 3 2  DT 2  37 37 DT DT D . n 
C 3 3  DG 3  38 38 DG DG D . n 
C 3 4  DT 4  39 39 DT DT D . n 
C 3 5  DC 5  40 40 DC DC D . n 
C 3 6  DG 6  41 41 DG DG D . n 
C 3 7  DT 7  42 42 DT DT D . n 
D 4 1  DA 1  1  1  DA DA A . n 
D 4 2  DC 2  2  2  DC DC A . n 
D 4 3  DG 3  3  3  DG DG A . n 
D 4 4  DT 4  4  4  DT DT A . n 
D 4 5  DC 5  5  5  DC DC A . n 
D 4 6  DA 6  6  6  DA DA A . n 
# 
_pdbx_struct_assembly.id                   1 
_pdbx_struct_assembly.details              author_defined_assembly 
_pdbx_struct_assembly.method_details       ? 
_pdbx_struct_assembly.oligomeric_details   tetrameric 
_pdbx_struct_assembly.oligomeric_count     4 
# 
_pdbx_struct_assembly_gen.assembly_id       1 
_pdbx_struct_assembly_gen.oper_expression   1 
_pdbx_struct_assembly_gen.asym_id_list      A,B,C,D 
# 
_pdbx_struct_oper_list.id                   1 
_pdbx_struct_oper_list.type                 'identity operation' 
_pdbx_struct_oper_list.name                 1_555 
_pdbx_struct_oper_list.symmetry_operation   x,y,z 
_pdbx_struct_oper_list.matrix[1][1]         1.0000000000 
_pdbx_struct_oper_list.matrix[1][2]         0.0000000000 
_pdbx_struct_oper_list.matrix[1][3]         0.0000000000 
_pdbx_struct_oper_list.vector[1]            0.0000000000 
_pdbx_struct_oper_list.matrix[2][1]         0.0000000000 
_pdbx_struct_oper_list.matrix[2][2]         1.0000000000 
_pdbx_struct_oper_list.matrix[2][3]         0.0000000000 
_pdbx_struct_oper_list.vector[2]            0.0000000000 
_pdbx_struct_oper_list.matrix[3][1]         0.0000000000 
_pdbx_struct_oper_list.matrix[3][2]         0.0000000000 
_pdbx_struct_oper_list.matrix[3][3]         1.0000000000 
_pdbx_struct_oper_list.vector[3]            0.0000000000 
# 
loop_
_pdbx_audit_revision_history.ordinal 
_pdbx_audit_revision_history.data_content_type 
_pdbx_audit_revision_history.major_revision 
_pdbx_audit_revision_history.minor_revision 
_pdbx_audit_revision_history.revision_date 
1 'Structure model' 1 0 2021-07-14 
2 'Structure model' 1 1 2022-07-06 
3 'Structure model' 1 2 2023-10-18 
# 
_pdbx_audit_revision_details.ordinal             1 
_pdbx_audit_revision_details.revision_ordinal    1 
_pdbx_audit_revision_details.data_content_type   'Structure model' 
_pdbx_audit_revision_details.provider            repository 
_pdbx_audit_revision_details.type                'Initial release' 
_pdbx_audit_revision_details.description         ? 
_pdbx_audit_revision_details.details             ? 
# 
loop_
_pdbx_audit_revision_group.ordinal 
_pdbx_audit_revision_group.revision_ordinal 
_pdbx_audit_revision_group.data_content_type 
_pdbx_audit_revision_group.group 
1 2 'Structure model' 'Database references'    
2 3 'Structure model' 'Data collection'        
3 3 'Structure model' 'Refinement description' 
# 
loop_
_pdbx_audit_revision_category.ordinal 
_pdbx_audit_revision_category.revision_ordinal 
_pdbx_audit_revision_category.data_content_type 
_pdbx_audit_revision_category.category 
1 2 'Structure model' citation                      
2 2 'Structure model' citation_author               
3 2 'Structure model' database_2                    
4 3 'Structure model' chem_comp_atom                
5 3 'Structure model' chem_comp_bond                
6 3 'Structure model' pdbx_initial_refinement_model 
# 
loop_
_pdbx_audit_revision_item.ordinal 
_pdbx_audit_revision_item.revision_ordinal 
_pdbx_audit_revision_item.data_content_type 
_pdbx_audit_revision_item.item 
1  2 'Structure model' '_citation.country'                   
2  2 'Structure model' '_citation.journal_abbrev'            
3  2 'Structure model' '_citation.journal_id_CSD'            
4  2 'Structure model' '_citation.journal_id_ISSN'           
5  2 'Structure model' '_citation.journal_volume'            
6  2 'Structure model' '_citation.page_first'                
7  2 'Structure model' '_citation.page_last'                 
8  2 'Structure model' '_citation.pdbx_database_id_DOI'      
9  2 'Structure model' '_citation.pdbx_database_id_PubMed'   
10 2 'Structure model' '_citation.title'                     
11 2 'Structure model' '_citation.year'                      
12 2 'Structure model' '_database_2.pdbx_DOI'                
13 2 'Structure model' '_database_2.pdbx_database_accession' 
# 
loop_
_software.citation_id 
_software.classification 
_software.compiler_name 
_software.compiler_version 
_software.contact_author 
_software.contact_author_email 
_software.date 
_software.description 
_software.dependencies 
_software.hardware 
_software.language 
_software.location 
_software.mods 
_software.name 
_software.os 
_software.os_version 
_software.type 
_software.version 
_software.pdbx_ordinal 
? 'data reduction'  ? ? ? ? ? ? ? ? ? ? ? HKL-2000    ? ? ? .           1 
? 'data scaling'    ? ? ? ? ? ? ? ? ? ? ? HKL-2000    ? ? ? .           2 
? refinement        ? ? ? ? ? ? ? ? ? ? ? PHENIX      ? ? ? 1.11.1_2575 3 
? 'data extraction' ? ? ? ? ? ? ? ? ? ? ? PDB_EXTRACT ? ? ? 3.25        4 
? phasing           ? ? ? ? ? ? ? ? ? ? ? PHASER      ? ? ? .           5 
# 
loop_
_pdbx_validate_symm_contact.id 
_pdbx_validate_symm_contact.PDB_model_num 
_pdbx_validate_symm_contact.auth_atom_id_1 
_pdbx_validate_symm_contact.auth_asym_id_1 
_pdbx_validate_symm_contact.auth_comp_id_1 
_pdbx_validate_symm_contact.auth_seq_id_1 
_pdbx_validate_symm_contact.PDB_ins_code_1 
_pdbx_validate_symm_contact.label_alt_id_1 
_pdbx_validate_symm_contact.site_symmetry_1 
_pdbx_validate_symm_contact.auth_atom_id_2 
_pdbx_validate_symm_contact.auth_asym_id_2 
_pdbx_validate_symm_contact.auth_comp_id_2 
_pdbx_validate_symm_contact.auth_seq_id_2 
_pdbx_validate_symm_contact.PDB_ins_code_2 
_pdbx_validate_symm_contact.label_alt_id_2 
_pdbx_validate_symm_contact.site_symmetry_2 
_pdbx_validate_symm_contact.dist 
1 1 "O3'" C DC 35 ? ? 1_555 "O5'" D DG 36 ? ? 6_555 2.01 
2 1 OP2   A DA 1  ? ? 1_555 "O3'" A DA 6  ? ? 6_555 2.03 
3 1 P     A DA 1  ? ? 1_555 "O3'" A DA 6  ? ? 6_555 2.05 
4 1 "O3'" C DC 35 ? ? 1_555 OP1   D DG 36 ? ? 6_555 2.18 
5 1 "O5'" A DA 1  ? ? 1_555 "O3'" A DA 6  ? ? 6_555 2.18 
# 
loop_
_pdbx_validate_rmsd_bond.id 
_pdbx_validate_rmsd_bond.PDB_model_num 
_pdbx_validate_rmsd_bond.auth_atom_id_1 
_pdbx_validate_rmsd_bond.auth_asym_id_1 
_pdbx_validate_rmsd_bond.auth_comp_id_1 
_pdbx_validate_rmsd_bond.auth_seq_id_1 
_pdbx_validate_rmsd_bond.PDB_ins_code_1 
_pdbx_validate_rmsd_bond.label_alt_id_1 
_pdbx_validate_rmsd_bond.auth_atom_id_2 
_pdbx_validate_rmsd_bond.auth_asym_id_2 
_pdbx_validate_rmsd_bond.auth_comp_id_2 
_pdbx_validate_rmsd_bond.auth_seq_id_2 
_pdbx_validate_rmsd_bond.PDB_ins_code_2 
_pdbx_validate_rmsd_bond.label_alt_id_2 
_pdbx_validate_rmsd_bond.bond_value 
_pdbx_validate_rmsd_bond.bond_target_value 
_pdbx_validate_rmsd_bond.bond_deviation 
_pdbx_validate_rmsd_bond.bond_standard_deviation 
_pdbx_validate_rmsd_bond.linker_flag 
1 1 "O3'" B DC 19 ? ? P B DG 20 ? ? 1.532 1.607 -0.075 0.012 Y 
2 1 "O3'" C DC 34 ? ? P C DC 35 ? ? 1.529 1.607 -0.078 0.012 Y 
3 1 "O3'" A DA 1  ? ? P A DC 2  ? ? 1.521 1.607 -0.086 0.012 Y 
# 
loop_
_pdbx_validate_rmsd_angle.id 
_pdbx_validate_rmsd_angle.PDB_model_num 
_pdbx_validate_rmsd_angle.auth_atom_id_1 
_pdbx_validate_rmsd_angle.auth_asym_id_1 
_pdbx_validate_rmsd_angle.auth_comp_id_1 
_pdbx_validate_rmsd_angle.auth_seq_id_1 
_pdbx_validate_rmsd_angle.PDB_ins_code_1 
_pdbx_validate_rmsd_angle.label_alt_id_1 
_pdbx_validate_rmsd_angle.auth_atom_id_2 
_pdbx_validate_rmsd_angle.auth_asym_id_2 
_pdbx_validate_rmsd_angle.auth_comp_id_2 
_pdbx_validate_rmsd_angle.auth_seq_id_2 
_pdbx_validate_rmsd_angle.PDB_ins_code_2 
_pdbx_validate_rmsd_angle.label_alt_id_2 
_pdbx_validate_rmsd_angle.auth_atom_id_3 
_pdbx_validate_rmsd_angle.auth_asym_id_3 
_pdbx_validate_rmsd_angle.auth_comp_id_3 
_pdbx_validate_rmsd_angle.auth_seq_id_3 
_pdbx_validate_rmsd_angle.PDB_ins_code_3 
_pdbx_validate_rmsd_angle.label_alt_id_3 
_pdbx_validate_rmsd_angle.angle_value 
_pdbx_validate_rmsd_angle.angle_target_value 
_pdbx_validate_rmsd_angle.angle_deviation 
_pdbx_validate_rmsd_angle.angle_standard_deviation 
_pdbx_validate_rmsd_angle.linker_flag 
1 1 "C1'" B DC 25 ? ? "O4'" B DC 25 ? ? "C4'" B DC 25 ? ? 102.42 110.10 -7.68 1.00 N 
2 1 "O5'" D DT 37 ? ? P     D DT 37 ? ? OP2   D DT 37 ? ? 95.81  105.70 -9.89 0.90 N 
3 1 "C1'" A DG 3  ? ? "O4'" A DG 3  ? ? "C4'" A DG 3  ? ? 103.15 110.10 -6.95 1.00 N 
# 
loop_
_chem_comp_atom.comp_id 
_chem_comp_atom.atom_id 
_chem_comp_atom.type_symbol 
_chem_comp_atom.pdbx_aromatic_flag 
_chem_comp_atom.pdbx_stereo_config 
_chem_comp_atom.pdbx_ordinal 
DA OP3    O N N 1   
DA P      P N N 2   
DA OP1    O N N 3   
DA OP2    O N N 4   
DA "O5'"  O N N 5   
DA "C5'"  C N N 6   
DA "C4'"  C N R 7   
DA "O4'"  O N N 8   
DA "C3'"  C N S 9   
DA "O3'"  O N N 10  
DA "C2'"  C N N 11  
DA "C1'"  C N R 12  
DA N9     N Y N 13  
DA C8     C Y N 14  
DA N7     N Y N 15  
DA C5     C Y N 16  
DA C6     C Y N 17  
DA N6     N N N 18  
DA N1     N Y N 19  
DA C2     C Y N 20  
DA N3     N Y N 21  
DA C4     C Y N 22  
DA HOP3   H N N 23  
DA HOP2   H N N 24  
DA "H5'"  H N N 25  
DA "H5''" H N N 26  
DA "H4'"  H N N 27  
DA "H3'"  H N N 28  
DA "HO3'" H N N 29  
DA "H2'"  H N N 30  
DA "H2''" H N N 31  
DA "H1'"  H N N 32  
DA H8     H N N 33  
DA H61    H N N 34  
DA H62    H N N 35  
DA H2     H N N 36  
DC OP3    O N N 37  
DC P      P N N 38  
DC OP1    O N N 39  
DC OP2    O N N 40  
DC "O5'"  O N N 41  
DC "C5'"  C N N 42  
DC "C4'"  C N R 43  
DC "O4'"  O N N 44  
DC "C3'"  C N S 45  
DC "O3'"  O N N 46  
DC "C2'"  C N N 47  
DC "C1'"  C N R 48  
DC N1     N N N 49  
DC C2     C N N 50  
DC O2     O N N 51  
DC N3     N N N 52  
DC C4     C N N 53  
DC N4     N N N 54  
DC C5     C N N 55  
DC C6     C N N 56  
DC HOP3   H N N 57  
DC HOP2   H N N 58  
DC "H5'"  H N N 59  
DC "H5''" H N N 60  
DC "H4'"  H N N 61  
DC "H3'"  H N N 62  
DC "HO3'" H N N 63  
DC "H2'"  H N N 64  
DC "H2''" H N N 65  
DC "H1'"  H N N 66  
DC H41    H N N 67  
DC H42    H N N 68  
DC H5     H N N 69  
DC H6     H N N 70  
DG OP3    O N N 71  
DG P      P N N 72  
DG OP1    O N N 73  
DG OP2    O N N 74  
DG "O5'"  O N N 75  
DG "C5'"  C N N 76  
DG "C4'"  C N R 77  
DG "O4'"  O N N 78  
DG "C3'"  C N S 79  
DG "O3'"  O N N 80  
DG "C2'"  C N N 81  
DG "C1'"  C N R 82  
DG N9     N Y N 83  
DG C8     C Y N 84  
DG N7     N Y N 85  
DG C5     C Y N 86  
DG C6     C N N 87  
DG O6     O N N 88  
DG N1     N N N 89  
DG C2     C N N 90  
DG N2     N N N 91  
DG N3     N N N 92  
DG C4     C Y N 93  
DG HOP3   H N N 94  
DG HOP2   H N N 95  
DG "H5'"  H N N 96  
DG "H5''" H N N 97  
DG "H4'"  H N N 98  
DG "H3'"  H N N 99  
DG "HO3'" H N N 100 
DG "H2'"  H N N 101 
DG "H2''" H N N 102 
DG "H1'"  H N N 103 
DG H8     H N N 104 
DG H1     H N N 105 
DG H21    H N N 106 
DG H22    H N N 107 
DT OP3    O N N 108 
DT P      P N N 109 
DT OP1    O N N 110 
DT OP2    O N N 111 
DT "O5'"  O N N 112 
DT "C5'"  C N N 113 
DT "C4'"  C N R 114 
DT "O4'"  O N N 115 
DT "C3'"  C N S 116 
DT "O3'"  O N N 117 
DT "C2'"  C N N 118 
DT "C1'"  C N R 119 
DT N1     N N N 120 
DT C2     C N N 121 
DT O2     O N N 122 
DT N3     N N N 123 
DT C4     C N N 124 
DT O4     O N N 125 
DT C5     C N N 126 
DT C7     C N N 127 
DT C6     C N N 128 
DT HOP3   H N N 129 
DT HOP2   H N N 130 
DT "H5'"  H N N 131 
DT "H5''" H N N 132 
DT "H4'"  H N N 133 
DT "H3'"  H N N 134 
DT "HO3'" H N N 135 
DT "H2'"  H N N 136 
DT "H2''" H N N 137 
DT "H1'"  H N N 138 
DT H3     H N N 139 
DT H71    H N N 140 
DT H72    H N N 141 
DT H73    H N N 142 
DT H6     H N N 143 
# 
loop_
_chem_comp_bond.comp_id 
_chem_comp_bond.atom_id_1 
_chem_comp_bond.atom_id_2 
_chem_comp_bond.value_order 
_chem_comp_bond.pdbx_aromatic_flag 
_chem_comp_bond.pdbx_stereo_config 
_chem_comp_bond.pdbx_ordinal 
DA OP3   P      sing N N 1   
DA OP3   HOP3   sing N N 2   
DA P     OP1    doub N N 3   
DA P     OP2    sing N N 4   
DA P     "O5'"  sing N N 5   
DA OP2   HOP2   sing N N 6   
DA "O5'" "C5'"  sing N N 7   
DA "C5'" "C4'"  sing N N 8   
DA "C5'" "H5'"  sing N N 9   
DA "C5'" "H5''" sing N N 10  
DA "C4'" "O4'"  sing N N 11  
DA "C4'" "C3'"  sing N N 12  
DA "C4'" "H4'"  sing N N 13  
DA "O4'" "C1'"  sing N N 14  
DA "C3'" "O3'"  sing N N 15  
DA "C3'" "C2'"  sing N N 16  
DA "C3'" "H3'"  sing N N 17  
DA "O3'" "HO3'" sing N N 18  
DA "C2'" "C1'"  sing N N 19  
DA "C2'" "H2'"  sing N N 20  
DA "C2'" "H2''" sing N N 21  
DA "C1'" N9     sing N N 22  
DA "C1'" "H1'"  sing N N 23  
DA N9    C8     sing Y N 24  
DA N9    C4     sing Y N 25  
DA C8    N7     doub Y N 26  
DA C8    H8     sing N N 27  
DA N7    C5     sing Y N 28  
DA C5    C6     sing Y N 29  
DA C5    C4     doub Y N 30  
DA C6    N6     sing N N 31  
DA C6    N1     doub Y N 32  
DA N6    H61    sing N N 33  
DA N6    H62    sing N N 34  
DA N1    C2     sing Y N 35  
DA C2    N3     doub Y N 36  
DA C2    H2     sing N N 37  
DA N3    C4     sing Y N 38  
DC OP3   P      sing N N 39  
DC OP3   HOP3   sing N N 40  
DC P     OP1    doub N N 41  
DC P     OP2    sing N N 42  
DC P     "O5'"  sing N N 43  
DC OP2   HOP2   sing N N 44  
DC "O5'" "C5'"  sing N N 45  
DC "C5'" "C4'"  sing N N 46  
DC "C5'" "H5'"  sing N N 47  
DC "C5'" "H5''" sing N N 48  
DC "C4'" "O4'"  sing N N 49  
DC "C4'" "C3'"  sing N N 50  
DC "C4'" "H4'"  sing N N 51  
DC "O4'" "C1'"  sing N N 52  
DC "C3'" "O3'"  sing N N 53  
DC "C3'" "C2'"  sing N N 54  
DC "C3'" "H3'"  sing N N 55  
DC "O3'" "HO3'" sing N N 56  
DC "C2'" "C1'"  sing N N 57  
DC "C2'" "H2'"  sing N N 58  
DC "C2'" "H2''" sing N N 59  
DC "C1'" N1     sing N N 60  
DC "C1'" "H1'"  sing N N 61  
DC N1    C2     sing N N 62  
DC N1    C6     sing N N 63  
DC C2    O2     doub N N 64  
DC C2    N3     sing N N 65  
DC N3    C4     doub N N 66  
DC C4    N4     sing N N 67  
DC C4    C5     sing N N 68  
DC N4    H41    sing N N 69  
DC N4    H42    sing N N 70  
DC C5    C6     doub N N 71  
DC C5    H5     sing N N 72  
DC C6    H6     sing N N 73  
DG OP3   P      sing N N 74  
DG OP3   HOP3   sing N N 75  
DG P     OP1    doub N N 76  
DG P     OP2    sing N N 77  
DG P     "O5'"  sing N N 78  
DG OP2   HOP2   sing N N 79  
DG "O5'" "C5'"  sing N N 80  
DG "C5'" "C4'"  sing N N 81  
DG "C5'" "H5'"  sing N N 82  
DG "C5'" "H5''" sing N N 83  
DG "C4'" "O4'"  sing N N 84  
DG "C4'" "C3'"  sing N N 85  
DG "C4'" "H4'"  sing N N 86  
DG "O4'" "C1'"  sing N N 87  
DG "C3'" "O3'"  sing N N 88  
DG "C3'" "C2'"  sing N N 89  
DG "C3'" "H3'"  sing N N 90  
DG "O3'" "HO3'" sing N N 91  
DG "C2'" "C1'"  sing N N 92  
DG "C2'" "H2'"  sing N N 93  
DG "C2'" "H2''" sing N N 94  
DG "C1'" N9     sing N N 95  
DG "C1'" "H1'"  sing N N 96  
DG N9    C8     sing Y N 97  
DG N9    C4     sing Y N 98  
DG C8    N7     doub Y N 99  
DG C8    H8     sing N N 100 
DG N7    C5     sing Y N 101 
DG C5    C6     sing N N 102 
DG C5    C4     doub Y N 103 
DG C6    O6     doub N N 104 
DG C6    N1     sing N N 105 
DG N1    C2     sing N N 106 
DG N1    H1     sing N N 107 
DG C2    N2     sing N N 108 
DG C2    N3     doub N N 109 
DG N2    H21    sing N N 110 
DG N2    H22    sing N N 111 
DG N3    C4     sing N N 112 
DT OP3   P      sing N N 113 
DT OP3   HOP3   sing N N 114 
DT P     OP1    doub N N 115 
DT P     OP2    sing N N 116 
DT P     "O5'"  sing N N 117 
DT OP2   HOP2   sing N N 118 
DT "O5'" "C5'"  sing N N 119 
DT "C5'" "C4'"  sing N N 120 
DT "C5'" "H5'"  sing N N 121 
DT "C5'" "H5''" sing N N 122 
DT "C4'" "O4'"  sing N N 123 
DT "C4'" "C3'"  sing N N 124 
DT "C4'" "H4'"  sing N N 125 
DT "O4'" "C1'"  sing N N 126 
DT "C3'" "O3'"  sing N N 127 
DT "C3'" "C2'"  sing N N 128 
DT "C3'" "H3'"  sing N N 129 
DT "O3'" "HO3'" sing N N 130 
DT "C2'" "C1'"  sing N N 131 
DT "C2'" "H2'"  sing N N 132 
DT "C2'" "H2''" sing N N 133 
DT "C1'" N1     sing N N 134 
DT "C1'" "H1'"  sing N N 135 
DT N1    C2     sing N N 136 
DT N1    C6     sing N N 137 
DT C2    O2     doub N N 138 
DT C2    N3     sing N N 139 
DT N3    C4     sing N N 140 
DT N3    H3     sing N N 141 
DT C4    O4     doub N N 142 
DT C4    C5     sing N N 143 
DT C5    C7     sing N N 144 
DT C5    C6     doub N N 145 
DT C7    H71    sing N N 146 
DT C7    H72    sing N N 147 
DT C7    H73    sing N N 148 
DT C6    H6     sing N N 149 
# 
loop_
_ndb_struct_conf_na.entry_id 
_ndb_struct_conf_na.feature 
7JLC 'double helix'        
7JLC 'a-form double helix' 
7JLC 'b-form double helix' 
# 
loop_
_ndb_struct_na_base_pair.model_number 
_ndb_struct_na_base_pair.i_label_asym_id 
_ndb_struct_na_base_pair.i_label_comp_id 
_ndb_struct_na_base_pair.i_label_seq_id 
_ndb_struct_na_base_pair.i_symmetry 
_ndb_struct_na_base_pair.j_label_asym_id 
_ndb_struct_na_base_pair.j_label_comp_id 
_ndb_struct_na_base_pair.j_label_seq_id 
_ndb_struct_na_base_pair.j_symmetry 
_ndb_struct_na_base_pair.shear 
_ndb_struct_na_base_pair.stretch 
_ndb_struct_na_base_pair.stagger 
_ndb_struct_na_base_pair.buckle 
_ndb_struct_na_base_pair.propeller 
_ndb_struct_na_base_pair.opening 
_ndb_struct_na_base_pair.pair_number 
_ndb_struct_na_base_pair.pair_name 
_ndb_struct_na_base_pair.i_auth_asym_id 
_ndb_struct_na_base_pair.i_auth_seq_id 
_ndb_struct_na_base_pair.i_PDB_ins_code 
_ndb_struct_na_base_pair.j_auth_asym_id 
_ndb_struct_na_base_pair.j_auth_seq_id 
_ndb_struct_na_base_pair.j_PDB_ins_code 
_ndb_struct_na_base_pair.hbond_type_28 
_ndb_struct_na_base_pair.hbond_type_12 
1 A DA 3  1_555 C DG 6 1_555 0.712  1.542  -1.532 5.666  -12.303 -26.058 1  B_DA9:DG41_D  B 9  ? D 41 ? 8  1 
1 A DG 5  1_555 C DC 5 1_555 1.583  0.659  1.227  5.304  -24.566 7.069   2  B_DG11:DC40_D B 11 ? D 40 ? ?  1 
1 A DA 6  1_555 C DT 4 1_555 1.218  -0.030 1.189  12.063 -12.592 -22.289 3  B_DA12:DT39_D B 12 ? D 39 ? 20 1 
1 A DC 7  1_555 C DG 3 1_555 -0.930 0.171  0.233  2.941  -3.054  -8.938  4  B_DC13:DG38_D B 13 ? D 38 ? 19 1 
1 A DA 8  1_555 C DT 2 1_555 0.623  0.192  0.209  1.343  -3.500  -19.236 5  B_DA14:DT37_D B 14 ? D 37 ? 20 1 
1 A DC 9  1_555 C DG 1 1_555 -0.150 -0.119 0.590  -0.545 -6.446  -5.987  6  B_DC15:DG36_D B 15 ? D 36 ? 19 1 
1 A DT 10 1_555 D DA 6 1_555 -2.512 -0.139 0.151  -1.114 -16.626 -5.026  7  B_DT16:DA6_A  B 16 ? A 6  ? 20 1 
1 A DG 11 1_555 D DC 5 1_555 0.497  -0.175 0.268  1.482  -1.740  -0.131  8  B_DG17:DC5_A  B 17 ? A 5  ? 19 1 
1 A DA 12 1_555 D DT 4 1_555 2.212  -0.219 0.299  -3.738 -7.417  -8.343  9  B_DA18:DT4_A  B 18 ? A 4  ? 20 1 
1 A DC 13 1_555 D DG 3 1_555 0.045  -0.517 0.314  -9.151 -1.256  -11.221 10 B_DC19:DG3_A  B 19 ? A 3  ? 19 1 
1 A DG 14 1_555 D DC 2 1_555 0.388  -0.472 0.996  -1.109 -0.431  -16.176 11 B_DG20:DC2_A  B 20 ? A 2  ? 19 1 
1 A DT 15 1_555 D DA 1 1_555 -1.474 0.253  0.941  -2.471 -1.489  -19.821 12 B_DT21:DA1_A  B 21 ? A 1  ? 20 1 
1 A DG 16 1_555 B DC 8 1_555 2.604  0.570  1.133  9.776  -4.841  8.697   13 B_DG22:DC35_C B 22 ? C 35 ? ?  ? 
1 A DG 17 1_555 B DC 7 1_555 1.675  0.027  1.146  10.824 -2.447  -13.431 14 B_DG23:DC34_C B 23 ? C 34 ? 19 1 
1 A DA 18 1_555 B DT 6 1_555 1.620  -0.100 0.596  2.729  -5.210  -16.629 15 B_DA24:DT33_C B 24 ? C 33 ? 20 1 
1 A DC 19 1_555 B DG 5 1_555 -0.833 0.109  0.705  -4.903 -7.772  -6.577  16 B_DC25:DG32_C B 25 ? C 32 ? 19 1 
1 A DT 20 1_555 B DA 4 1_555 -0.464 0.205  0.360  -4.937 -4.339  -17.376 17 B_DT26:DA31_C B 26 ? C 31 ? 20 1 
1 A DC 21 1_555 B DG 3 1_555 -0.527 -0.082 0.260  3.638  -13.778 3.042   18 B_DC27:DG30_C B 27 ? C 30 ? 19 1 
# 
loop_
_ndb_struct_na_base_pair_step.model_number 
_ndb_struct_na_base_pair_step.i_label_asym_id_1 
_ndb_struct_na_base_pair_step.i_label_comp_id_1 
_ndb_struct_na_base_pair_step.i_label_seq_id_1 
_ndb_struct_na_base_pair_step.i_symmetry_1 
_ndb_struct_na_base_pair_step.j_label_asym_id_1 
_ndb_struct_na_base_pair_step.j_label_comp_id_1 
_ndb_struct_na_base_pair_step.j_label_seq_id_1 
_ndb_struct_na_base_pair_step.j_symmetry_1 
_ndb_struct_na_base_pair_step.i_label_asym_id_2 
_ndb_struct_na_base_pair_step.i_label_comp_id_2 
_ndb_struct_na_base_pair_step.i_label_seq_id_2 
_ndb_struct_na_base_pair_step.i_symmetry_2 
_ndb_struct_na_base_pair_step.j_label_asym_id_2 
_ndb_struct_na_base_pair_step.j_label_comp_id_2 
_ndb_struct_na_base_pair_step.j_label_seq_id_2 
_ndb_struct_na_base_pair_step.j_symmetry_2 
_ndb_struct_na_base_pair_step.shift 
_ndb_struct_na_base_pair_step.slide 
_ndb_struct_na_base_pair_step.rise 
_ndb_struct_na_base_pair_step.tilt 
_ndb_struct_na_base_pair_step.roll 
_ndb_struct_na_base_pair_step.twist 
_ndb_struct_na_base_pair_step.x_displacement 
_ndb_struct_na_base_pair_step.y_displacement 
_ndb_struct_na_base_pair_step.helical_rise 
_ndb_struct_na_base_pair_step.inclination 
_ndb_struct_na_base_pair_step.tip 
_ndb_struct_na_base_pair_step.helical_twist 
_ndb_struct_na_base_pair_step.step_number 
_ndb_struct_na_base_pair_step.step_name 
_ndb_struct_na_base_pair_step.i_auth_asym_id_1 
_ndb_struct_na_base_pair_step.i_auth_seq_id_1 
_ndb_struct_na_base_pair_step.i_PDB_ins_code_1 
_ndb_struct_na_base_pair_step.j_auth_asym_id_1 
_ndb_struct_na_base_pair_step.j_auth_seq_id_1 
_ndb_struct_na_base_pair_step.j_PDB_ins_code_1 
_ndb_struct_na_base_pair_step.i_auth_asym_id_2 
_ndb_struct_na_base_pair_step.i_auth_seq_id_2 
_ndb_struct_na_base_pair_step.i_PDB_ins_code_2 
_ndb_struct_na_base_pair_step.j_auth_asym_id_2 
_ndb_struct_na_base_pair_step.j_auth_seq_id_2 
_ndb_struct_na_base_pair_step.j_PDB_ins_code_2 
1 A DA 3  1_555 C DG 6 1_555 A DG 5  1_555 C DC 5 1_555 -0.807 -0.282 5.075 0.147  -7.871 54.914 0.413  0.882  5.066 -8.487 -0.159 
55.432 1  BB_DA9DG11:DC40DG41_DD  B 9  ? D 41 ? B 11 ? D 40 ? 
1 A DG 5  1_555 C DC 5 1_555 A DA 6  1_555 C DT 4 1_555 -1.594 -0.840 3.099 -4.667 -1.257 30.306 -1.343 2.104  3.332 -2.385 8.857 
30.680 2  BB_DG11DA12:DT39DC40_DD B 11 ? D 40 ? B 12 ? D 39 ? 
1 A DA 6  1_555 C DT 4 1_555 A DC 7  1_555 C DG 3 1_555 0.614  -1.416 3.479 7.490  -1.553 21.925 -2.924 1.348  3.579 -3.933 
-18.967 23.206 3  BB_DA12DC13:DG38DT39_DD B 12 ? D 39 ? B 13 ? D 38 ? 
1 A DC 7  1_555 C DG 3 1_555 A DA 8  1_555 C DT 2 1_555 -0.377 -1.066 3.124 -0.464 -5.261 48.502 -0.900 0.422  3.219 -6.382 0.563 
48.772 4  BB_DC13DA14:DT37DG38_DD B 13 ? D 38 ? B 14 ? D 37 ? 
1 A DA 8  1_555 C DT 2 1_555 A DC 9  1_555 C DG 1 1_555 0.615  -1.437 3.398 -7.531 -2.812 32.867 -2.000 -2.320 3.289 -4.879 13.068 
33.810 5  BB_DA14DC15:DG36DT37_DD B 14 ? D 37 ? B 15 ? D 36 ? 
1 A DC 9  1_555 C DG 1 1_555 A DT 10 1_555 D DA 6 1_555 -0.825 -1.994 3.093 4.899  -1.654 13.995 -6.377 7.039  2.853 -6.503 
-19.266 14.915 6  BB_DC15DT16:DA6DG36_AD  B 15 ? D 36 ? B 16 ? A 6  ? 
1 A DT 10 1_555 D DA 6 1_555 A DG 11 1_555 D DC 5 1_555 0.453  0.655  3.469 -3.218 9.559  52.210 0.076  -0.728 3.499 10.748 3.619 
53.108 7  BB_DT16DG17:DC5DA6_AA   B 16 ? A 6  ? B 17 ? A 5  ? 
1 A DG 11 1_555 D DC 5 1_555 A DA 12 1_555 D DT 4 1_555 -0.960 0.142  3.454 -1.996 1.872  44.260 0.003  1.076  3.495 2.482  2.646 
44.340 8  BB_DG17DA18:DT4DC5_AA   B 17 ? A 5  ? B 18 ? A 4  ? 
1 A DA 12 1_555 D DT 4 1_555 A DC 13 1_555 D DG 3 1_555 0.164  -1.498 3.341 -1.823 5.409  23.731 -5.182 -0.941 2.912 12.914 4.352 
24.398 9  BB_DA18DC19:DG3DT4_AA   B 18 ? A 4  ? B 19 ? A 3  ? 
1 A DC 13 1_555 D DG 3 1_555 A DG 14 1_555 D DC 2 1_555 -0.417 -1.209 3.048 -5.982 -5.474 33.579 -1.212 -0.199 3.224 -9.307 10.172 
34.517 10 BB_DC19DG20:DC2DG3_AA   B 19 ? A 3  ? B 20 ? A 2  ? 
1 A DG 14 1_555 D DC 2 1_555 A DT 15 1_555 D DA 1 1_555 0.281  -2.590 3.209 1.270  -3.270 21.960 -5.434 -0.231 3.562 -8.513 -3.308 
22.235 11 BB_DG20DT21:DA1DC2_AA   B 20 ? A 2  ? B 21 ? A 1  ? 
1 A DT 15 1_555 D DA 1 1_555 A DG 16 1_555 B DC 8 1_555 0.179  -1.329 2.763 0.743  -1.205 48.909 -1.527 -0.169 2.795 -1.455 -0.897 
48.929 12 BB_DT21DG22:DC35DA1_CA  B 21 ? A 1  ? B 22 ? C 35 ? 
1 A DG 16 1_555 B DC 8 1_555 A DG 17 1_555 B DC 7 1_555 -1.274 -0.034 3.543 -0.784 1.515  27.874 -0.463 2.436  3.570 3.141  1.626 
27.925 13 BB_DG22DG23:DC34DC35_CC B 22 ? C 35 ? B 23 ? C 34 ? 
1 A DG 17 1_555 B DC 7 1_555 A DA 18 1_555 B DT 6 1_555 -0.523 -0.664 3.456 3.271  6.580  39.578 -1.737 1.144  3.257 9.616  -4.781 
40.227 14 BB_DG23DA24:DT33DC34_CC B 23 ? C 34 ? B 24 ? C 33 ? 
1 A DA 18 1_555 B DT 6 1_555 A DC 19 1_555 B DG 5 1_555 0.562  -1.988 3.393 -2.024 4.232  16.677 -9.111 -3.065 2.720 14.229 6.804 
17.320 15 BB_DA24DC25:DG32DT33_CC B 24 ? C 33 ? B 25 ? C 32 ? 
1 A DC 19 1_555 B DG 5 1_555 A DT 20 1_555 B DA 4 1_555 -0.803 -1.305 3.231 3.359  0.396  37.038 -2.098 1.695  3.135 0.622  -5.275 
37.187 16 BB_DC25DT26:DA31DG32_CC B 25 ? C 32 ? B 26 ? C 31 ? 
1 A DT 20 1_555 B DA 4 1_555 A DC 21 1_555 B DG 3 1_555 1.002  0.076  3.173 2.466  -1.048 33.933 0.293  -1.326 3.232 -1.793 -4.217 
34.036 17 BB_DT26DC27:DG30DA31_CC B 26 ? C 31 ? B 27 ? C 30 ? 
# 
loop_
_pdbx_audit_support.funding_organization 
_pdbx_audit_support.country 
_pdbx_audit_support.grant_number 
_pdbx_audit_support.ordinal 
'National Science Foundation (NSF, United States)'                                         'United States' 1360635     1 
'National Institutes of Health/National Institute of General Medical Sciences (NIH/NIGMS)' 'United States' R01GM104960 2 
'National Science Foundation (NSF, United States)'                                         'United States' NSF2004250  3 
# 
_pdbx_initial_refinement_model.id               1 
_pdbx_initial_refinement_model.entity_id_list   ? 
_pdbx_initial_refinement_model.type             'experimental model' 
_pdbx_initial_refinement_model.source_name      PDB 
_pdbx_initial_refinement_model.accession_code   5VY6 
_pdbx_initial_refinement_model.details          ? 
# 
_pdbx_struct_assembly_auth_evidence.id                     1 
_pdbx_struct_assembly_auth_evidence.assembly_id            1 
_pdbx_struct_assembly_auth_evidence.experimental_support   none 
_pdbx_struct_assembly_auth_evidence.details                ? 
# 
